data_5NMG
#
_entry.id   5NMG
#
_cell.length_a   209.360
_cell.length_b   85.110
_cell.length_c   113.150
_cell.angle_alpha   90.00
_cell.angle_beta   90.00
_cell.angle_gamma   90.00
#
_symmetry.space_group_name_H-M   'P 21 21 2'
#
loop_
_entity.id
_entity.type
_entity.pdbx_description
1 polymer 'HLA class I histocompatibility antigen, A-2 alpha chain'
2 polymer Beta-2-microglobulin
3 polymer 'Gag protein'
4 polymer 'Human T-cell receptor alpha chain'
5 polymer 'Human T-cell Receptor beta chain'
6 non-polymer 1,2-ETHANEDIOL
7 non-polymer GLYCEROL
8 non-polymer 'SULFATE ION'
9 water water
#
loop_
_entity_poly.entity_id
_entity_poly.type
_entity_poly.pdbx_seq_one_letter_code
_entity_poly.pdbx_strand_id
1 'polypeptide(L)'
;GSHSMRYFFTSVSRPGRGEPRFIAVGYVDDTQFVRFDSDAASQRMEPRAPWIEQEGPEYWDGETRKVKAHSQTHRVDLGT
LRGYYNQSEAGSHTVQRMYGCDVGSDWRFLRGYHQYAYDGKDYIALKEDLRSWTAADMAAQTTKHKWEAAHVAEQLRAYL
EGTCVEWLRRYLENGKETLQRTDAPKTHMTHHAVSDHEATLRCWALSFYPAEITLTWQRDGEDQTQDTELVETRPAGDGT
FQKWAAVVVPSGQEQRYTCHVQHEGLPKPLTLRWEP
;
A,F
2 'polypeptide(L)'
;MIQRTPKIQVYSRHPAENGKSNFLNCYVSGFHPSDIEVDLLKNGERIEKVEHSDLSFSKDWSFYLLYYTEFTPTEKDEYA
CRVNHVTLSQPKIVKWDRDM
;
B,G
3 'polypeptide(L)' SLFNTIAVL C,H
4 'polypeptide(L)'
;KEVEQNSGPLSVPEGAIASLNCTYSDRGSQSFFWYRQYSGKSPELIMFIYSNGDKEDGRFTAQLNKASQYISLLIRDSKL
SDSATYLCAVRTNSGYALNFGKGTSLLVTPHIQKPDPAVYQLRDSKSSDKSVCLFTDFDSQTNVSQSKDSDVYITDKCVL
DMRSMDFKSNSAVAWSNKSDFACANAFNNSIIPEDTFFPS
;
D,I
5 'polypeptide(L)'
;DAGVTQSPTHLIKTRGQQVTLRCSPKQGHDTVSWYQQALGQGPQFIFQYYEEEERQRGNFPDRFSGHQFPNYSSELNVNA
LLLGDSALYLCASSDTVSYEQYFGPGTRLTVTEDLKNVFPPEVAVFEPSEAEISHTQKATLVCLATGFYPDHVELSWWVN
GKEVHSGVCTDPQPLKEQPALNDSRYALSSRLRVSATFWQDPRNHFRCQVQFYGLSENDEWTQDRAKPVTQIVSAEAWGR
AD
;
E,J
#
# COMPACT_ATOMS: atom_id res chain seq x y z
N GLY A 1 15.54 20.82 37.21
CA GLY A 1 14.82 19.88 38.10
C GLY A 1 13.58 19.37 37.41
N SER A 2 12.93 18.39 38.03
CA SER A 2 11.68 17.88 37.52
C SER A 2 10.52 18.85 37.69
N HIS A 3 9.51 18.64 36.84
CA HIS A 3 8.27 19.35 36.91
C HIS A 3 7.10 18.40 36.77
N SER A 4 5.95 18.84 37.29
CA SER A 4 4.74 18.10 37.21
C SER A 4 3.60 19.03 36.88
N MET A 5 2.58 18.48 36.19
CA MET A 5 1.33 19.18 36.02
C MET A 5 0.29 18.21 36.48
N ARG A 6 -0.62 18.68 37.34
CA ARG A 6 -1.53 17.76 38.05
C ARG A 6 -2.88 18.39 38.19
N TYR A 7 -3.90 17.65 37.79
CA TYR A 7 -5.28 18.10 38.00
C TYR A 7 -5.93 17.26 39.12
N PHE A 8 -6.62 17.93 40.02
CA PHE A 8 -7.35 17.33 41.17
C PHE A 8 -8.84 17.65 41.01
N PHE A 9 -9.69 16.66 41.23
CA PHE A 9 -11.14 16.87 41.08
C PHE A 9 -11.85 16.27 42.28
N THR A 10 -12.87 16.99 42.77
CA THR A 10 -13.69 16.52 43.89
C THR A 10 -15.15 16.77 43.56
N SER A 11 -15.97 15.74 43.69
CA SER A 11 -17.42 15.81 43.53
C SER A 11 -18.09 15.24 44.80
N VAL A 12 -19.05 15.95 45.39
CA VAL A 12 -19.73 15.55 46.60
C VAL A 12 -21.24 15.67 46.39
N SER A 13 -21.93 14.54 46.44
CA SER A 13 -23.42 14.53 46.39
C SER A 13 -24.02 15.19 47.58
N ARG A 14 -25.28 15.56 47.46
CA ARG A 14 -26.01 16.23 48.51
C ARG A 14 -27.50 15.99 48.20
N PRO A 15 -27.96 14.75 48.39
CA PRO A 15 -29.36 14.48 48.11
C PRO A 15 -30.26 15.50 48.80
N GLY A 16 -31.32 15.88 48.10
CA GLY A 16 -32.20 16.94 48.56
C GLY A 16 -31.87 18.35 48.12
N ARG A 17 -30.59 18.60 47.81
CA ARG A 17 -30.06 19.95 47.66
C ARG A 17 -29.60 20.26 46.23
N GLY A 18 -29.70 19.33 45.28
CA GLY A 18 -29.33 19.61 43.88
C GLY A 18 -28.25 18.73 43.31
N GLU A 19 -27.68 19.19 42.20
CA GLU A 19 -26.51 18.58 41.55
C GLU A 19 -25.36 18.52 42.61
N PRO A 20 -24.48 17.50 42.54
CA PRO A 20 -23.33 17.48 43.43
C PRO A 20 -22.41 18.67 43.31
N ARG A 21 -21.79 19.04 44.42
CA ARG A 21 -20.80 20.07 44.47
C ARG A 21 -19.53 19.51 43.84
N PHE A 22 -18.98 20.25 42.87
CA PHE A 22 -17.84 19.81 42.08
C PHE A 22 -16.75 20.88 42.08
N ILE A 23 -15.52 20.49 42.42
CA ILE A 23 -14.40 21.43 42.50
C ILE A 23 -13.18 20.87 41.78
N ALA A 24 -12.62 21.64 40.85
CA ALA A 24 -11.45 21.19 40.11
C ALA A 24 -10.35 22.23 40.22
N VAL A 25 -9.14 21.77 40.44
CA VAL A 25 -7.95 22.64 40.44
C VAL A 25 -6.80 22.04 39.62
N GLY A 26 -6.05 22.88 38.94
CA GLY A 26 -4.84 22.46 38.21
C GLY A 26 -3.62 23.06 38.86
N TYR A 27 -2.51 22.34 38.77
CA TYR A 27 -1.24 22.77 39.35
C TYR A 27 -0.15 22.51 38.31
N VAL A 28 0.87 23.36 38.35
CA VAL A 28 2.17 23.10 37.74
C VAL A 28 3.16 23.21 38.92
N ASP A 29 3.90 22.15 39.20
CA ASP A 29 4.62 21.98 40.42
C ASP A 29 3.62 22.26 41.58
N ASP A 30 4.08 23.02 42.57
CA ASP A 30 3.31 23.48 43.72
C ASP A 30 2.49 24.77 43.51
N THR A 31 2.28 25.17 42.25
CA THR A 31 1.58 26.41 41.91
C THR A 31 0.24 26.17 41.17
N GLN A 32 -0.83 26.61 41.82
CA GLN A 32 -2.18 26.55 41.24
C GLN A 32 -2.29 27.48 40.07
N PHE A 33 -2.81 27.00 38.94
CA PHE A 33 -3.00 27.87 37.79
C PHE A 33 -4.41 27.93 37.25
N VAL A 34 -5.30 27.10 37.73
CA VAL A 34 -6.61 27.01 37.19
C VAL A 34 -7.58 26.47 38.23
N ARG A 35 -8.84 26.81 38.08
CA ARG A 35 -9.88 26.53 39.06
C ARG A 35 -11.23 26.41 38.36
N PHE A 36 -12.07 25.46 38.80
CA PHE A 36 -13.50 25.43 38.47
C PHE A 36 -14.30 25.02 39.66
N ASP A 37 -15.30 25.82 39.99
CA ASP A 37 -16.19 25.50 41.08
C ASP A 37 -17.62 25.49 40.53
N SER A 38 -18.35 24.40 40.79
CA SER A 38 -19.69 24.22 40.23
C SER A 38 -20.75 25.17 40.81
N ASP A 39 -20.50 25.76 41.99
CA ASP A 39 -21.47 26.70 42.59
C ASP A 39 -21.12 28.17 42.27
N ALA A 40 -20.09 28.43 41.47
CA ALA A 40 -19.68 29.80 41.25
C ALA A 40 -20.55 30.40 40.15
N ALA A 41 -20.62 31.70 40.09
CA ALA A 41 -21.38 32.44 39.07
C ALA A 41 -21.07 31.98 37.61
N SER A 42 -19.80 32.12 37.23
CA SER A 42 -19.39 32.11 35.81
C SER A 42 -19.70 30.85 35.03
N GLN A 43 -19.64 29.69 35.67
CA GLN A 43 -19.68 28.39 35.01
C GLN A 43 -18.61 28.21 33.96
N ARG A 44 -17.41 28.70 34.28
CA ARG A 44 -16.24 28.62 33.43
C ARG A 44 -15.03 28.16 34.20
N MET A 45 -14.04 27.62 33.49
CA MET A 45 -12.72 27.38 34.05
C MET A 45 -12.08 28.75 34.21
N GLU A 46 -11.53 29.01 35.38
CA GLU A 46 -11.04 30.35 35.76
C GLU A 46 -9.53 30.34 36.01
N PRO A 47 -8.86 31.42 35.62
CA PRO A 47 -7.43 31.56 35.83
C PRO A 47 -7.07 31.88 37.28
N ARG A 48 -5.99 31.28 37.74
CA ARG A 48 -5.44 31.48 39.12
C ARG A 48 -3.93 31.73 39.20
N ALA A 49 -3.26 31.86 38.05
CA ALA A 49 -1.89 32.33 37.96
C ALA A 49 -1.79 33.44 36.87
N PRO A 50 -0.86 34.39 37.02
CA PRO A 50 -0.66 35.41 35.95
C PRO A 50 -0.33 34.86 34.57
N TRP A 51 0.41 33.78 34.51
CA TRP A 51 0.88 33.24 33.24
C TRP A 51 -0.16 32.52 32.40
N ILE A 52 -1.27 32.09 33.00
CA ILE A 52 -2.35 31.46 32.23
C ILE A 52 -3.31 32.50 31.64
N GLU A 53 -3.30 33.72 32.17
CA GLU A 53 -4.21 34.76 31.68
C GLU A 53 -3.96 35.05 30.22
N GLN A 54 -2.75 34.76 29.73
CA GLN A 54 -2.38 34.98 28.32
C GLN A 54 -3.14 34.12 27.32
N GLU A 55 -3.62 32.95 27.74
CA GLU A 55 -4.39 32.07 26.85
C GLU A 55 -5.67 32.77 26.43
N GLY A 56 -6.06 32.54 25.15
CA GLY A 56 -7.26 33.17 24.56
C GLY A 56 -8.55 32.39 24.75
N PRO A 57 -9.68 32.94 24.26
CA PRO A 57 -10.99 32.32 24.42
C PRO A 57 -11.08 30.92 23.89
N GLU A 58 -10.40 30.57 22.82
CA GLU A 58 -10.46 29.16 22.35
C GLU A 58 -9.97 28.18 23.44
N TYR A 59 -9.00 28.55 24.26
CA TYR A 59 -8.51 27.72 25.38
C TYR A 59 -9.55 27.60 26.51
N TRP A 60 -10.13 28.71 26.96
CA TRP A 60 -11.10 28.68 28.06
C TRP A 60 -12.38 27.94 27.67
N ASP A 61 -12.77 28.04 26.41
CA ASP A 61 -13.89 27.28 25.90
C ASP A 61 -13.61 25.79 26.03
N GLY A 62 -12.41 25.36 25.66
CA GLY A 62 -12.05 23.98 25.64
C GLY A 62 -11.94 23.49 27.03
N GLU A 63 -11.22 24.24 27.87
CA GLU A 63 -11.10 23.91 29.27
C GLU A 63 -12.47 23.97 29.98
N THR A 64 -13.37 24.86 29.61
CA THR A 64 -14.71 24.85 30.22
C THR A 64 -15.56 23.62 29.78
N ARG A 65 -15.53 23.30 28.51
CA ARG A 65 -16.12 22.10 27.93
C ARG A 65 -15.69 20.80 28.66
N LYS A 66 -14.39 20.64 28.83
CA LYS A 66 -13.87 19.41 29.36
C LYS A 66 -14.11 19.32 30.85
N VAL A 67 -13.90 20.41 31.58
CA VAL A 67 -14.10 20.41 33.02
C VAL A 67 -15.56 20.02 33.31
N LYS A 68 -16.49 20.55 32.54
CA LYS A 68 -17.92 20.20 32.67
C LYS A 68 -18.15 18.73 32.43
N ALA A 69 -17.43 18.16 31.46
CA ALA A 69 -17.53 16.76 31.16
C ALA A 69 -17.01 15.91 32.31
N HIS A 70 -15.90 16.28 32.93
CA HIS A 70 -15.42 15.63 34.16
C HIS A 70 -16.48 15.67 35.27
N SER A 71 -17.15 16.81 35.44
CA SER A 71 -18.17 16.95 36.50
C SER A 71 -19.38 16.06 36.20
N GLN A 72 -19.74 15.96 34.93
CA GLN A 72 -20.79 15.03 34.53
C GLN A 72 -20.39 13.58 34.65
N THR A 73 -19.12 13.26 34.41
CA THR A 73 -18.72 11.87 34.65
C THR A 73 -18.73 11.48 36.13
N HIS A 74 -18.35 12.42 37.00
CA HIS A 74 -18.49 12.21 38.43
C HIS A 74 -19.93 12.07 38.93
N ARG A 75 -20.84 12.86 38.38
CA ARG A 75 -22.28 12.78 38.71
C ARG A 75 -22.76 11.37 38.49
N VAL A 76 -22.40 10.80 37.34
CA VAL A 76 -22.80 9.45 37.01
C VAL A 76 -22.09 8.49 37.92
N ASP A 77 -20.77 8.65 38.08
CA ASP A 77 -19.97 7.74 38.92
C ASP A 77 -20.56 7.64 40.34
N LEU A 78 -21.05 8.76 40.88
CA LEU A 78 -21.68 8.73 42.18
C LEU A 78 -22.89 7.78 42.18
N GLY A 79 -23.73 7.91 41.18
CA GLY A 79 -24.89 7.07 41.04
C GLY A 79 -24.57 5.59 40.91
N THR A 80 -23.61 5.30 40.06
CA THR A 80 -23.17 3.93 39.80
C THR A 80 -22.59 3.25 41.00
N LEU A 81 -21.67 3.93 41.67
CA LEU A 81 -21.09 3.47 42.94
C LEU A 81 -22.14 3.27 44.03
N ARG A 82 -23.09 4.19 44.14
CA ARG A 82 -24.26 4.04 45.05
C ARG A 82 -25.01 2.74 44.88
N GLY A 83 -25.21 2.36 43.62
CA GLY A 83 -25.81 1.11 43.24
C GLY A 83 -24.96 -0.09 43.57
N TYR A 84 -23.69 -0.09 43.18
CA TYR A 84 -22.81 -1.25 43.40
C TYR A 84 -22.67 -1.54 44.89
N TYR A 85 -22.64 -0.51 45.74
CA TYR A 85 -22.42 -0.70 47.19
C TYR A 85 -23.78 -0.71 48.00
N ASN A 86 -24.91 -0.64 47.29
CA ASN A 86 -26.25 -0.66 47.89
C ASN A 86 -26.48 0.33 49.02
N GLN A 87 -26.19 1.59 48.75
CA GLN A 87 -26.29 2.67 49.74
C GLN A 87 -27.48 3.51 49.37
N SER A 88 -27.98 4.23 50.38
CA SER A 88 -29.24 4.98 50.28
C SER A 88 -29.13 6.34 49.63
N GLU A 89 -30.15 6.71 48.87
CA GLU A 89 -30.29 8.00 48.18
C GLU A 89 -30.04 9.20 49.07
N ALA A 90 -30.25 9.06 50.38
CA ALA A 90 -30.17 10.17 51.35
C ALA A 90 -28.74 10.51 51.85
N GLY A 91 -27.89 9.50 51.98
CA GLY A 91 -26.52 9.71 52.41
C GLY A 91 -25.71 10.46 51.39
N SER A 92 -24.66 11.09 51.87
CA SER A 92 -23.82 11.94 51.03
C SER A 92 -22.38 11.37 50.90
N HIS A 93 -21.95 11.21 49.65
CA HIS A 93 -20.72 10.55 49.33
C HIS A 93 -19.86 11.41 48.42
N THR A 94 -18.60 11.00 48.30
CA THR A 94 -17.53 11.76 47.62
C THR A 94 -16.78 10.84 46.59
N VAL A 95 -16.52 11.40 45.40
CA VAL A 95 -15.48 10.88 44.51
C VAL A 95 -14.31 11.87 44.41
N GLN A 96 -13.10 11.34 44.27
CA GLN A 96 -11.94 12.16 44.04
C GLN A 96 -11.11 11.57 42.91
N ARG A 97 -10.61 12.41 42.03
CA ARG A 97 -9.77 11.96 40.94
C ARG A 97 -8.55 12.86 40.90
N MET A 98 -7.40 12.27 40.66
CA MET A 98 -6.21 13.02 40.40
C MET A 98 -5.48 12.33 39.26
N TYR A 99 -5.10 13.12 38.25
CA TYR A 99 -4.18 12.64 37.22
C TYR A 99 -3.13 13.66 36.82
N GLY A 100 -2.08 13.24 36.13
CA GLY A 100 -1.13 14.16 35.51
C GLY A 100 0.19 13.56 35.07
N CYS A 101 1.17 14.44 34.91
CA CYS A 101 2.43 14.25 34.21
C CYS A 101 3.59 14.58 35.08
N ASP A 102 4.68 13.83 34.94
CA ASP A 102 5.98 14.31 35.38
C ASP A 102 6.94 14.34 34.18
N VAL A 103 7.92 15.26 34.27
CA VAL A 103 9.02 15.38 33.35
C VAL A 103 10.32 15.61 34.10
N GLY A 104 11.45 15.14 33.55
CA GLY A 104 12.81 15.37 34.08
C GLY A 104 13.34 16.78 33.85
N SER A 105 14.66 16.93 33.97
CA SER A 105 15.38 18.21 33.74
C SER A 105 15.31 18.60 32.28
N ASP A 106 15.54 17.59 31.42
CA ASP A 106 15.37 17.70 29.97
C ASP A 106 13.95 18.07 29.47
N TRP A 107 12.96 18.12 30.35
CA TRP A 107 11.55 18.31 29.99
C TRP A 107 10.93 17.19 29.16
N ARG A 108 11.54 16.00 29.16
CA ARG A 108 10.98 14.82 28.49
C ARG A 108 10.10 14.07 29.50
N PHE A 109 9.15 13.30 28.98
CA PHE A 109 8.23 12.50 29.77
C PHE A 109 8.99 11.57 30.74
N LEU A 110 8.46 11.43 31.96
CA LEU A 110 9.10 10.65 33.03
C LEU A 110 8.16 9.57 33.55
N ARG A 111 6.98 10.01 34.03
CA ARG A 111 5.90 9.12 34.44
C ARG A 111 4.55 9.84 34.25
N GLY A 112 3.47 9.08 34.18
CA GLY A 112 2.10 9.57 34.12
C GLY A 112 1.29 8.83 35.17
N TYR A 113 0.11 9.29 35.54
CA TYR A 113 -0.65 8.61 36.60
C TYR A 113 -2.12 9.11 36.68
N HIS A 114 -3.02 8.24 37.13
CA HIS A 114 -4.43 8.57 37.27
C HIS A 114 -4.96 7.69 38.37
N GLN A 115 -5.41 8.32 39.45
CA GLN A 115 -5.92 7.66 40.63
C GLN A 115 -7.34 8.12 40.88
N TYR A 116 -8.10 7.28 41.57
CA TYR A 116 -9.51 7.49 41.78
C TYR A 116 -9.97 6.88 43.10
N ALA A 117 -10.80 7.63 43.83
CA ALA A 117 -11.25 7.21 45.13
C ALA A 117 -12.72 7.52 45.35
N TYR A 118 -13.39 6.60 46.06
CA TYR A 118 -14.76 6.75 46.49
C TYR A 118 -14.72 6.76 48.01
N ASP A 119 -15.28 7.83 48.59
CA ASP A 119 -15.32 8.07 50.02
C ASP A 119 -13.93 7.95 50.68
N GLY A 120 -12.90 8.48 50.03
CA GLY A 120 -11.56 8.51 50.64
C GLY A 120 -10.73 7.23 50.55
N LYS A 121 -11.30 6.16 50.02
CA LYS A 121 -10.61 4.88 49.86
C LYS A 121 -10.35 4.73 48.38
N ASP A 122 -9.19 4.17 48.04
CA ASP A 122 -8.85 3.90 46.66
C ASP A 122 -9.90 3.00 46.02
N TYR A 123 -10.17 3.26 44.75
CA TYR A 123 -11.11 2.46 44.02
C TYR A 123 -10.35 1.80 42.87
N ILE A 124 -9.75 2.62 42.01
CA ILE A 124 -8.98 2.15 40.88
C ILE A 124 -7.88 3.19 40.51
N ALA A 125 -6.74 2.68 40.06
CA ALA A 125 -5.64 3.49 39.58
C ALA A 125 -4.99 2.81 38.39
N LEU A 126 -4.34 3.60 37.57
CA LEU A 126 -3.54 3.12 36.47
C LEU A 126 -2.17 2.78 36.93
N LYS A 127 -1.60 1.69 36.46
CA LYS A 127 -0.26 1.25 36.90
C LYS A 127 0.81 2.09 36.24
N GLU A 128 2.06 1.95 36.71
CA GLU A 128 3.19 2.72 36.16
C GLU A 128 3.33 2.58 34.63
N ASP A 129 3.03 1.40 34.08
CA ASP A 129 3.19 1.16 32.64
C ASP A 129 2.13 1.88 31.78
N LEU A 130 1.16 2.50 32.46
CA LEU A 130 -0.02 3.12 31.86
C LEU A 130 -0.82 2.23 30.88
N ARG A 131 -0.81 0.91 31.09
CA ARG A 131 -1.52 -0.04 30.24
C ARG A 131 -2.59 -0.93 30.94
N SER A 132 -2.67 -0.86 32.24
CA SER A 132 -3.53 -1.75 32.98
C SER A 132 -3.86 -1.12 34.31
N TRP A 133 -4.98 -1.55 34.90
CA TRP A 133 -5.50 -0.94 36.11
C TRP A 133 -5.33 -1.84 37.31
N THR A 134 -5.13 -1.20 38.47
CA THR A 134 -5.11 -1.87 39.78
C THR A 134 -6.44 -1.59 40.44
N ALA A 135 -7.09 -2.62 40.95
CA ALA A 135 -8.51 -2.47 41.32
C ALA A 135 -8.76 -2.84 42.78
N ALA A 136 -9.40 -1.94 43.53
CA ALA A 136 -9.58 -2.12 44.97
C ALA A 136 -10.37 -3.35 45.36
N ASP A 137 -11.61 -3.51 44.88
CA ASP A 137 -12.55 -4.54 45.35
C ASP A 137 -13.27 -5.10 44.17
N MET A 138 -14.30 -5.91 44.40
CA MET A 138 -15.07 -6.52 43.29
C MET A 138 -15.76 -5.50 42.38
N ALA A 139 -16.04 -4.30 42.90
CA ALA A 139 -16.65 -3.22 42.14
C ALA A 139 -15.66 -2.55 41.16
N ALA A 140 -14.44 -2.37 41.62
CA ALA A 140 -13.34 -1.92 40.79
C ALA A 140 -12.96 -2.92 39.72
N GLN A 141 -13.02 -4.23 40.01
CA GLN A 141 -12.74 -5.26 39.00
C GLN A 141 -13.76 -5.12 37.89
N THR A 142 -15.02 -4.82 38.23
CA THR A 142 -16.08 -4.68 37.24
C THR A 142 -15.67 -3.54 36.31
N THR A 143 -15.42 -2.36 36.86
CA THR A 143 -14.97 -1.22 36.12
C THR A 143 -13.72 -1.46 35.25
N LYS A 144 -12.78 -2.24 35.79
CA LYS A 144 -11.56 -2.56 35.02
C LYS A 144 -11.81 -3.44 33.79
N HIS A 145 -12.74 -4.39 33.89
CA HIS A 145 -13.09 -5.26 32.74
C HIS A 145 -13.79 -4.44 31.64
N LYS A 146 -14.55 -3.43 32.09
CA LYS A 146 -15.30 -2.55 31.20
C LYS A 146 -14.34 -1.59 30.46
N TRP A 147 -13.42 -0.99 31.21
CA TRP A 147 -12.38 -0.14 30.66
C TRP A 147 -11.38 -0.87 29.79
N GLU A 148 -11.08 -2.13 30.09
CA GLU A 148 -10.28 -2.95 29.18
C GLU A 148 -10.96 -3.06 27.84
N ALA A 149 -12.23 -3.50 27.87
CA ALA A 149 -13.07 -3.63 26.67
C ALA A 149 -13.13 -2.32 25.86
N ALA A 150 -13.25 -1.18 26.52
CA ALA A 150 -13.37 0.11 25.85
C ALA A 150 -12.04 0.90 25.55
N HIS A 151 -10.87 0.29 25.80
CA HIS A 151 -9.54 0.84 25.43
C HIS A 151 -9.35 2.18 26.08
N VAL A 152 -9.73 2.27 27.34
CA VAL A 152 -9.73 3.51 28.10
C VAL A 152 -8.29 3.87 28.42
N ALA A 153 -7.54 2.95 28.98
CA ALA A 153 -6.13 3.22 29.33
C ALA A 153 -5.30 3.76 28.13
N GLU A 154 -5.53 3.18 26.94
CA GLU A 154 -4.81 3.56 25.75
C GLU A 154 -5.11 5.03 25.41
N GLN A 155 -6.38 5.44 25.53
CA GLN A 155 -6.74 6.82 25.28
C GLN A 155 -6.08 7.75 26.24
N LEU A 156 -6.08 7.39 27.50
CA LEU A 156 -5.46 8.16 28.59
C LEU A 156 -3.92 8.21 28.51
N ARG A 157 -3.25 7.08 28.27
CA ARG A 157 -1.81 7.06 27.93
C ARG A 157 -1.41 8.09 26.86
N ALA A 158 -2.20 8.21 25.81
CA ALA A 158 -1.90 9.12 24.69
C ALA A 158 -1.79 10.52 25.22
N TYR A 159 -2.77 10.86 26.04
CA TYR A 159 -2.79 12.11 26.73
C TYR A 159 -1.63 12.27 27.67
N LEU A 160 -1.36 11.27 28.50
CA LEU A 160 -0.40 11.41 29.60
C LEU A 160 1.02 11.61 29.08
N GLU A 161 1.44 10.75 28.15
CA GLU A 161 2.68 10.94 27.35
C GLU A 161 2.24 12.06 26.42
N GLY A 162 2.97 12.54 25.44
CA GLY A 162 2.20 13.43 24.50
C GLY A 162 1.54 14.70 25.07
N THR A 163 0.22 14.82 24.96
CA THR A 163 -0.49 16.11 25.19
C THR A 163 -0.20 16.79 26.54
N CYS A 164 -0.39 16.05 27.62
CA CYS A 164 -0.16 16.55 28.97
C CYS A 164 1.23 17.17 29.10
N VAL A 165 2.23 16.48 28.61
CA VAL A 165 3.62 16.94 28.65
C VAL A 165 3.83 18.21 27.85
N GLU A 166 3.25 18.27 26.65
CA GLU A 166 3.41 19.43 25.78
C GLU A 166 2.85 20.68 26.41
N TRP A 167 1.68 20.59 27.05
CA TRP A 167 1.12 21.72 27.77
C TRP A 167 1.98 22.13 28.97
N LEU A 168 2.47 21.14 29.71
CA LEU A 168 3.38 21.40 30.80
C LEU A 168 4.63 22.14 30.32
N ARG A 169 5.16 21.77 29.15
CA ARG A 169 6.27 22.51 28.55
C ARG A 169 5.92 23.95 28.23
N ARG A 170 4.74 24.18 27.67
CA ARG A 170 4.27 25.51 27.34
C ARG A 170 4.00 26.39 28.59
N TYR A 171 3.39 25.80 29.62
CA TYR A 171 3.14 26.54 30.83
C TYR A 171 4.48 26.92 31.49
N LEU A 172 5.47 26.03 31.44
CA LEU A 172 6.77 26.31 32.01
C LEU A 172 7.51 27.43 31.29
N GLU A 173 7.33 27.59 29.98
CA GLU A 173 7.95 28.69 29.24
C GLU A 173 7.21 30.01 29.45
N ASN A 174 5.91 30.01 29.26
CA ASN A 174 5.12 31.22 29.46
C ASN A 174 5.30 31.76 30.86
N GLY A 175 5.36 30.86 31.85
CA GLY A 175 5.42 31.22 33.28
C GLY A 175 6.81 31.10 33.87
N LYS A 176 7.82 31.39 33.05
CA LYS A 176 9.21 31.07 33.35
C LYS A 176 9.60 31.74 34.63
N GLU A 177 9.23 33.02 34.83
CA GLU A 177 9.77 33.81 35.96
C GLU A 177 9.25 33.37 37.33
N THR A 178 8.08 32.71 37.39
CA THR A 178 7.63 32.13 38.66
C THR A 178 7.88 30.62 38.75
N LEU A 179 7.47 29.87 37.73
CA LEU A 179 7.68 28.42 37.72
C LEU A 179 9.13 27.93 37.73
N GLN A 180 10.01 28.57 37.00
CA GLN A 180 11.41 28.12 36.99
C GLN A 180 12.32 28.69 38.09
N ARG A 181 11.78 29.59 38.90
CA ARG A 181 12.47 30.17 40.08
C ARG A 181 12.40 29.21 41.27
N THR A 182 13.48 29.17 42.00
CA THR A 182 13.60 28.30 43.14
C THR A 182 14.05 29.27 44.26
N ASP A 183 13.23 29.41 45.30
CA ASP A 183 13.54 30.24 46.47
C ASP A 183 14.08 29.36 47.57
N ALA A 184 15.35 29.57 47.92
CA ALA A 184 15.97 28.87 49.05
C ALA A 184 15.41 29.37 50.38
N PRO A 185 15.36 28.49 51.40
CA PRO A 185 14.77 28.88 52.68
C PRO A 185 15.62 29.87 53.44
N LYS A 186 15.00 30.92 53.95
CA LYS A 186 15.59 31.80 54.95
C LYS A 186 15.41 31.10 56.30
N THR A 187 16.53 30.87 56.98
CA THR A 187 16.55 30.02 58.14
C THR A 187 16.80 30.84 59.42
N HIS A 188 16.33 30.32 60.53
CA HIS A 188 16.66 30.78 61.88
C HIS A 188 16.26 29.73 62.94
N MET A 189 16.65 30.03 64.18
CA MET A 189 16.55 29.13 65.30
C MET A 189 16.16 29.91 66.54
N THR A 190 15.48 29.23 67.43
CA THR A 190 14.74 29.84 68.51
C THR A 190 14.92 28.93 69.73
N HIS A 191 14.84 29.51 70.93
CA HIS A 191 15.18 28.84 72.17
C HIS A 191 14.20 29.30 73.23
N HIS A 192 13.51 28.34 73.85
CA HIS A 192 12.54 28.61 74.91
C HIS A 192 12.85 27.74 76.15
N ALA A 193 12.98 28.35 77.32
CA ALA A 193 13.07 27.59 78.57
C ALA A 193 11.71 26.90 78.89
N VAL A 194 11.74 25.57 78.99
CA VAL A 194 10.69 24.77 79.66
C VAL A 194 11.02 24.59 81.16
N SER A 195 10.62 25.52 82.03
CA SER A 195 10.88 25.36 83.48
C SER A 195 12.38 24.99 83.75
N ASP A 196 12.69 24.10 84.71
CA ASP A 196 14.07 23.67 85.02
C ASP A 196 14.61 22.72 83.96
N HIS A 197 15.94 22.49 83.96
CA HIS A 197 16.61 21.33 83.33
C HIS A 197 16.43 21.08 81.79
N GLU A 198 15.51 21.71 81.08
CA GLU A 198 15.25 21.41 79.65
C GLU A 198 14.93 22.66 78.80
N ALA A 199 15.34 22.68 77.54
CA ALA A 199 14.96 23.79 76.63
C ALA A 199 14.52 23.29 75.29
N THR A 200 13.58 24.00 74.65
CA THR A 200 13.22 23.71 73.23
C THR A 200 14.10 24.49 72.30
N LEU A 201 14.60 23.84 71.26
CA LEU A 201 15.32 24.50 70.18
C LEU A 201 14.45 24.28 68.95
N ARG A 202 14.00 25.37 68.34
CA ARG A 202 13.12 25.24 67.18
C ARG A 202 13.84 25.84 66.00
N CYS A 203 13.86 25.07 64.90
CA CYS A 203 14.60 25.34 63.69
C CYS A 203 13.62 25.66 62.56
N TRP A 204 13.77 26.83 61.94
CA TRP A 204 12.78 27.36 61.00
C TRP A 204 13.28 27.47 59.56
N ALA A 205 12.44 27.08 58.62
CA ALA A 205 12.61 27.43 57.21
C ALA A 205 11.37 28.19 56.74
N LEU A 206 11.59 29.41 56.23
CA LEU A 206 10.50 30.31 55.82
C LEU A 206 10.77 30.74 54.38
N SER A 207 9.73 31.21 53.68
CA SER A 207 9.90 31.79 52.33
C SER A 207 10.55 30.93 51.25
N PHE A 208 10.41 29.62 51.31
CA PHE A 208 10.97 28.71 50.25
C PHE A 208 9.99 28.21 49.18
N TYR A 209 10.54 27.82 48.03
CA TYR A 209 9.79 27.19 46.93
C TYR A 209 10.75 26.33 46.08
N PRO A 210 10.40 25.12 45.67
CA PRO A 210 9.13 24.47 45.90
C PRO A 210 8.97 23.91 47.36
N ALA A 211 7.90 23.20 47.65
CA ALA A 211 7.59 22.79 49.01
C ALA A 211 8.42 21.68 49.58
N GLU A 212 9.04 20.88 48.72
CA GLU A 212 9.93 19.84 49.17
C GLU A 212 11.08 20.40 50.00
N ILE A 213 11.37 19.74 51.10
CA ILE A 213 12.39 20.14 52.06
C ILE A 213 12.61 18.98 53.02
N THR A 214 13.83 18.84 53.52
CA THR A 214 14.00 18.00 54.72
C THR A 214 14.69 18.83 55.81
N LEU A 215 14.07 18.79 56.99
CA LEU A 215 14.58 19.37 58.23
C LEU A 215 14.82 18.26 59.26
N THR A 216 16.06 18.08 59.67
CA THR A 216 16.44 17.08 60.70
C THR A 216 17.33 17.70 61.82
N TRP A 217 17.24 17.13 63.02
CA TRP A 217 18.11 17.47 64.12
C TRP A 217 19.03 16.29 64.38
N GLN A 218 20.27 16.60 64.75
CA GLN A 218 21.22 15.59 65.23
C GLN A 218 21.78 16.03 66.58
N ARG A 219 22.00 15.08 67.50
CA ARG A 219 22.87 15.31 68.67
C ARG A 219 24.15 14.59 68.40
N ASP A 220 25.25 15.35 68.46
CA ASP A 220 26.60 14.83 68.25
C ASP A 220 26.69 14.01 66.93
N GLY A 221 26.13 14.54 65.86
CA GLY A 221 26.10 13.84 64.55
C GLY A 221 24.99 12.80 64.32
N GLU A 222 24.47 12.18 65.40
CA GLU A 222 23.53 11.04 65.32
C GLU A 222 22.08 11.55 65.28
N ASP A 223 21.36 11.19 64.21
CA ASP A 223 19.96 11.56 63.96
C ASP A 223 18.94 11.30 65.07
N GLN A 224 18.06 12.27 65.28
CA GLN A 224 17.09 12.25 66.37
C GLN A 224 15.70 11.89 65.91
N THR A 225 15.57 11.03 64.91
CA THR A 225 14.26 10.68 64.33
C THR A 225 13.06 10.63 65.30
N GLN A 226 13.23 9.82 66.35
CA GLN A 226 12.23 9.69 67.44
C GLN A 226 11.88 11.00 68.13
N ASP A 227 12.85 11.67 68.76
CA ASP A 227 12.70 12.91 69.51
C ASP A 227 12.23 14.22 68.86
N THR A 228 12.22 14.31 67.54
CA THR A 228 11.95 15.64 66.91
C THR A 228 10.45 15.84 66.58
N GLU A 229 9.90 16.96 67.03
CA GLU A 229 8.60 17.45 66.63
C GLU A 229 8.75 18.13 65.25
N LEU A 230 8.03 17.65 64.26
CA LEU A 230 7.92 18.32 62.96
C LEU A 230 6.50 18.82 62.75
N VAL A 231 6.38 19.85 61.97
CA VAL A 231 5.11 20.39 61.61
C VAL A 231 4.97 20.09 60.13
N GLU A 232 3.77 19.85 59.62
CA GLU A 232 3.59 19.63 58.17
C GLU A 232 4.04 20.85 57.41
N THR A 233 4.72 20.67 56.27
CA THR A 233 5.10 21.84 55.48
C THR A 233 3.81 22.57 55.04
N ARG A 234 3.81 23.90 55.10
CA ARG A 234 2.56 24.71 55.13
C ARG A 234 2.69 25.95 54.26
N PRO A 235 1.60 26.33 53.55
CA PRO A 235 1.68 27.51 52.69
C PRO A 235 1.69 28.83 53.46
N ALA A 236 2.54 29.76 53.03
CA ALA A 236 2.59 31.10 53.63
C ALA A 236 1.52 32.00 53.08
N GLY A 237 1.02 31.68 51.88
CA GLY A 237 -0.07 32.46 51.28
C GLY A 237 0.38 33.30 50.12
N ASP A 238 1.70 33.40 49.90
CA ASP A 238 2.32 34.23 48.86
C ASP A 238 3.11 33.39 47.84
N GLY A 239 2.74 32.17 47.60
CA GLY A 239 3.51 31.34 46.69
C GLY A 239 4.66 30.56 47.31
N THR A 240 4.86 30.74 48.61
CA THR A 240 6.05 30.25 49.28
C THR A 240 5.60 29.39 50.48
N PHE A 241 6.52 28.65 51.08
CA PHE A 241 6.15 27.62 52.08
C PHE A 241 6.94 27.78 53.41
N GLN A 242 6.39 27.27 54.50
CA GLN A 242 7.03 27.38 55.81
C GLN A 242 7.12 25.98 56.45
N LYS A 243 8.11 25.78 57.30
CA LYS A 243 8.23 24.53 58.06
C LYS A 243 9.13 24.74 59.25
N TRP A 244 8.89 23.98 60.30
CA TRP A 244 9.80 23.94 61.41
C TRP A 244 9.95 22.56 62.07
N ALA A 245 11.09 22.42 62.74
CA ALA A 245 11.45 21.23 63.51
C ALA A 245 11.90 21.60 64.93
N ALA A 246 11.22 21.07 65.96
CA ALA A 246 11.61 21.37 67.36
C ALA A 246 12.24 20.14 68.00
N VAL A 247 13.11 20.40 68.98
CA VAL A 247 13.65 19.37 69.86
C VAL A 247 13.85 19.91 71.26
N VAL A 248 13.53 19.06 72.21
CA VAL A 248 13.80 19.32 73.63
C VAL A 248 15.15 18.71 74.00
N VAL A 249 15.87 19.42 74.86
CA VAL A 249 17.29 19.26 75.04
C VAL A 249 17.59 19.62 76.49
N PRO A 250 18.54 18.92 77.11
CA PRO A 250 18.93 19.33 78.46
C PRO A 250 19.73 20.65 78.47
N SER A 251 19.42 21.50 79.45
CA SER A 251 20.03 22.83 79.67
C SER A 251 21.53 22.82 79.65
N GLY A 252 22.09 23.82 78.96
CA GLY A 252 23.52 23.97 78.80
C GLY A 252 24.18 22.83 78.05
N GLN A 253 23.40 22.09 77.24
CA GLN A 253 23.93 20.97 76.47
C GLN A 253 23.43 21.14 75.01
N GLU A 254 23.40 22.38 74.56
CA GLU A 254 22.65 22.79 73.39
C GLU A 254 23.55 22.93 72.19
N GLN A 255 24.86 22.87 72.44
CA GLN A 255 25.91 23.05 71.41
C GLN A 255 26.10 21.72 70.67
N ARG A 256 25.83 20.63 71.38
CA ARG A 256 25.75 19.26 70.83
C ARG A 256 24.75 19.11 69.68
N TYR A 257 23.70 19.95 69.68
CA TYR A 257 22.59 19.83 68.73
C TYR A 257 22.76 20.74 67.52
N THR A 258 22.47 20.17 66.36
CA THR A 258 22.69 20.82 65.10
C THR A 258 21.50 20.53 64.18
N CYS A 259 21.00 21.57 63.50
CA CYS A 259 19.84 21.45 62.59
C CYS A 259 20.33 21.39 61.16
N HIS A 260 19.81 20.42 60.40
CA HIS A 260 20.22 20.18 59.02
C HIS A 260 19.07 20.52 58.06
N VAL A 261 19.34 21.39 57.07
CA VAL A 261 18.33 21.89 56.15
C VAL A 261 18.66 21.54 54.70
N GLN A 262 17.88 20.65 54.10
CA GLN A 262 18.04 20.28 52.69
C GLN A 262 16.92 20.83 51.78
N HIS A 263 17.31 21.51 50.70
CA HIS A 263 16.35 22.12 49.71
C HIS A 263 16.97 22.24 48.30
N GLU A 264 16.16 22.13 47.26
CA GLU A 264 16.61 22.26 45.84
C GLU A 264 17.38 23.57 45.61
N GLY A 265 16.86 24.66 46.18
CA GLY A 265 17.47 25.98 46.11
C GLY A 265 18.67 26.34 46.95
N LEU A 266 19.15 25.42 47.78
CA LEU A 266 20.42 25.58 48.49
C LEU A 266 21.57 24.94 47.72
N PRO A 267 22.70 25.66 47.51
CA PRO A 267 23.84 24.98 46.86
C PRO A 267 24.23 23.66 47.59
N LYS A 268 24.39 23.75 48.92
CA LYS A 268 24.79 22.61 49.75
C LYS A 268 23.92 22.61 50.99
N PRO A 269 23.83 21.45 51.68
CA PRO A 269 22.95 21.42 52.87
C PRO A 269 23.41 22.36 54.00
N LEU A 270 22.47 23.11 54.57
CA LEU A 270 22.73 24.08 55.67
C LEU A 270 22.81 23.38 57.02
N THR A 271 23.73 23.84 57.86
CA THR A 271 23.86 23.38 59.24
C THR A 271 23.79 24.62 60.13
N LEU A 272 23.04 24.52 61.23
CA LEU A 272 22.80 25.64 62.15
C LEU A 272 22.94 25.14 63.58
N ARG A 273 23.50 25.93 64.48
CA ARG A 273 23.47 25.63 65.92
C ARG A 273 23.08 26.87 66.73
N TRP A 274 22.72 26.67 68.00
CA TRP A 274 22.22 27.75 68.82
C TRP A 274 23.30 28.81 69.04
N GLU A 275 23.04 30.01 68.55
CA GLU A 275 24.03 31.07 68.75
C GLU A 275 23.36 32.11 69.65
N PRO A 276 23.61 32.03 70.97
CA PRO A 276 23.15 33.14 71.83
C PRO A 276 24.05 34.39 71.67
N MET B 1 -16.46 4.32 54.10
CA MET B 1 -16.81 5.72 54.54
C MET B 1 -15.83 6.21 55.61
N ILE B 2 -14.64 6.55 55.10
CA ILE B 2 -13.54 7.12 55.87
C ILE B 2 -13.94 8.46 56.49
N GLN B 3 -13.58 8.66 57.75
CA GLN B 3 -13.81 9.91 58.47
C GLN B 3 -12.59 10.31 59.25
N ARG B 4 -11.98 11.43 58.85
CA ARG B 4 -10.71 11.89 59.37
C ARG B 4 -10.84 13.34 59.86
N THR B 5 -10.27 13.57 61.01
CA THR B 5 -10.47 14.80 61.74
C THR B 5 -9.35 15.78 61.35
N PRO B 6 -9.67 17.08 61.25
CA PRO B 6 -8.67 18.03 60.74
C PRO B 6 -7.49 18.31 61.66
N LYS B 7 -6.31 18.41 61.05
CA LYS B 7 -5.16 19.10 61.61
C LYS B 7 -5.39 20.62 61.46
N ILE B 8 -4.82 21.39 62.37
CA ILE B 8 -4.95 22.83 62.36
C ILE B 8 -3.60 23.49 62.70
N GLN B 9 -3.20 24.45 61.89
CA GLN B 9 -2.08 25.30 62.18
C GLN B 9 -2.54 26.76 61.99
N VAL B 10 -2.14 27.62 62.93
CA VAL B 10 -2.40 29.04 62.90
C VAL B 10 -1.05 29.73 62.94
N TYR B 11 -0.88 30.66 62.00
CA TYR B 11 0.43 31.31 61.80
C TYR B 11 0.33 32.55 60.93
N SER B 12 1.37 33.35 60.93
CA SER B 12 1.42 34.54 60.10
C SER B 12 2.23 34.26 58.81
N ARG B 13 2.06 35.13 57.83
CA ARG B 13 2.73 34.96 56.57
C ARG B 13 4.18 35.28 56.75
N HIS B 14 4.42 36.46 57.32
CA HIS B 14 5.73 37.02 57.64
C HIS B 14 5.88 36.98 59.15
N PRO B 15 7.13 37.03 59.67
CA PRO B 15 7.32 37.02 61.15
C PRO B 15 6.58 38.16 61.81
N ALA B 16 5.86 37.86 62.87
CA ALA B 16 4.99 38.82 63.62
C ALA B 16 5.73 40.00 64.23
N GLU B 17 5.23 41.19 63.99
CA GLU B 17 5.87 42.42 64.44
C GLU B 17 4.71 43.29 64.91
N ASN B 18 4.65 43.60 66.21
CA ASN B 18 3.50 44.35 66.75
C ASN B 18 3.41 45.69 66.08
N GLY B 19 2.23 46.04 65.62
CA GLY B 19 1.97 47.26 64.88
C GLY B 19 2.30 47.24 63.39
N LYS B 20 2.68 46.09 62.83
CA LYS B 20 3.06 45.96 61.42
C LYS B 20 2.17 44.98 60.71
N SER B 21 1.85 45.33 59.48
CA SER B 21 0.94 44.59 58.65
C SER B 21 1.39 43.17 58.33
N ASN B 22 0.42 42.29 58.15
CA ASN B 22 0.69 40.88 57.97
C ASN B 22 -0.54 40.13 57.45
N PHE B 23 -0.44 38.82 57.39
CA PHE B 23 -1.57 37.97 57.10
C PHE B 23 -1.58 36.88 58.14
N LEU B 24 -2.79 36.54 58.58
CA LEU B 24 -3.03 35.52 59.58
C LEU B 24 -3.58 34.34 58.80
N ASN B 25 -2.96 33.19 59.00
CA ASN B 25 -3.31 32.00 58.25
C ASN B 25 -3.87 30.96 59.17
N CYS B 26 -4.78 30.19 58.62
CA CYS B 26 -5.21 28.95 59.20
C CYS B 26 -5.15 27.82 58.17
N TYR B 27 -4.18 26.90 58.31
CA TYR B 27 -4.03 25.74 57.43
C TYR B 27 -4.78 24.64 58.12
N VAL B 28 -5.81 24.14 57.44
CA VAL B 28 -6.64 23.03 57.95
C VAL B 28 -6.42 21.91 56.95
N SER B 29 -5.92 20.77 57.40
CA SER B 29 -5.48 19.69 56.50
C SER B 29 -5.84 18.36 57.08
N GLY B 30 -5.71 17.28 56.32
CA GLY B 30 -5.91 15.92 56.87
C GLY B 30 -7.36 15.48 57.12
N PHE B 31 -8.33 16.26 56.68
CA PHE B 31 -9.72 15.98 57.00
C PHE B 31 -10.49 15.28 55.87
N HIS B 32 -11.55 14.57 56.22
CA HIS B 32 -12.47 13.93 55.24
C HIS B 32 -13.77 13.66 55.99
N PRO B 33 -14.96 13.85 55.43
CA PRO B 33 -15.24 14.44 54.15
C PRO B 33 -14.95 15.95 54.16
N SER B 34 -15.31 16.63 53.06
CA SER B 34 -14.74 17.90 52.74
C SER B 34 -15.53 19.08 53.32
N ASP B 35 -16.84 18.96 53.56
CA ASP B 35 -17.56 20.01 54.29
C ASP B 35 -16.78 20.38 55.56
N ILE B 36 -16.57 21.69 55.72
CA ILE B 36 -15.84 22.26 56.86
C ILE B 36 -16.17 23.75 56.97
N GLU B 37 -16.10 24.24 58.18
CA GLU B 37 -16.42 25.62 58.55
C GLU B 37 -15.26 26.09 59.33
N VAL B 38 -14.59 27.15 58.89
CA VAL B 38 -13.48 27.73 59.58
C VAL B 38 -13.70 29.22 59.70
N ASP B 39 -13.51 29.79 60.89
CA ASP B 39 -13.33 31.22 61.10
C ASP B 39 -12.00 31.56 61.77
N LEU B 40 -11.55 32.78 61.47
CA LEU B 40 -10.50 33.43 62.21
C LEU B 40 -11.14 34.40 63.20
N LEU B 41 -10.63 34.38 64.44
CA LEU B 41 -11.16 35.19 65.52
C LEU B 41 -10.14 36.23 65.98
N LYS B 42 -10.63 37.41 66.34
CA LYS B 42 -9.84 38.45 67.03
C LYS B 42 -10.54 38.70 68.36
N ASN B 43 -9.87 38.33 69.45
CA ASN B 43 -10.39 38.41 70.81
C ASN B 43 -11.74 37.75 70.97
N GLY B 44 -11.91 36.60 70.36
CA GLY B 44 -13.12 35.82 70.52
C GLY B 44 -14.18 36.06 69.48
N GLU B 45 -14.02 37.11 68.68
CA GLU B 45 -15.04 37.59 67.78
C GLU B 45 -14.64 37.43 66.29
N ARG B 46 -15.63 37.14 65.46
CA ARG B 46 -15.41 36.62 64.12
C ARG B 46 -14.91 37.67 63.12
N ILE B 47 -13.79 37.38 62.48
CA ILE B 47 -13.20 38.28 61.50
C ILE B 47 -13.96 38.19 60.17
N GLU B 48 -14.25 39.33 59.56
CA GLU B 48 -14.97 39.38 58.26
C GLU B 48 -13.94 39.45 57.11
N LYS B 49 -14.43 39.26 55.89
CA LYS B 49 -13.56 39.25 54.70
C LYS B 49 -12.33 38.31 54.88
N VAL B 50 -12.65 37.08 55.31
CA VAL B 50 -11.71 35.96 55.33
C VAL B 50 -11.83 35.21 54.01
N GLU B 51 -10.71 34.95 53.36
CA GLU B 51 -10.67 34.24 52.11
C GLU B 51 -10.07 32.87 52.27
N HIS B 52 -10.35 32.02 51.28
CA HIS B 52 -9.82 30.69 51.30
C HIS B 52 -9.39 30.15 49.94
N SER B 53 -8.47 29.20 49.97
CA SER B 53 -8.06 28.49 48.79
C SER B 53 -9.14 27.52 48.33
N ASP B 54 -8.98 27.12 47.08
CA ASP B 54 -9.86 26.17 46.42
C ASP B 54 -9.51 24.78 46.93
N LEU B 55 -10.51 24.04 47.37
CA LEU B 55 -10.36 22.66 47.86
C LEU B 55 -9.43 21.81 46.98
N SER B 56 -8.47 21.18 47.65
CA SER B 56 -7.52 20.26 47.03
C SER B 56 -7.32 19.13 48.03
N PHE B 57 -6.39 18.21 47.72
CA PHE B 57 -6.15 17.06 48.58
C PHE B 57 -4.79 16.41 48.40
N SER B 58 -4.38 15.63 49.40
CA SER B 58 -3.03 15.04 49.46
C SER B 58 -2.95 13.63 48.88
N LYS B 59 -1.83 12.94 49.03
CA LYS B 59 -1.71 11.58 48.47
C LYS B 59 -2.66 10.58 49.09
N ASP B 60 -2.98 10.73 50.38
CA ASP B 60 -3.93 9.87 51.09
C ASP B 60 -5.38 10.28 50.94
N TRP B 61 -5.64 11.17 49.99
CA TRP B 61 -6.95 11.61 49.67
C TRP B 61 -7.63 12.48 50.72
N SER B 62 -6.90 13.03 51.69
CA SER B 62 -7.48 13.94 52.69
C SER B 62 -7.37 15.39 52.20
N PHE B 63 -8.34 16.20 52.59
CA PHE B 63 -8.46 17.55 52.04
C PHE B 63 -7.60 18.52 52.80
N TYR B 64 -7.19 19.60 52.14
CA TYR B 64 -6.51 20.75 52.78
C TYR B 64 -7.05 22.07 52.23
N LEU B 65 -6.94 23.13 53.02
CA LEU B 65 -7.51 24.38 52.66
C LEU B 65 -6.72 25.42 53.48
N LEU B 66 -6.49 26.59 52.87
CA LEU B 66 -5.91 27.72 53.59
C LEU B 66 -6.92 28.87 53.77
N TYR B 67 -7.20 29.26 55.01
CA TYR B 67 -7.97 30.50 55.28
C TYR B 67 -7.06 31.61 55.74
N TYR B 68 -7.21 32.81 55.19
CA TYR B 68 -6.35 33.95 55.57
C TYR B 68 -7.06 35.31 55.53
N THR B 69 -6.64 36.26 56.40
CA THR B 69 -6.95 37.73 56.34
C THR B 69 -5.70 38.59 56.52
N GLU B 70 -5.79 39.87 56.07
CA GLU B 70 -4.87 40.94 56.51
C GLU B 70 -5.17 41.12 57.98
N PHE B 71 -4.10 41.22 58.76
CA PHE B 71 -4.20 41.63 60.16
C PHE B 71 -2.94 42.37 60.58
N THR B 72 -3.09 43.21 61.60
CA THR B 72 -1.94 43.87 62.17
C THR B 72 -1.89 43.55 63.67
N PRO B 73 -0.97 42.63 64.07
CA PRO B 73 -0.87 42.17 65.45
C PRO B 73 -0.31 43.16 66.48
N THR B 74 -0.47 42.75 67.72
CA THR B 74 -0.45 43.61 68.90
C THR B 74 -0.07 42.72 70.10
N GLU B 75 0.45 43.30 71.18
CA GLU B 75 0.89 42.43 72.29
C GLU B 75 -0.29 41.85 73.03
N LYS B 76 -1.38 42.60 73.09
CA LYS B 76 -2.54 42.21 73.90
C LYS B 76 -3.71 41.57 73.09
N ASP B 77 -3.68 41.63 71.75
CA ASP B 77 -4.73 40.98 70.96
C ASP B 77 -4.47 39.51 70.82
N GLU B 78 -5.48 38.70 71.16
CA GLU B 78 -5.48 37.27 70.82
C GLU B 78 -6.17 37.02 69.49
N TYR B 79 -5.53 36.27 68.62
CA TYR B 79 -6.16 35.70 67.46
C TYR B 79 -6.21 34.17 67.58
N ALA B 80 -7.19 33.56 66.92
CA ALA B 80 -7.30 32.10 66.90
C ALA B 80 -7.95 31.59 65.61
N CYS B 81 -7.91 30.27 65.42
CA CYS B 81 -8.72 29.55 64.39
C CYS B 81 -9.84 28.74 65.03
N ARG B 82 -11.09 28.94 64.60
CA ARG B 82 -12.23 28.14 65.09
C ARG B 82 -12.71 27.22 63.99
N VAL B 83 -12.71 25.91 64.25
CA VAL B 83 -12.97 24.91 63.20
C VAL B 83 -14.08 23.93 63.59
N ASN B 84 -14.93 23.65 62.60
CA ASN B 84 -15.99 22.66 62.74
C ASN B 84 -15.98 21.66 61.63
N HIS B 85 -16.37 20.45 61.96
CA HIS B 85 -16.36 19.32 61.05
C HIS B 85 -17.27 18.33 61.73
N VAL B 86 -17.80 17.41 60.95
CA VAL B 86 -18.67 16.33 61.45
C VAL B 86 -17.93 15.44 62.46
N THR B 87 -16.61 15.40 62.37
CA THR B 87 -15.79 14.56 63.17
C THR B 87 -15.57 15.07 64.62
N LEU B 88 -15.99 16.31 64.87
CA LEU B 88 -15.81 17.05 66.11
C LEU B 88 -17.14 17.19 66.80
N SER B 89 -17.18 16.91 68.11
CA SER B 89 -18.41 17.05 68.92
C SER B 89 -18.80 18.52 69.17
N GLN B 90 -17.82 19.40 69.02
CA GLN B 90 -17.97 20.84 69.27
C GLN B 90 -16.82 21.59 68.57
N PRO B 91 -17.07 22.84 68.16
CA PRO B 91 -16.03 23.58 67.44
C PRO B 91 -14.73 23.63 68.22
N LYS B 92 -13.62 23.44 67.53
CA LYS B 92 -12.29 23.31 68.12
C LYS B 92 -11.53 24.59 67.84
N ILE B 93 -11.05 25.23 68.90
CA ILE B 93 -10.32 26.49 68.82
C ILE B 93 -8.83 26.24 69.04
N VAL B 94 -8.00 26.87 68.20
CA VAL B 94 -6.53 26.86 68.33
C VAL B 94 -6.03 28.29 68.37
N LYS B 95 -5.54 28.74 69.53
CA LYS B 95 -4.99 30.11 69.71
C LYS B 95 -3.70 30.23 68.94
N TRP B 96 -3.48 31.40 68.33
CA TRP B 96 -2.26 31.68 67.59
C TRP B 96 -1.11 31.94 68.49
N ASP B 97 -0.06 31.13 68.36
CA ASP B 97 1.23 31.36 69.02
C ASP B 97 2.22 31.97 68.00
N ARG B 98 2.74 33.16 68.27
CA ARG B 98 3.59 33.81 67.25
C ARG B 98 4.92 33.07 67.02
N ASP B 99 5.30 32.13 67.91
CA ASP B 99 6.43 31.26 67.59
C ASP B 99 6.09 29.82 67.23
N MET B 100 4.95 29.58 66.58
CA MET B 100 4.61 28.23 66.09
C MET B 100 4.02 28.26 64.69
N SER C 1 -3.46 21.57 29.82
CA SER C 1 -4.93 21.34 29.76
C SER C 1 -5.35 19.91 30.12
N LEU C 2 -6.55 19.88 30.68
CA LEU C 2 -7.38 18.73 30.88
C LEU C 2 -7.43 17.77 29.68
N PHE C 3 -7.58 16.49 30.05
CA PHE C 3 -7.92 15.38 29.17
C PHE C 3 -9.36 15.57 28.66
N ASN C 4 -9.67 15.15 27.42
CA ASN C 4 -11.04 15.26 26.89
C ASN C 4 -11.95 14.08 27.24
N THR C 5 -11.54 12.88 26.84
CA THR C 5 -12.43 11.71 26.86
C THR C 5 -12.28 10.95 28.16
N ILE C 6 -12.73 11.62 29.21
CA ILE C 6 -12.76 11.05 30.53
C ILE C 6 -13.89 10.05 30.74
N ALA C 7 -13.53 8.86 31.21
CA ALA C 7 -14.43 7.76 31.23
C ALA C 7 -15.08 7.51 32.57
N VAL C 8 -16.31 7.09 32.42
CA VAL C 8 -17.30 6.84 33.42
C VAL C 8 -16.95 5.43 33.92
N LEU C 9 -17.32 5.14 35.18
CA LEU C 9 -17.20 3.79 35.86
C LEU C 9 -18.24 2.67 35.42
N LYS D 1 -9.60 23.49 6.03
CA LYS D 1 -8.84 22.45 5.26
C LYS D 1 -8.13 21.45 6.20
N GLU D 2 -8.60 21.28 7.43
CA GLU D 2 -7.75 20.77 8.48
C GLU D 2 -7.28 19.30 8.22
N VAL D 3 -8.12 18.43 7.67
CA VAL D 3 -7.71 17.05 7.37
C VAL D 3 -7.68 16.78 5.86
N GLU D 4 -6.53 16.41 5.31
CA GLU D 4 -6.38 16.29 3.87
C GLU D 4 -6.30 14.84 3.37
N GLN D 5 -7.17 14.51 2.41
CA GLN D 5 -7.12 13.26 1.63
C GLN D 5 -7.24 13.59 0.14
N ASN D 6 -6.58 12.84 -0.72
CA ASN D 6 -6.92 12.88 -2.14
C ASN D 6 -8.25 12.12 -2.39
N SER D 7 -9.05 12.68 -3.32
CA SER D 7 -10.33 12.08 -3.77
C SER D 7 -10.20 10.74 -4.45
N GLY D 8 -9.15 10.62 -5.27
CA GLY D 8 -8.94 9.51 -6.17
C GLY D 8 -9.89 9.71 -7.34
N PRO D 9 -10.47 8.65 -7.90
CA PRO D 9 -10.28 7.26 -7.48
C PRO D 9 -8.86 6.80 -7.50
N LEU D 10 -8.51 5.89 -6.61
CA LEU D 10 -7.26 5.18 -6.58
C LEU D 10 -7.63 3.74 -7.02
N SER D 11 -6.78 3.11 -7.82
CA SER D 11 -6.96 1.72 -8.22
C SER D 11 -5.94 0.83 -7.61
N VAL D 12 -6.40 -0.36 -7.26
CA VAL D 12 -5.52 -1.36 -6.71
C VAL D 12 -5.95 -2.59 -7.42
N PRO D 13 -5.01 -3.37 -7.95
CA PRO D 13 -5.40 -4.68 -8.51
C PRO D 13 -5.92 -5.64 -7.42
N GLU D 14 -6.96 -6.39 -7.76
CA GLU D 14 -7.50 -7.39 -6.85
C GLU D 14 -6.45 -8.37 -6.32
N GLY D 15 -6.46 -8.56 -5.00
CA GLY D 15 -5.47 -9.35 -4.28
C GLY D 15 -4.25 -8.59 -3.82
N ALA D 16 -4.06 -7.36 -4.30
CA ALA D 16 -2.85 -6.60 -4.04
C ALA D 16 -3.09 -5.67 -2.84
N ILE D 17 -2.02 -5.11 -2.29
CA ILE D 17 -2.18 -4.27 -1.11
C ILE D 17 -2.55 -2.83 -1.53
N ALA D 18 -3.61 -2.28 -0.93
CA ALA D 18 -4.07 -0.93 -1.18
C ALA D 18 -3.54 -0.03 -0.07
N SER D 19 -3.14 1.18 -0.44
CA SER D 19 -2.50 2.10 0.46
C SER D 19 -3.24 3.41 0.44
N LEU D 20 -3.64 3.94 1.56
CA LEU D 20 -4.35 5.22 1.59
C LEU D 20 -3.65 6.12 2.60
N ASN D 21 -3.34 7.33 2.20
CA ASN D 21 -2.77 8.28 3.14
C ASN D 21 -3.67 9.44 3.46
N CYS D 22 -3.45 9.99 4.62
CA CYS D 22 -4.23 11.11 5.13
C CYS D 22 -3.29 11.97 5.95
N THR D 23 -3.49 13.27 5.90
CA THR D 23 -2.57 14.25 6.44
C THR D 23 -3.36 15.17 7.34
N TYR D 24 -2.79 15.68 8.43
CA TYR D 24 -3.52 16.64 9.27
C TYR D 24 -2.60 17.69 9.77
N SER D 25 -3.15 18.84 10.18
CA SER D 25 -2.27 20.02 10.55
C SER D 25 -2.22 20.36 12.06
N ASP D 26 -3.25 20.00 12.84
CA ASP D 26 -3.36 20.39 14.24
C ASP D 26 -2.52 19.49 15.13
N ARG D 27 -1.60 20.08 15.89
CA ARG D 27 -0.65 19.34 16.71
C ARG D 27 -1.34 18.69 17.89
N GLY D 28 -2.47 19.22 18.29
CA GLY D 28 -3.28 18.61 19.28
C GLY D 28 -4.08 17.43 18.83
N SER D 29 -3.95 16.98 17.59
CA SER D 29 -4.67 15.78 17.14
C SER D 29 -4.21 14.58 17.98
N GLN D 30 -5.18 13.90 18.60
CA GLN D 30 -4.93 12.86 19.61
C GLN D 30 -5.43 11.48 19.25
N SER D 31 -6.59 11.40 18.61
CA SER D 31 -7.30 10.14 18.29
C SER D 31 -7.68 10.11 16.83
N PHE D 32 -7.43 9.00 16.17
CA PHE D 32 -7.59 8.89 14.71
C PHE D 32 -8.42 7.65 14.33
N PHE D 33 -9.23 7.80 13.30
CA PHE D 33 -10.17 6.76 12.96
C PHE D 33 -10.23 6.73 11.45
N TRP D 34 -10.53 5.56 10.93
CA TRP D 34 -10.81 5.33 9.52
C TRP D 34 -12.22 4.77 9.40
N TYR D 35 -12.99 5.40 8.53
CA TYR D 35 -14.36 5.00 8.23
C TYR D 35 -14.49 4.49 6.77
N ARG D 36 -15.32 3.50 6.54
CA ARG D 36 -15.60 3.08 5.18
C ARG D 36 -16.99 3.47 4.79
N GLN D 37 -17.18 3.99 3.58
CA GLN D 37 -18.52 4.42 3.11
C GLN D 37 -18.74 3.85 1.76
N TYR D 38 -19.69 2.91 1.69
CA TYR D 38 -20.14 2.36 0.42
C TYR D 38 -21.06 3.38 -0.23
N SER D 39 -21.06 3.37 -1.55
CA SER D 39 -21.98 4.20 -2.33
C SER D 39 -23.43 4.13 -1.85
N GLY D 40 -24.03 5.28 -1.56
CA GLY D 40 -25.42 5.34 -1.10
C GLY D 40 -25.64 5.02 0.35
N LYS D 41 -24.58 4.92 1.18
CA LYS D 41 -24.70 4.43 2.57
C LYS D 41 -24.01 5.38 3.53
N SER D 42 -24.09 5.12 4.83
CA SER D 42 -23.44 5.97 5.79
C SER D 42 -22.10 5.40 6.15
N PRO D 43 -21.21 6.18 6.80
CA PRO D 43 -19.87 5.69 7.18
C PRO D 43 -19.83 4.69 8.31
N GLU D 44 -18.87 3.77 8.25
CA GLU D 44 -18.78 2.63 9.14
C GLU D 44 -17.37 2.61 9.74
N LEU D 45 -17.26 2.59 11.06
CA LEU D 45 -15.98 2.52 11.73
C LEU D 45 -15.32 1.27 11.39
N ILE D 46 -14.09 1.34 10.92
CA ILE D 46 -13.30 0.12 10.71
C ILE D 46 -12.03 0.04 11.52
N MET D 47 -11.48 1.15 11.97
CA MET D 47 -10.23 1.11 12.76
C MET D 47 -10.13 2.36 13.58
N PHE D 48 -9.68 2.22 14.83
CA PHE D 48 -9.21 3.37 15.60
C PHE D 48 -7.73 3.25 15.95
N ILE D 49 -7.03 4.38 15.98
CA ILE D 49 -5.64 4.44 16.44
C ILE D 49 -5.53 5.58 17.46
N TYR D 50 -5.02 5.22 18.63
CA TYR D 50 -4.81 6.11 19.76
C TYR D 50 -3.32 6.28 20.11
N SER D 51 -2.45 5.53 19.41
CA SER D 51 -1.02 5.44 19.69
C SER D 51 -0.18 5.50 18.42
N ASN D 52 0.91 6.24 18.48
CA ASN D 52 1.87 6.25 17.41
C ASN D 52 2.25 4.83 17.10
N GLY D 53 2.44 4.50 15.84
CA GLY D 53 2.94 3.17 15.49
C GLY D 53 2.05 2.50 14.49
N ASP D 54 2.25 1.21 14.33
CA ASP D 54 1.44 0.38 13.45
C ASP D 54 0.35 -0.35 14.27
N LYS D 55 -0.79 -0.60 13.66
CA LYS D 55 -1.88 -1.34 14.32
C LYS D 55 -2.54 -2.26 13.28
N GLU D 56 -2.54 -3.55 13.56
CA GLU D 56 -2.98 -4.56 12.64
C GLU D 56 -4.33 -5.07 13.10
N ASP D 57 -5.28 -5.24 12.20
CA ASP D 57 -6.57 -5.85 12.55
C ASP D 57 -7.11 -6.52 11.27
N GLY D 58 -6.98 -7.83 11.21
CA GLY D 58 -7.42 -8.55 10.05
C GLY D 58 -6.56 -8.13 8.88
N ARG D 59 -7.20 -7.78 7.77
CA ARG D 59 -6.45 -7.31 6.58
C ARG D 59 -6.06 -5.84 6.66
N PHE D 60 -6.55 -5.12 7.64
CA PHE D 60 -6.22 -3.73 7.78
C PHE D 60 -4.98 -3.53 8.64
N THR D 61 -4.09 -2.63 8.19
CA THR D 61 -3.06 -2.02 9.02
C THR D 61 -3.16 -0.48 8.97
N ALA D 62 -3.23 0.16 10.14
CA ALA D 62 -3.15 1.61 10.25
C ALA D 62 -1.78 1.99 10.75
N GLN D 63 -1.19 3.01 10.17
CA GLN D 63 0.07 3.56 10.65
C GLN D 63 -0.13 5.02 11.02
N LEU D 64 0.21 5.41 12.25
CA LEU D 64 0.20 6.81 12.66
C LEU D 64 1.62 7.32 12.88
N ASN D 65 1.92 8.48 12.29
CA ASN D 65 3.14 9.21 12.62
C ASN D 65 2.78 10.63 12.98
N LYS D 66 2.75 10.91 14.28
CA LYS D 66 2.32 12.22 14.78
C LYS D 66 3.35 13.34 14.56
N ALA D 67 4.63 12.98 14.42
CA ALA D 67 5.66 13.98 14.17
C ALA D 67 5.53 14.47 12.72
N SER D 68 5.34 13.56 11.79
CA SER D 68 5.18 13.93 10.39
C SER D 68 3.72 14.29 10.07
N GLN D 69 2.82 14.04 11.03
CA GLN D 69 1.42 14.41 10.90
C GLN D 69 0.67 13.76 9.73
N TYR D 70 0.97 12.50 9.47
CA TYR D 70 0.17 11.67 8.58
C TYR D 70 -0.42 10.46 9.28
N ILE D 71 -1.43 9.89 8.65
CA ILE D 71 -1.94 8.60 9.02
C ILE D 71 -2.36 7.76 7.80
N SER D 72 -2.04 6.48 7.82
CA SER D 72 -2.21 5.60 6.69
C SER D 72 -3.16 4.45 7.04
N LEU D 73 -3.85 3.92 6.04
CA LEU D 73 -4.52 2.65 6.11
C LEU D 73 -4.04 1.77 4.94
N LEU D 74 -3.53 0.59 5.28
CA LEU D 74 -3.19 -0.44 4.31
C LEU D 74 -4.20 -1.60 4.37
N ILE D 75 -4.63 -2.09 3.22
CA ILE D 75 -5.59 -3.19 3.15
C ILE D 75 -4.94 -4.27 2.35
N ARG D 76 -4.49 -5.33 3.00
CA ARG D 76 -3.93 -6.51 2.32
C ARG D 76 -4.97 -7.37 1.62
N ASP D 77 -4.60 -8.03 0.52
CA ASP D 77 -5.46 -9.03 -0.12
C ASP D 77 -6.83 -8.41 -0.49
N SER D 78 -6.76 -7.36 -1.30
CA SER D 78 -7.93 -6.55 -1.60
C SER D 78 -9.01 -7.35 -2.24
N LYS D 79 -10.25 -7.15 -1.82
CA LYS D 79 -11.40 -7.79 -2.42
C LYS D 79 -12.22 -6.77 -3.19
N LEU D 80 -13.07 -7.21 -4.09
CA LEU D 80 -14.08 -6.33 -4.67
C LEU D 80 -14.97 -5.65 -3.64
N SER D 81 -15.31 -6.36 -2.56
CA SER D 81 -16.08 -5.80 -1.46
C SER D 81 -15.45 -4.59 -0.79
N ASP D 82 -14.14 -4.39 -1.00
CA ASP D 82 -13.40 -3.30 -0.41
C ASP D 82 -13.53 -2.01 -1.21
N SER D 83 -14.06 -2.05 -2.43
CA SER D 83 -14.26 -0.83 -3.18
C SER D 83 -15.29 0.01 -2.46
N ALA D 84 -14.89 1.20 -2.04
CA ALA D 84 -15.72 2.11 -1.27
C ALA D 84 -14.95 3.39 -1.07
N THR D 85 -15.56 4.40 -0.43
CA THR D 85 -14.81 5.60 -0.06
C THR D 85 -14.27 5.39 1.35
N TYR D 86 -13.02 5.72 1.55
CA TYR D 86 -12.39 5.61 2.87
C TYR D 86 -12.16 7.02 3.41
N LEU D 87 -12.75 7.29 4.57
CA LEU D 87 -12.66 8.60 5.20
C LEU D 87 -11.83 8.49 6.45
N CYS D 88 -11.03 9.51 6.61
CA CYS D 88 -10.07 9.62 7.63
C CYS D 88 -10.62 10.66 8.62
N ALA D 89 -10.69 10.34 9.89
CA ALA D 89 -11.20 11.28 10.90
C ALA D 89 -10.27 11.47 12.07
N VAL D 90 -10.25 12.67 12.61
CA VAL D 90 -9.33 13.04 13.67
C VAL D 90 -10.01 13.81 14.76
N ARG D 91 -9.64 13.53 16.00
CA ARG D 91 -10.21 14.20 17.20
C ARG D 91 -9.12 14.85 18.01
N THR D 92 -9.23 16.14 18.30
CA THR D 92 -8.14 16.80 19.06
C THR D 92 -8.37 16.66 20.53
N ASN D 93 -7.40 17.01 21.35
CA ASN D 93 -7.62 17.10 22.79
C ASN D 93 -8.53 18.22 23.22
N SER D 94 -8.95 19.14 22.36
CA SER D 94 -9.74 20.26 22.92
C SER D 94 -11.21 19.95 22.98
N GLY D 95 -11.61 18.79 22.45
CA GLY D 95 -13.03 18.55 22.35
C GLY D 95 -13.38 17.15 21.90
N TYR D 96 -14.60 17.05 21.40
CA TYR D 96 -15.32 15.80 21.20
C TYR D 96 -15.86 15.67 19.75
N ALA D 97 -15.55 16.62 18.85
CA ALA D 97 -15.98 16.51 17.47
C ALA D 97 -14.97 15.74 16.66
N LEU D 98 -15.39 15.15 15.55
CA LEU D 98 -14.44 14.55 14.57
C LEU D 98 -14.22 15.55 13.44
N ASN D 99 -12.99 15.79 12.99
CA ASN D 99 -12.75 16.50 11.73
C ASN D 99 -12.39 15.42 10.69
N PHE D 100 -13.06 15.45 9.55
CA PHE D 100 -12.95 14.41 8.56
C PHE D 100 -12.26 14.90 7.29
N GLY D 101 -11.54 14.02 6.65
CA GLY D 101 -11.11 14.25 5.26
C GLY D 101 -12.27 14.16 4.31
N LYS D 102 -12.12 14.65 3.08
CA LYS D 102 -13.13 14.45 2.02
C LYS D 102 -13.37 12.98 1.57
N GLY D 103 -12.48 12.05 1.87
CA GLY D 103 -12.73 10.68 1.49
C GLY D 103 -11.94 10.34 0.24
N THR D 104 -11.16 9.24 0.28
CA THR D 104 -10.53 8.69 -0.90
C THR D 104 -11.32 7.49 -1.39
N SER D 105 -11.73 7.55 -2.65
CA SER D 105 -12.44 6.48 -3.30
C SER D 105 -11.47 5.37 -3.71
N LEU D 106 -11.69 4.13 -3.27
CA LEU D 106 -10.89 2.98 -3.72
C LEU D 106 -11.66 2.10 -4.69
N LEU D 107 -11.11 1.83 -5.87
CA LEU D 107 -11.69 0.85 -6.79
C LEU D 107 -10.75 -0.33 -6.92
N VAL D 108 -11.17 -1.52 -6.48
CA VAL D 108 -10.30 -2.70 -6.62
C VAL D 108 -10.65 -3.33 -7.95
N THR D 109 -9.65 -3.30 -8.86
CA THR D 109 -9.87 -3.61 -10.24
C THR D 109 -9.63 -5.12 -10.41
N PRO D 110 -10.63 -5.81 -10.94
CA PRO D 110 -10.67 -7.26 -10.89
C PRO D 110 -9.87 -7.89 -11.98
N HIS D 111 -9.37 -9.10 -11.72
CA HIS D 111 -8.60 -9.85 -12.72
C HIS D 111 -9.50 -10.67 -13.62
N ILE D 112 -9.49 -10.34 -14.89
CA ILE D 112 -10.38 -11.00 -15.83
C ILE D 112 -9.61 -12.14 -16.47
N GLN D 113 -9.99 -13.34 -16.01
CA GLN D 113 -9.33 -14.61 -16.41
C GLN D 113 -9.18 -14.81 -17.93
N LYS D 114 -10.31 -14.92 -18.62
CA LYS D 114 -10.35 -15.02 -20.10
C LYS D 114 -11.25 -13.93 -20.67
N PRO D 115 -10.69 -12.75 -21.01
CA PRO D 115 -11.56 -11.71 -21.56
C PRO D 115 -12.09 -12.12 -22.91
N ASP D 116 -13.31 -11.72 -23.25
CA ASP D 116 -13.89 -11.87 -24.56
C ASP D 116 -14.82 -10.71 -24.87
N PRO D 117 -14.26 -9.55 -25.17
CA PRO D 117 -15.09 -8.38 -25.37
C PRO D 117 -16.13 -8.55 -26.50
N ALA D 118 -17.30 -7.97 -26.27
CA ALA D 118 -18.44 -8.08 -27.20
C ALA D 118 -19.44 -6.99 -26.90
N VAL D 119 -20.23 -6.66 -27.93
CA VAL D 119 -21.33 -5.74 -27.79
C VAL D 119 -22.59 -6.45 -28.24
N TYR D 120 -23.54 -6.60 -27.34
CA TYR D 120 -24.80 -7.27 -27.61
C TYR D 120 -25.97 -6.29 -27.56
N GLN D 121 -27.03 -6.64 -28.27
CA GLN D 121 -28.25 -5.86 -28.26
C GLN D 121 -29.32 -6.61 -27.48
N LEU D 122 -29.94 -5.95 -26.51
CA LEU D 122 -30.98 -6.57 -25.71
C LEU D 122 -32.34 -5.91 -25.93
N ARG D 123 -33.36 -6.69 -26.26
CA ARG D 123 -34.72 -6.18 -26.47
C ARG D 123 -35.51 -6.06 -25.15
N ASP D 124 -36.34 -5.02 -25.06
CA ASP D 124 -37.21 -4.78 -23.90
C ASP D 124 -38.17 -5.97 -23.73
N SER D 125 -38.34 -6.42 -22.49
CA SER D 125 -39.31 -7.45 -22.13
C SER D 125 -40.75 -7.07 -22.54
N LYS D 126 -41.12 -5.81 -22.34
CA LYS D 126 -42.46 -5.30 -22.69
C LYS D 126 -42.76 -5.18 -24.20
N SER D 127 -41.78 -4.76 -25.01
CA SER D 127 -42.02 -4.27 -26.36
C SER D 127 -40.73 -4.28 -27.14
N SER D 128 -40.77 -4.71 -28.40
CA SER D 128 -39.54 -4.81 -29.24
C SER D 128 -38.91 -3.47 -29.69
N ASP D 129 -39.76 -2.44 -29.66
CA ASP D 129 -39.47 -1.11 -30.24
C ASP D 129 -38.38 -0.33 -29.50
N LYS D 130 -38.11 -0.70 -28.24
CA LYS D 130 -37.03 -0.09 -27.43
C LYS D 130 -35.91 -1.15 -27.19
N SER D 131 -34.67 -0.70 -27.14
CA SER D 131 -33.49 -1.59 -27.15
C SER D 131 -32.33 -0.98 -26.39
N VAL D 132 -31.30 -1.78 -26.14
CA VAL D 132 -30.18 -1.40 -25.26
C VAL D 132 -28.90 -2.10 -25.72
N CYS D 133 -27.76 -1.42 -25.60
CA CYS D 133 -26.47 -2.03 -25.93
C CYS D 133 -25.64 -2.34 -24.71
N LEU D 134 -25.23 -3.60 -24.58
CA LEU D 134 -24.39 -4.07 -23.48
C LEU D 134 -23.01 -4.33 -24.04
N PHE D 135 -22.03 -3.65 -23.51
CA PHE D 135 -20.64 -3.93 -23.86
C PHE D 135 -20.17 -4.72 -22.66
N THR D 136 -19.70 -5.96 -22.88
CA THR D 136 -19.39 -6.84 -21.73
C THR D 136 -18.15 -7.66 -22.03
N ASP D 137 -17.56 -8.23 -20.99
CA ASP D 137 -16.44 -9.21 -21.05
C ASP D 137 -15.12 -8.66 -21.57
N PHE D 138 -15.01 -7.34 -21.60
CA PHE D 138 -13.74 -6.67 -21.80
C PHE D 138 -12.89 -6.74 -20.54
N ASP D 139 -11.59 -6.62 -20.80
CA ASP D 139 -10.52 -6.58 -19.81
C ASP D 139 -10.58 -5.30 -18.99
N SER D 140 -10.07 -5.35 -17.77
CA SER D 140 -10.22 -4.23 -16.81
C SER D 140 -9.46 -2.97 -17.23
N GLN D 141 -8.41 -3.16 -18.01
CA GLN D 141 -7.63 -2.10 -18.67
C GLN D 141 -8.47 -1.11 -19.51
N THR D 142 -9.51 -1.62 -20.16
CA THR D 142 -10.38 -0.80 -20.99
C THR D 142 -11.18 0.25 -20.20
N ASN D 143 -10.97 1.54 -20.44
CA ASN D 143 -11.93 2.55 -19.94
C ASN D 143 -12.97 2.82 -20.99
N VAL D 144 -14.10 3.32 -20.55
CA VAL D 144 -15.29 3.49 -21.38
C VAL D 144 -15.64 4.95 -21.32
N SER D 145 -15.47 5.67 -22.40
CA SER D 145 -15.69 7.13 -22.36
C SER D 145 -17.14 7.44 -22.66
N GLN D 146 -17.61 8.55 -22.11
CA GLN D 146 -19.00 8.96 -22.30
C GLN D 146 -19.15 9.43 -23.72
N SER D 147 -20.33 9.34 -24.32
CA SER D 147 -20.48 9.82 -25.70
C SER D 147 -20.64 11.34 -25.67
N LYS D 148 -20.00 11.95 -26.66
CA LYS D 148 -20.02 13.38 -26.84
C LYS D 148 -21.37 13.85 -27.42
N ASP D 149 -22.12 12.95 -28.06
CA ASP D 149 -23.50 13.29 -28.47
C ASP D 149 -24.42 13.23 -27.24
N SER D 150 -25.19 14.30 -27.04
CA SER D 150 -26.29 14.31 -26.12
C SER D 150 -27.34 13.51 -26.84
N ASP D 151 -28.21 12.86 -26.05
CA ASP D 151 -29.31 11.96 -26.49
C ASP D 151 -28.86 10.50 -26.72
N VAL D 152 -27.56 10.24 -26.55
CA VAL D 152 -27.06 8.87 -26.44
C VAL D 152 -26.26 8.80 -25.11
N TYR D 153 -26.67 7.86 -24.25
CA TYR D 153 -26.22 7.73 -22.86
C TYR D 153 -25.35 6.53 -22.69
N ILE D 154 -24.27 6.66 -21.94
CA ILE D 154 -23.35 5.57 -21.70
C ILE D 154 -22.98 5.52 -20.22
N THR D 155 -23.19 4.37 -19.60
CA THR D 155 -22.85 4.23 -18.17
C THR D 155 -21.37 3.93 -18.04
N ASP D 156 -20.78 4.07 -16.86
CA ASP D 156 -19.41 3.64 -16.69
C ASP D 156 -19.35 2.10 -16.61
N LYS D 157 -18.15 1.53 -16.58
CA LYS D 157 -17.96 0.11 -16.39
C LYS D 157 -18.25 -0.26 -14.94
N CYS D 158 -18.80 -1.45 -14.79
CA CYS D 158 -19.24 -1.98 -13.52
C CYS D 158 -18.87 -3.47 -13.49
N VAL D 159 -18.46 -4.00 -12.33
CA VAL D 159 -17.96 -5.36 -12.24
C VAL D 159 -18.96 -6.20 -11.45
N LEU D 160 -19.21 -7.40 -11.96
CA LEU D 160 -20.23 -8.29 -11.47
C LEU D 160 -19.57 -9.59 -11.13
N ASP D 161 -19.88 -10.12 -9.95
CA ASP D 161 -19.23 -11.32 -9.41
C ASP D 161 -20.32 -12.41 -9.42
N MET D 162 -20.20 -13.32 -10.35
CA MET D 162 -21.10 -14.49 -10.43
C MET D 162 -20.51 -15.57 -9.55
N ARG D 163 -20.82 -15.58 -8.26
CA ARG D 163 -19.95 -16.27 -7.28
C ARG D 163 -19.93 -17.83 -7.45
N SER D 164 -21.09 -18.39 -7.79
CA SER D 164 -21.24 -19.84 -8.02
C SER D 164 -20.23 -20.42 -9.05
N MET D 165 -19.93 -19.64 -10.07
CA MET D 165 -19.03 -20.02 -11.15
C MET D 165 -17.60 -19.41 -11.03
N ASP D 166 -17.25 -18.79 -9.89
CA ASP D 166 -15.91 -18.19 -9.70
C ASP D 166 -15.50 -17.29 -10.92
N PHE D 167 -16.43 -16.47 -11.39
CA PHE D 167 -16.31 -15.77 -12.64
C PHE D 167 -16.64 -14.31 -12.46
N LYS D 168 -15.85 -13.41 -13.04
CA LYS D 168 -16.08 -11.97 -12.92
C LYS D 168 -16.11 -11.38 -14.29
N SER D 169 -16.76 -10.23 -14.41
CA SER D 169 -17.14 -9.68 -15.70
C SER D 169 -17.43 -8.19 -15.62
N ASN D 170 -16.88 -7.44 -16.56
CA ASN D 170 -17.16 -6.01 -16.65
C ASN D 170 -18.30 -5.81 -17.60
N SER D 171 -18.93 -4.65 -17.52
CA SER D 171 -20.03 -4.32 -18.43
C SER D 171 -20.30 -2.85 -18.36
N ALA D 172 -20.73 -2.30 -19.48
CA ALA D 172 -21.31 -0.97 -19.52
C ALA D 172 -22.46 -0.98 -20.48
N VAL D 173 -23.34 0.01 -20.34
CA VAL D 173 -24.58 0.04 -21.06
C VAL D 173 -24.74 1.36 -21.79
N ALA D 174 -25.34 1.29 -22.97
CA ALA D 174 -25.56 2.43 -23.81
C ALA D 174 -26.92 2.36 -24.46
N TRP D 175 -27.58 3.50 -24.59
CA TRP D 175 -28.96 3.54 -25.06
C TRP D 175 -29.29 4.93 -25.58
N SER D 176 -30.29 5.00 -26.44
CA SER D 176 -30.73 6.23 -27.04
C SER D 176 -32.14 6.08 -27.56
N ASN D 177 -32.83 7.20 -27.75
CA ASN D 177 -34.14 7.17 -28.35
C ASN D 177 -34.08 7.51 -29.84
N LYS D 178 -32.89 7.67 -30.40
CA LYS D 178 -32.79 8.02 -31.84
C LYS D 178 -32.87 6.78 -32.77
N SER D 179 -33.72 6.87 -33.80
CA SER D 179 -33.85 5.87 -34.88
C SER D 179 -32.54 5.55 -35.61
N ASP D 180 -31.67 6.54 -35.70
CA ASP D 180 -30.33 6.38 -36.31
C ASP D 180 -29.27 6.00 -35.25
N PHE D 181 -29.56 4.98 -34.41
CA PHE D 181 -28.62 4.57 -33.33
C PHE D 181 -28.40 3.06 -33.31
N ALA D 182 -27.14 2.67 -33.49
CA ALA D 182 -26.79 1.25 -33.57
C ALA D 182 -25.74 0.88 -32.52
N CYS D 183 -25.90 -0.32 -31.97
CA CYS D 183 -24.91 -0.93 -31.13
C CYS D 183 -23.56 -0.99 -31.78
N ALA D 184 -23.53 -1.30 -33.07
CA ALA D 184 -22.30 -1.27 -33.86
C ALA D 184 -21.43 0.00 -33.64
N ASN D 185 -22.06 1.17 -33.51
CA ASN D 185 -21.33 2.46 -33.34
C ASN D 185 -21.64 3.19 -32.01
N ALA D 186 -22.17 2.46 -31.04
CA ALA D 186 -22.58 3.03 -29.73
C ALA D 186 -21.41 3.51 -28.86
N PHE D 187 -20.36 2.71 -28.81
CA PHE D 187 -19.19 3.01 -28.00
C PHE D 187 -18.07 3.55 -28.88
N ASN D 188 -18.40 4.27 -29.95
CA ASN D 188 -17.39 4.76 -30.89
C ASN D 188 -16.43 5.83 -30.33
N ASN D 189 -16.83 6.58 -29.31
CA ASN D 189 -15.90 7.47 -28.59
C ASN D 189 -14.94 6.69 -27.71
N SER D 190 -15.30 5.45 -27.35
CA SER D 190 -14.49 4.64 -26.46
C SER D 190 -13.50 3.88 -27.27
N ILE D 191 -12.31 3.70 -26.71
CA ILE D 191 -11.27 2.91 -27.37
C ILE D 191 -11.69 1.41 -27.38
N ILE D 192 -12.33 1.07 -28.50
CA ILE D 192 -12.48 -0.29 -29.06
C ILE D 192 -11.33 -1.26 -28.73
N PRO D 193 -11.60 -2.33 -27.94
CA PRO D 193 -10.63 -3.47 -27.94
C PRO D 193 -10.66 -4.15 -29.31
N GLU D 194 -9.51 -4.63 -29.79
CA GLU D 194 -9.44 -5.05 -31.20
C GLU D 194 -10.27 -6.35 -31.32
N ASP D 195 -11.06 -6.39 -32.38
CA ASP D 195 -12.09 -7.41 -32.58
C ASP D 195 -12.79 -7.76 -31.27
N THR D 196 -13.48 -6.76 -30.76
CA THR D 196 -14.67 -7.02 -29.94
C THR D 196 -15.74 -7.60 -30.91
N PHE D 197 -16.44 -8.64 -30.46
CA PHE D 197 -17.46 -9.34 -31.22
C PHE D 197 -18.77 -8.53 -31.39
N PHE D 198 -19.15 -8.26 -32.65
CA PHE D 198 -20.36 -7.49 -33.05
C PHE D 198 -21.28 -8.35 -33.93
N PRO D 199 -22.15 -9.16 -33.29
CA PRO D 199 -23.22 -9.92 -33.96
C PRO D 199 -24.22 -9.30 -34.97
N SER D 200 -25.12 -8.40 -34.55
CA SER D 200 -26.36 -7.97 -35.31
C SER D 200 -27.56 -8.89 -35.05
N ASP E 1 -33.46 -2.54 21.77
CA ASP E 1 -32.13 -3.02 22.27
C ASP E 1 -31.06 -3.10 21.10
N ALA E 2 -30.98 -2.08 20.20
CA ALA E 2 -30.17 -2.23 18.96
C ALA E 2 -29.60 -0.92 18.52
N GLY E 3 -29.42 -0.67 17.21
CA GLY E 3 -28.51 0.37 16.67
C GLY E 3 -29.07 1.78 16.49
N VAL E 4 -28.28 2.64 15.85
CA VAL E 4 -28.65 4.06 15.72
C VAL E 4 -29.78 4.18 14.69
N THR E 5 -30.70 5.08 14.93
CA THR E 5 -31.93 5.22 14.21
C THR E 5 -32.13 6.68 13.74
N GLN E 6 -32.65 6.86 12.55
CA GLN E 6 -32.89 8.20 12.04
C GLN E 6 -34.11 8.18 11.19
N SER E 7 -34.87 9.24 11.29
CA SER E 7 -36.04 9.48 10.45
C SER E 7 -36.19 10.99 10.21
N PRO E 8 -36.80 11.40 9.10
CA PRO E 8 -37.15 10.47 8.02
C PRO E 8 -35.90 10.00 7.27
N THR E 9 -36.13 8.99 6.46
CA THR E 9 -35.12 8.38 5.65
C THR E 9 -34.64 9.33 4.53
N HIS E 10 -35.58 10.03 3.90
CA HIS E 10 -35.34 10.96 2.76
C HIS E 10 -36.37 12.08 2.88
N LEU E 11 -36.01 13.31 2.54
CA LEU E 11 -36.91 14.47 2.52
C LEU E 11 -36.69 15.37 1.29
N ILE E 12 -37.77 15.87 0.73
CA ILE E 12 -37.71 16.82 -0.37
C ILE E 12 -38.40 18.08 0.08
N LYS E 13 -37.70 19.20 -0.07
CA LYS E 13 -38.18 20.49 0.43
C LYS E 13 -37.86 21.58 -0.56
N THR E 14 -38.54 22.71 -0.48
CA THR E 14 -38.20 23.83 -1.37
C THR E 14 -37.49 24.95 -0.60
N ARG E 15 -36.92 25.89 -1.33
CA ARG E 15 -36.18 26.98 -0.74
C ARG E 15 -37.04 27.76 0.24
N GLY E 16 -36.45 28.04 1.40
CA GLY E 16 -37.07 28.89 2.35
C GLY E 16 -37.85 28.11 3.37
N GLN E 17 -38.01 26.80 3.17
CA GLN E 17 -38.79 25.98 4.11
C GLN E 17 -37.94 25.62 5.34
N GLN E 18 -38.54 24.89 6.26
CA GLN E 18 -37.95 24.46 7.52
C GLN E 18 -38.01 22.92 7.59
N VAL E 19 -37.03 22.32 8.24
CA VAL E 19 -37.10 20.87 8.47
C VAL E 19 -36.66 20.48 9.84
N THR E 20 -37.24 19.40 10.32
CA THR E 20 -36.82 18.74 11.53
C THR E 20 -36.38 17.30 11.29
N LEU E 21 -35.14 16.98 11.68
CA LEU E 21 -34.60 15.63 11.59
C LEU E 21 -34.52 15.00 12.97
N ARG E 22 -34.86 13.72 13.07
CA ARG E 22 -34.84 12.99 14.34
C ARG E 22 -33.73 11.92 14.32
N CYS E 23 -33.14 11.74 15.47
CA CYS E 23 -32.15 10.73 15.68
C CYS E 23 -32.27 10.11 17.04
N SER E 24 -32.30 8.77 17.12
CA SER E 24 -32.14 8.04 18.39
C SER E 24 -30.79 7.30 18.50
N PRO E 25 -30.08 7.44 19.63
CA PRO E 25 -28.78 6.78 19.72
C PRO E 25 -28.90 5.32 19.89
N LYS E 26 -27.81 4.64 19.67
CA LYS E 26 -27.68 3.18 19.99
C LYS E 26 -27.98 2.89 21.49
N GLN E 27 -28.46 1.71 21.84
CA GLN E 27 -28.84 1.42 23.23
C GLN E 27 -27.84 1.73 24.37
N GLY E 28 -26.57 1.47 24.28
CA GLY E 28 -25.80 1.93 25.46
C GLY E 28 -25.27 3.35 25.43
N HIS E 29 -25.74 4.18 24.50
CA HIS E 29 -25.09 5.45 24.12
C HIS E 29 -25.94 6.59 24.60
N ASP E 30 -25.29 7.65 25.06
CA ASP E 30 -25.99 8.81 25.62
C ASP E 30 -25.57 10.14 25.00
N THR E 31 -24.69 10.09 24.01
CA THR E 31 -24.31 11.32 23.38
C THR E 31 -24.49 11.22 21.89
N VAL E 32 -25.02 12.31 21.31
CA VAL E 32 -25.32 12.32 19.91
C VAL E 32 -24.69 13.51 19.23
N SER E 33 -23.97 13.25 18.15
CA SER E 33 -23.31 14.25 17.37
C SER E 33 -23.96 14.30 15.97
N TRP E 34 -24.39 15.49 15.51
CA TRP E 34 -24.85 15.65 14.11
C TRP E 34 -23.80 16.15 13.17
N TYR E 35 -23.78 15.55 11.97
CA TYR E 35 -22.84 15.94 10.90
C TYR E 35 -23.58 16.16 9.59
N GLN E 36 -23.05 17.03 8.73
CA GLN E 36 -23.55 17.28 7.37
C GLN E 36 -22.52 16.73 6.38
N GLN E 37 -22.96 15.85 5.45
CA GLN E 37 -22.06 15.31 4.44
C GLN E 37 -22.54 15.66 3.07
N ALA E 38 -21.90 16.63 2.42
CA ALA E 38 -22.27 17.05 1.11
C ALA E 38 -21.70 16.05 0.11
N LEU E 39 -22.27 16.02 -1.08
CA LEU E 39 -21.92 14.99 -2.11
C LEU E 39 -20.43 15.04 -2.40
N GLY E 40 -19.75 13.91 -2.32
CA GLY E 40 -18.30 13.88 -2.58
C GLY E 40 -17.34 14.50 -1.57
N GLN E 41 -17.87 14.88 -0.40
CA GLN E 41 -17.18 15.52 0.66
C GLN E 41 -17.27 14.68 1.96
N GLY E 42 -16.50 15.08 2.97
CA GLY E 42 -16.52 14.41 4.28
C GLY E 42 -17.54 15.01 5.21
N PRO E 43 -17.99 14.27 6.20
CA PRO E 43 -18.93 14.82 7.18
C PRO E 43 -18.38 16.02 7.95
N GLN E 44 -19.17 17.07 8.09
CA GLN E 44 -18.77 18.29 8.81
C GLN E 44 -19.59 18.40 10.08
N PHE E 45 -18.91 18.58 11.20
CA PHE E 45 -19.54 18.57 12.49
C PHE E 45 -20.48 19.76 12.71
N ILE E 46 -21.71 19.48 13.15
CA ILE E 46 -22.69 20.51 13.47
C ILE E 46 -22.78 20.75 14.98
N PHE E 47 -23.26 19.77 15.72
CA PHE E 47 -23.34 19.77 17.17
C PHE E 47 -23.11 18.46 17.82
N GLN E 48 -22.79 18.46 19.12
CA GLN E 48 -22.88 17.24 19.95
C GLN E 48 -23.68 17.54 21.20
N TYR E 49 -24.56 16.60 21.57
CA TYR E 49 -25.45 16.75 22.71
C TYR E 49 -25.13 15.72 23.76
N TYR E 50 -25.13 16.14 25.03
CA TYR E 50 -24.96 15.28 26.16
C TYR E 50 -25.78 15.82 27.33
N GLU E 51 -26.50 14.90 27.96
CA GLU E 51 -27.37 15.21 29.11
C GLU E 51 -28.23 16.42 28.79
N GLU E 52 -28.86 16.36 27.63
CA GLU E 52 -29.82 17.35 27.16
C GLU E 52 -29.29 18.75 26.89
N GLU E 53 -27.99 19.02 26.93
CA GLU E 53 -27.49 20.34 26.49
C GLU E 53 -26.44 20.17 25.38
N GLU E 54 -26.18 21.26 24.68
CA GLU E 54 -25.22 21.33 23.64
C GLU E 54 -23.83 21.37 24.22
N ARG E 55 -23.15 20.24 24.22
CA ARG E 55 -21.77 20.14 24.67
C ARG E 55 -20.75 20.90 23.77
N GLN E 56 -20.88 20.81 22.44
CA GLN E 56 -19.93 21.41 21.51
C GLN E 56 -20.65 21.80 20.24
N ARG E 57 -20.23 22.87 19.58
CA ARG E 57 -20.86 23.27 18.34
C ARG E 57 -19.87 23.56 17.29
N GLY E 58 -20.22 23.25 16.04
CA GLY E 58 -19.39 23.50 14.89
C GLY E 58 -19.46 24.93 14.36
N ASN E 59 -19.13 25.05 13.12
CA ASN E 59 -19.00 26.30 12.39
C ASN E 59 -20.24 26.73 11.58
N PHE E 60 -21.42 26.12 11.82
CA PHE E 60 -22.61 26.31 11.01
C PHE E 60 -23.43 27.51 11.45
N PRO E 61 -24.17 28.12 10.52
CA PRO E 61 -24.91 29.31 10.83
C PRO E 61 -26.16 29.10 11.66
N ASP E 62 -26.70 30.22 12.12
CA ASP E 62 -27.78 30.25 13.11
C ASP E 62 -29.04 29.50 12.73
N ARG E 63 -29.35 29.45 11.44
CA ARG E 63 -30.34 28.54 10.80
C ARG E 63 -30.39 27.09 11.31
N PHE E 64 -29.24 26.58 11.71
CA PHE E 64 -29.12 25.22 12.25
C PHE E 64 -29.16 25.32 13.77
N SER E 65 -30.03 24.53 14.38
CA SER E 65 -30.20 24.50 15.81
C SER E 65 -30.55 23.08 16.18
N GLY E 66 -30.53 22.75 17.46
CA GLY E 66 -30.86 21.40 17.82
C GLY E 66 -31.23 21.18 19.24
N HIS E 67 -31.64 19.96 19.56
CA HIS E 67 -32.08 19.63 20.89
C HIS E 67 -31.90 18.15 21.20
N GLN E 68 -31.72 17.82 22.47
CA GLN E 68 -31.70 16.43 22.92
C GLN E 68 -32.69 16.33 24.08
N PHE E 69 -33.50 15.27 24.08
CA PHE E 69 -34.58 15.03 25.07
C PHE E 69 -34.14 14.07 26.18
N PRO E 70 -34.95 13.91 27.23
CA PRO E 70 -34.56 12.96 28.27
C PRO E 70 -34.25 11.52 27.80
N ASN E 71 -34.95 10.95 26.82
CA ASN E 71 -34.57 9.56 26.39
C ASN E 71 -33.29 9.48 25.57
N TYR E 72 -32.59 10.61 25.48
CA TYR E 72 -31.31 10.82 24.77
C TYR E 72 -31.42 11.03 23.29
N SER E 73 -32.66 10.95 22.75
CA SER E 73 -32.88 11.22 21.33
C SER E 73 -32.69 12.74 21.05
N SER E 74 -32.67 13.10 19.79
CA SER E 74 -32.25 14.41 19.40
C SER E 74 -32.92 14.84 18.12
N GLU E 75 -33.00 16.15 17.92
CA GLU E 75 -33.56 16.73 16.74
C GLU E 75 -32.56 17.73 16.19
N LEU E 76 -32.46 17.79 14.87
CA LEU E 76 -31.78 18.87 14.17
C LEU E 76 -32.84 19.62 13.44
N ASN E 77 -32.86 20.93 13.64
CA ASN E 77 -33.77 21.80 12.91
C ASN E 77 -32.88 22.66 12.05
N VAL E 78 -33.28 22.86 10.82
CA VAL E 78 -32.65 23.85 10.00
C VAL E 78 -33.70 24.63 9.28
N ASN E 79 -33.61 25.94 9.37
CA ASN E 79 -34.56 26.90 8.78
C ASN E 79 -34.09 27.59 7.53
N ALA E 80 -34.98 28.35 6.90
CA ALA E 80 -34.62 29.20 5.76
C ALA E 80 -33.73 28.39 4.79
N LEU E 81 -34.21 27.22 4.44
CA LEU E 81 -33.46 26.26 3.63
C LEU E 81 -32.96 26.89 2.32
N LEU E 82 -31.69 26.63 2.04
CA LEU E 82 -31.04 27.00 0.79
C LEU E 82 -30.89 25.73 -0.04
N LEU E 83 -30.75 25.84 -1.37
CA LEU E 83 -30.45 24.68 -2.23
C LEU E 83 -29.21 23.95 -1.76
N GLY E 84 -28.24 24.73 -1.29
CA GLY E 84 -26.98 24.21 -0.82
C GLY E 84 -27.07 23.43 0.43
N ASP E 85 -28.22 23.40 1.10
CA ASP E 85 -28.38 22.54 2.28
C ASP E 85 -28.65 21.05 1.94
N SER E 86 -28.79 20.74 0.65
CA SER E 86 -28.93 19.39 0.15
C SER E 86 -27.75 18.53 0.53
N ALA E 87 -28.02 17.48 1.31
CA ALA E 87 -26.99 16.69 1.89
C ALA E 87 -27.53 15.45 2.56
N LEU E 88 -26.60 14.55 2.89
CA LEU E 88 -26.82 13.50 3.84
C LEU E 88 -26.58 14.02 5.23
N TYR E 89 -27.63 14.08 6.05
CA TYR E 89 -27.50 14.48 7.47
C TYR E 89 -27.38 13.23 8.32
N LEU E 90 -26.23 13.12 8.98
CA LEU E 90 -25.80 11.93 9.69
C LEU E 90 -25.83 12.21 11.15
N CYS E 91 -26.37 11.30 11.91
CA CYS E 91 -26.39 11.44 13.36
C CYS E 91 -25.41 10.38 13.87
N ALA E 92 -24.64 10.67 14.89
CA ALA E 92 -23.68 9.68 15.40
C ALA E 92 -23.74 9.61 16.89
N SER E 93 -23.83 8.37 17.40
CA SER E 93 -23.94 8.20 18.84
C SER E 93 -22.67 7.61 19.42
N SER E 94 -22.42 7.99 20.65
CA SER E 94 -21.28 7.56 21.38
C SER E 94 -21.71 7.34 22.84
N ASP E 95 -20.94 6.57 23.58
CA ASP E 95 -21.02 6.53 25.04
C ASP E 95 -19.94 7.43 25.66
N THR E 96 -19.74 7.28 26.97
CA THR E 96 -18.89 8.12 27.78
C THR E 96 -17.80 7.24 28.45
N VAL E 97 -17.49 6.12 27.80
CA VAL E 97 -16.47 5.16 28.25
C VAL E 97 -15.44 5.10 27.16
N SER E 98 -15.88 4.75 25.99
CA SER E 98 -15.00 4.59 24.84
C SER E 98 -14.95 5.86 24.00
N TYR E 99 -16.05 6.58 23.95
CA TYR E 99 -16.24 7.80 23.12
C TYR E 99 -16.16 7.61 21.58
N GLU E 100 -16.19 6.36 21.08
CA GLU E 100 -16.19 6.10 19.64
C GLU E 100 -17.51 6.48 19.05
N GLN E 101 -17.52 7.08 17.88
CA GLN E 101 -18.79 7.51 17.29
C GLN E 101 -19.23 6.58 16.19
N TYR E 102 -20.48 6.13 16.27
CA TYR E 102 -21.06 5.19 15.33
C TYR E 102 -22.24 5.86 14.64
N PHE E 103 -22.18 5.93 13.33
CA PHE E 103 -23.13 6.69 12.54
C PHE E 103 -24.41 5.93 12.23
N GLY E 104 -25.49 6.70 12.13
CA GLY E 104 -26.75 6.18 11.66
C GLY E 104 -26.93 6.09 10.17
N PRO E 105 -28.13 5.63 9.76
CA PRO E 105 -28.39 5.47 8.34
C PRO E 105 -28.54 6.81 7.61
N GLY E 106 -28.83 7.89 8.30
CA GLY E 106 -28.82 9.17 7.63
C GLY E 106 -30.17 9.55 7.07
N THR E 107 -30.51 10.84 7.16
CA THR E 107 -31.58 11.47 6.41
C THR E 107 -30.98 12.13 5.17
N ARG E 108 -31.49 11.79 4.00
CA ARG E 108 -31.10 12.43 2.77
C ARG E 108 -32.06 13.56 2.49
N LEU E 109 -31.57 14.78 2.60
CA LEU E 109 -32.34 15.97 2.30
C LEU E 109 -31.99 16.49 0.89
N THR E 110 -33.01 16.77 0.09
CA THR E 110 -32.80 17.50 -1.13
C THR E 110 -33.69 18.75 -1.10
N VAL E 111 -33.09 19.92 -1.33
CA VAL E 111 -33.77 21.19 -1.42
C VAL E 111 -33.83 21.60 -2.90
N THR E 112 -35.01 21.73 -3.47
CA THR E 112 -35.13 21.95 -4.89
C THR E 112 -35.91 23.25 -5.12
N GLU E 113 -35.85 23.68 -6.38
CA GLU E 113 -36.42 24.91 -6.77
C GLU E 113 -37.93 24.86 -6.68
N ASP E 114 -38.54 23.74 -7.03
CA ASP E 114 -39.97 23.61 -7.09
C ASP E 114 -40.32 22.14 -7.01
N LEU E 115 -41.35 21.79 -6.26
CA LEU E 115 -41.76 20.39 -6.18
C LEU E 115 -42.14 19.77 -7.53
N LYS E 116 -42.58 20.57 -8.47
CA LYS E 116 -42.83 20.10 -9.86
C LYS E 116 -41.66 19.37 -10.44
N ASN E 117 -40.46 19.66 -9.98
CA ASN E 117 -39.27 18.99 -10.49
C ASN E 117 -39.17 17.51 -10.16
N VAL E 118 -39.93 16.98 -9.19
CA VAL E 118 -39.75 15.58 -8.79
C VAL E 118 -40.59 14.62 -9.65
N PHE E 119 -40.01 13.48 -10.01
CA PHE E 119 -40.57 12.50 -10.95
C PHE E 119 -40.06 11.14 -10.55
N PRO E 120 -40.96 10.13 -10.47
CA PRO E 120 -40.49 8.81 -10.16
C PRO E 120 -39.76 8.22 -11.34
N PRO E 121 -39.08 7.07 -11.13
CA PRO E 121 -38.44 6.41 -12.23
C PRO E 121 -39.43 5.71 -13.13
N GLU E 122 -39.11 5.69 -14.43
CA GLU E 122 -39.61 4.71 -15.37
C GLU E 122 -38.63 3.52 -15.41
N VAL E 123 -39.16 2.30 -15.39
CA VAL E 123 -38.35 1.09 -15.29
C VAL E 123 -38.59 0.03 -16.37
N ALA E 124 -37.51 -0.51 -16.90
CA ALA E 124 -37.61 -1.54 -17.93
C ALA E 124 -36.48 -2.55 -17.84
N VAL E 125 -36.82 -3.81 -18.14
CA VAL E 125 -35.89 -4.91 -18.18
C VAL E 125 -35.65 -5.24 -19.62
N PHE E 126 -34.40 -5.52 -19.95
CA PHE E 126 -34.07 -5.96 -21.28
C PHE E 126 -33.57 -7.38 -21.17
N GLU E 127 -34.00 -8.25 -22.07
CA GLU E 127 -33.74 -9.67 -21.99
C GLU E 127 -32.41 -9.99 -22.70
N PRO E 128 -31.74 -11.07 -22.30
CA PRO E 128 -30.47 -11.48 -22.91
C PRO E 128 -30.49 -11.64 -24.43
N SER E 129 -29.43 -11.24 -25.12
CA SER E 129 -29.18 -11.62 -26.48
C SER E 129 -29.07 -13.13 -26.65
N GLU E 130 -29.59 -13.64 -27.77
CA GLU E 130 -29.41 -15.05 -28.12
C GLU E 130 -27.95 -15.19 -28.52
N ALA E 131 -27.33 -14.09 -28.98
CA ALA E 131 -25.89 -14.07 -29.29
C ALA E 131 -25.00 -14.32 -28.08
N GLU E 132 -25.30 -13.63 -26.99
CA GLU E 132 -24.56 -13.78 -25.76
C GLU E 132 -24.66 -15.21 -25.21
N ILE E 133 -25.87 -15.78 -25.25
CA ILE E 133 -26.05 -17.13 -24.75
C ILE E 133 -25.21 -18.09 -25.56
N SER E 134 -25.23 -17.87 -26.85
CA SER E 134 -24.54 -18.72 -27.79
C SER E 134 -23.02 -18.68 -27.55
N HIS E 135 -22.46 -17.47 -27.53
CA HIS E 135 -21.00 -17.28 -27.44
C HIS E 135 -20.40 -17.65 -26.08
N THR E 136 -21.22 -17.70 -25.05
CA THR E 136 -20.79 -17.52 -23.70
C THR E 136 -21.40 -18.52 -22.69
N GLN E 137 -22.53 -19.15 -23.00
CA GLN E 137 -23.31 -19.95 -22.04
C GLN E 137 -23.80 -19.19 -20.79
N LYS E 138 -23.97 -17.89 -20.97
CA LYS E 138 -24.41 -16.99 -19.88
C LYS E 138 -25.32 -15.93 -20.48
N ALA E 139 -26.15 -15.37 -19.64
CA ALA E 139 -27.20 -14.48 -20.09
C ALA E 139 -27.27 -13.29 -19.13
N THR E 140 -27.12 -12.09 -19.66
CA THR E 140 -27.21 -10.86 -18.88
C THR E 140 -28.59 -10.18 -19.07
N LEU E 141 -29.28 -9.92 -17.97
CA LEU E 141 -30.44 -9.03 -17.96
C LEU E 141 -29.93 -7.64 -17.59
N VAL E 142 -30.52 -6.62 -18.20
CA VAL E 142 -30.23 -5.25 -17.90
C VAL E 142 -31.53 -4.60 -17.42
N CYS E 143 -31.47 -3.96 -16.28
CA CYS E 143 -32.48 -3.06 -15.86
C CYS E 143 -32.06 -1.63 -16.11
N LEU E 144 -33.04 -0.80 -16.46
CA LEU E 144 -32.84 0.61 -16.71
C LEU E 144 -33.92 1.41 -16.04
N ALA E 145 -33.53 2.28 -15.13
CA ALA E 145 -34.43 3.17 -14.42
C ALA E 145 -34.16 4.55 -14.98
N THR E 146 -35.17 5.24 -15.42
CA THR E 146 -34.98 6.43 -16.25
C THR E 146 -35.87 7.56 -15.76
N GLY E 147 -35.43 8.78 -15.94
CA GLY E 147 -36.29 9.95 -15.77
C GLY E 147 -36.64 10.36 -14.36
N PHE E 148 -35.82 10.01 -13.36
CA PHE E 148 -36.23 10.27 -11.98
C PHE E 148 -35.52 11.43 -11.35
N TYR E 149 -36.19 12.07 -10.39
CA TYR E 149 -35.59 13.14 -9.59
C TYR E 149 -36.37 13.31 -8.27
N PRO E 150 -35.69 13.54 -7.14
CA PRO E 150 -34.24 13.56 -6.96
C PRO E 150 -33.54 12.21 -7.13
N ASP E 151 -32.23 12.22 -7.06
CA ASP E 151 -31.44 11.06 -7.47
C ASP E 151 -31.21 10.02 -6.41
N HIS E 152 -32.13 9.87 -5.42
CA HIS E 152 -32.04 8.72 -4.53
C HIS E 152 -33.14 7.68 -4.86
N VAL E 153 -32.59 6.55 -5.34
CA VAL E 153 -33.30 5.32 -5.50
C VAL E 153 -32.54 4.17 -4.99
N GLU E 154 -33.18 3.03 -4.84
CA GLU E 154 -32.49 1.77 -4.35
C GLU E 154 -32.94 0.71 -5.30
N LEU E 155 -32.01 0.15 -6.06
CA LEU E 155 -32.35 -0.80 -7.11
C LEU E 155 -31.97 -2.19 -6.64
N SER E 156 -32.90 -3.14 -6.72
CA SER E 156 -32.63 -4.53 -6.34
C SER E 156 -33.26 -5.46 -7.35
N TRP E 157 -32.71 -6.67 -7.47
CA TRP E 157 -33.19 -7.70 -8.40
C TRP E 157 -33.78 -8.86 -7.61
N TRP E 158 -34.83 -9.47 -8.17
CA TRP E 158 -35.52 -10.55 -7.49
C TRP E 158 -35.72 -11.69 -8.45
N VAL E 159 -35.41 -12.91 -8.03
CA VAL E 159 -35.58 -14.09 -8.89
C VAL E 159 -36.48 -15.10 -8.17
N ASN E 160 -37.63 -15.42 -8.76
CA ASN E 160 -38.58 -16.33 -8.14
C ASN E 160 -38.98 -15.87 -6.74
N GLY E 161 -39.02 -14.55 -6.54
CA GLY E 161 -39.52 -13.93 -5.31
C GLY E 161 -38.52 -13.66 -4.20
N LYS E 162 -37.26 -14.02 -4.46
CA LYS E 162 -36.20 -13.86 -3.50
C LYS E 162 -35.19 -12.87 -4.06
N GLU E 163 -34.71 -11.98 -3.19
CA GLU E 163 -33.77 -10.91 -3.57
C GLU E 163 -32.39 -11.49 -3.69
N VAL E 164 -31.71 -11.16 -4.78
CA VAL E 164 -30.44 -11.74 -5.17
C VAL E 164 -29.33 -10.63 -5.18
N HIS E 165 -28.09 -11.10 -5.04
CA HIS E 165 -26.86 -10.27 -5.02
C HIS E 165 -25.75 -10.83 -5.89
N SER E 166 -25.51 -12.14 -5.81
CA SER E 166 -24.62 -12.77 -6.74
C SER E 166 -25.11 -12.47 -8.15
N GLY E 167 -24.17 -12.08 -9.00
CA GLY E 167 -24.45 -11.82 -10.37
C GLY E 167 -24.96 -10.44 -10.69
N VAL E 168 -25.08 -9.57 -9.68
CA VAL E 168 -25.48 -8.20 -9.96
C VAL E 168 -24.35 -7.16 -10.01
N CYS E 169 -24.56 -6.19 -10.87
CA CYS E 169 -23.80 -4.94 -10.84
C CYS E 169 -24.74 -3.80 -11.10
N THR E 170 -24.90 -2.89 -10.13
CA THR E 170 -25.65 -1.68 -10.39
C THR E 170 -24.73 -0.47 -10.41
N ASP E 171 -24.98 0.50 -11.30
CA ASP E 171 -24.07 1.64 -11.39
C ASP E 171 -23.88 2.28 -10.04
N PRO E 172 -22.65 2.59 -9.67
CA PRO E 172 -22.43 3.27 -8.38
C PRO E 172 -23.05 4.68 -8.19
N GLN E 173 -23.17 5.45 -9.26
CA GLN E 173 -23.76 6.79 -9.24
C GLN E 173 -24.67 6.91 -10.48
N PRO E 174 -25.87 7.49 -10.32
CA PRO E 174 -26.77 7.66 -11.46
C PRO E 174 -26.31 8.77 -12.37
N LEU E 175 -26.70 8.73 -13.63
CA LEU E 175 -26.20 9.64 -14.66
C LEU E 175 -27.21 10.73 -14.97
N LYS E 176 -26.73 11.94 -15.22
CA LYS E 176 -27.60 13.09 -15.53
C LYS E 176 -28.12 12.96 -16.97
N GLU E 177 -29.44 12.93 -17.16
CA GLU E 177 -30.01 12.87 -18.50
C GLU E 177 -29.74 14.14 -19.32
N GLN E 178 -29.53 15.27 -18.65
CA GLN E 178 -29.26 16.54 -19.32
C GLN E 178 -28.29 17.35 -18.46
N PRO E 179 -26.99 17.02 -18.55
CA PRO E 179 -25.90 17.63 -17.78
C PRO E 179 -25.93 19.15 -17.66
N ALA E 180 -26.26 19.86 -18.74
CA ALA E 180 -26.42 21.33 -18.71
C ALA E 180 -27.35 21.82 -17.58
N LEU E 181 -28.55 21.24 -17.50
CA LEU E 181 -29.57 21.68 -16.53
C LEU E 181 -29.22 21.30 -15.11
N ASN E 182 -29.51 22.20 -14.17
CA ASN E 182 -29.21 21.98 -12.75
C ASN E 182 -30.21 20.99 -12.12
N ASP E 183 -31.44 20.94 -12.64
CA ASP E 183 -32.53 20.09 -12.11
C ASP E 183 -32.82 18.91 -13.06
N SER E 184 -31.82 18.55 -13.85
CA SER E 184 -31.88 17.36 -14.69
C SER E 184 -32.31 16.16 -13.93
N ARG E 185 -33.11 15.36 -14.60
CA ARG E 185 -33.49 14.04 -14.15
C ARG E 185 -32.37 13.04 -14.39
N TYR E 186 -32.53 11.87 -13.79
CA TYR E 186 -31.45 10.88 -13.73
C TYR E 186 -31.79 9.53 -14.34
N ALA E 187 -30.75 8.75 -14.60
CA ALA E 187 -30.87 7.37 -15.10
C ALA E 187 -29.86 6.47 -14.39
N LEU E 188 -30.17 5.19 -14.31
CA LEU E 188 -29.37 4.23 -13.57
C LEU E 188 -29.53 2.87 -14.17
N SER E 189 -28.44 2.15 -14.30
CA SER E 189 -28.46 0.85 -14.99
C SER E 189 -28.05 -0.23 -14.00
N SER E 190 -28.46 -1.45 -14.28
CA SER E 190 -28.00 -2.58 -13.51
C SER E 190 -28.01 -3.83 -14.34
N ARG E 191 -27.15 -4.76 -13.96
CA ARG E 191 -27.04 -6.01 -14.67
C ARG E 191 -27.28 -7.15 -13.70
N LEU E 192 -28.01 -8.16 -14.15
CA LEU E 192 -28.06 -9.46 -13.47
C LEU E 192 -27.59 -10.46 -14.47
N ARG E 193 -26.63 -11.30 -14.08
CA ARG E 193 -26.07 -12.28 -15.05
C ARG E 193 -26.15 -13.69 -14.48
N VAL E 194 -26.63 -14.59 -15.31
CA VAL E 194 -26.95 -15.96 -14.90
C VAL E 194 -26.47 -16.90 -16.00
N SER E 195 -26.49 -18.19 -15.72
CA SER E 195 -26.16 -19.17 -16.74
C SER E 195 -27.29 -19.23 -17.76
N ALA E 196 -26.96 -19.59 -18.98
CA ALA E 196 -27.99 -19.81 -19.97
C ALA E 196 -29.00 -20.87 -19.54
N THR E 197 -28.57 -21.99 -18.97
CA THR E 197 -29.55 -22.99 -18.53
C THR E 197 -30.53 -22.38 -17.52
N PHE E 198 -30.06 -21.46 -16.69
CA PHE E 198 -30.95 -20.80 -15.73
C PHE E 198 -31.99 -19.88 -16.38
N TRP E 199 -31.51 -19.03 -17.31
CA TRP E 199 -32.37 -18.18 -18.09
C TRP E 199 -33.28 -18.95 -19.03
N GLN E 200 -32.85 -20.12 -19.49
CA GLN E 200 -33.66 -20.90 -20.42
C GLN E 200 -34.82 -21.68 -19.78
N ASP E 201 -34.85 -21.75 -18.46
CA ASP E 201 -35.94 -22.42 -17.78
C ASP E 201 -37.09 -21.42 -17.82
N PRO E 202 -38.18 -21.73 -18.54
CA PRO E 202 -39.25 -20.76 -18.53
C PRO E 202 -40.05 -20.66 -17.21
N ARG E 203 -39.77 -21.51 -16.21
CA ARG E 203 -40.32 -21.33 -14.85
C ARG E 203 -39.62 -20.24 -14.12
N ASN E 204 -38.38 -19.92 -14.44
CA ASN E 204 -37.67 -18.83 -13.76
C ASN E 204 -38.16 -17.44 -14.05
N HIS E 205 -38.36 -16.66 -12.99
CA HIS E 205 -38.99 -15.35 -13.08
C HIS E 205 -38.09 -14.27 -12.47
N PHE E 206 -37.96 -13.16 -13.21
CA PHE E 206 -36.96 -12.13 -12.92
C PHE E 206 -37.67 -10.81 -12.81
N ARG E 207 -37.31 -10.03 -11.80
CA ARG E 207 -37.91 -8.76 -11.58
C ARG E 207 -36.88 -7.79 -11.11
N CYS E 208 -36.95 -6.60 -11.68
CA CYS E 208 -36.10 -5.48 -11.33
C CYS E 208 -36.99 -4.53 -10.57
N GLN E 209 -36.54 -4.12 -9.39
CA GLN E 209 -37.34 -3.31 -8.50
C GLN E 209 -36.60 -2.06 -8.16
N VAL E 210 -37.25 -0.91 -8.35
CA VAL E 210 -36.65 0.36 -7.95
C VAL E 210 -37.47 1.12 -6.91
N GLN E 211 -36.94 1.17 -5.69
CA GLN E 211 -37.55 1.94 -4.60
C GLN E 211 -37.19 3.38 -4.79
N PHE E 212 -38.20 4.22 -4.94
CA PHE E 212 -37.98 5.65 -5.18
C PHE E 212 -38.47 6.39 -3.98
N TYR E 213 -37.69 7.36 -3.52
CA TYR E 213 -38.04 8.23 -2.39
C TYR E 213 -38.48 9.56 -2.96
N GLY E 214 -39.71 9.95 -2.64
CA GLY E 214 -40.36 11.07 -3.29
C GLY E 214 -41.15 11.89 -2.30
N LEU E 215 -42.32 12.34 -2.71
CA LEU E 215 -43.15 13.23 -1.89
C LEU E 215 -43.89 12.45 -0.83
N SER E 216 -44.21 13.10 0.28
CA SER E 216 -44.98 12.48 1.35
C SER E 216 -46.41 12.96 1.22
N GLU E 217 -47.32 12.30 1.90
CA GLU E 217 -48.74 12.73 1.87
C GLU E 217 -49.00 13.95 2.81
N ASN E 218 -47.97 14.71 3.13
CA ASN E 218 -48.05 16.12 3.63
C ASN E 218 -47.88 17.19 2.50
N ASP E 219 -47.56 16.74 1.28
CA ASP E 219 -47.11 17.63 0.23
C ASP E 219 -48.31 17.88 -0.65
N GLU E 220 -48.68 19.13 -0.88
CA GLU E 220 -49.74 19.49 -1.80
C GLU E 220 -49.36 19.06 -3.20
N TRP E 221 -50.34 18.80 -4.05
CA TRP E 221 -50.07 18.41 -5.43
C TRP E 221 -51.25 18.68 -6.37
N THR E 222 -51.09 19.65 -7.27
CA THR E 222 -52.19 20.02 -8.18
C THR E 222 -52.01 19.61 -9.64
N GLN E 223 -50.84 19.15 -10.05
CA GLN E 223 -50.57 18.76 -11.46
C GLN E 223 -51.43 17.59 -11.91
N ASP E 224 -51.39 17.33 -13.21
CA ASP E 224 -52.21 16.26 -13.79
C ASP E 224 -51.53 14.92 -13.68
N ARG E 225 -50.22 14.86 -13.96
CA ARG E 225 -49.48 13.59 -13.69
C ARG E 225 -49.64 13.20 -12.26
N ALA E 226 -49.61 11.88 -11.99
CA ALA E 226 -49.81 11.37 -10.64
C ALA E 226 -48.78 11.97 -9.68
N LYS E 227 -49.26 12.24 -8.45
CA LYS E 227 -48.38 12.72 -7.37
C LYS E 227 -47.17 11.83 -7.30
N PRO E 228 -45.95 12.39 -7.38
CA PRO E 228 -44.67 11.60 -7.34
C PRO E 228 -44.28 11.20 -5.93
N VAL E 229 -45.17 10.43 -5.38
CA VAL E 229 -45.06 9.86 -4.07
C VAL E 229 -43.89 8.89 -4.10
N THR E 230 -43.31 8.72 -2.91
CA THR E 230 -42.46 7.57 -2.59
C THR E 230 -43.17 6.29 -2.93
N GLN E 231 -42.57 5.48 -3.79
CA GLN E 231 -43.24 4.30 -4.31
C GLN E 231 -42.21 3.33 -4.82
N ILE E 232 -42.62 2.12 -5.18
CA ILE E 232 -41.72 1.14 -5.82
C ILE E 232 -42.14 0.89 -7.26
N VAL E 233 -41.22 0.95 -8.21
CA VAL E 233 -41.63 0.64 -9.57
C VAL E 233 -40.76 -0.47 -10.14
N SER E 234 -41.39 -1.34 -10.92
CA SER E 234 -40.78 -2.61 -11.34
C SER E 234 -40.97 -2.91 -12.80
N ALA E 235 -40.10 -3.76 -13.32
CA ALA E 235 -40.31 -4.42 -14.58
C ALA E 235 -39.88 -5.85 -14.35
N GLU E 236 -40.34 -6.75 -15.20
CA GLU E 236 -40.04 -8.16 -15.01
C GLU E 236 -39.89 -8.90 -16.28
N ALA E 237 -39.41 -10.11 -16.21
CA ALA E 237 -39.41 -11.02 -17.37
C ALA E 237 -39.50 -12.48 -16.90
N TRP E 238 -39.82 -13.37 -17.83
CA TRP E 238 -39.74 -14.81 -17.57
C TRP E 238 -38.66 -15.36 -18.47
N GLY E 239 -38.01 -16.43 -18.02
CA GLY E 239 -37.13 -17.22 -18.85
C GLY E 239 -37.76 -17.70 -20.13
N ARG E 240 -36.91 -17.97 -21.11
CA ARG E 240 -37.29 -18.50 -22.41
C ARG E 240 -36.43 -19.69 -22.74
N ALA E 241 -37.01 -20.88 -22.86
CA ALA E 241 -36.34 -22.02 -23.52
C ALA E 241 -36.09 -21.69 -25.00
N ASP E 242 -35.00 -22.21 -25.57
CA ASP E 242 -34.47 -21.81 -26.91
C ASP E 242 -35.04 -20.50 -27.54
N GLY F 1 -4.52 -41.20 -16.33
CA GLY F 1 -3.13 -41.43 -15.84
C GLY F 1 -2.30 -40.19 -16.06
N SER F 2 -1.03 -40.29 -15.68
CA SER F 2 -0.10 -39.18 -15.79
C SER F 2 0.31 -38.89 -17.22
N HIS F 3 0.78 -37.67 -17.43
CA HIS F 3 1.42 -37.28 -18.68
C HIS F 3 2.68 -36.48 -18.39
N SER F 4 3.56 -36.43 -19.39
CA SER F 4 4.83 -35.76 -19.28
C SER F 4 5.09 -35.04 -20.57
N MET F 5 5.82 -33.93 -20.48
CA MET F 5 6.39 -33.27 -21.65
C MET F 5 7.86 -33.14 -21.35
N ARG F 6 8.69 -33.54 -22.31
CA ARG F 6 10.13 -33.70 -22.06
C ARG F 6 10.92 -33.23 -23.27
N TYR F 7 11.86 -32.32 -23.04
CA TYR F 7 12.79 -31.90 -24.08
C TYR F 7 14.18 -32.51 -23.83
N PHE F 8 14.78 -33.05 -24.89
CA PHE F 8 16.14 -33.66 -24.89
C PHE F 8 17.03 -32.86 -25.84
N PHE F 9 18.25 -32.55 -25.41
CA PHE F 9 19.19 -31.77 -26.24
C PHE F 9 20.54 -32.45 -26.21
N THR F 10 21.19 -32.52 -27.38
CA THR F 10 22.50 -33.17 -27.53
C THR F 10 23.37 -32.27 -28.39
N SER F 11 24.56 -31.95 -27.88
CA SER F 11 25.56 -31.16 -28.60
C SER F 11 26.88 -31.94 -28.60
N VAL F 12 27.50 -32.16 -29.76
CA VAL F 12 28.78 -32.87 -29.84
C VAL F 12 29.82 -32.02 -30.61
N SER F 13 30.89 -31.62 -29.91
CA SER F 13 32.01 -30.92 -30.55
C SER F 13 32.70 -31.82 -31.57
N ARG F 14 33.46 -31.19 -32.45
CA ARG F 14 34.14 -31.88 -33.54
C ARG F 14 35.59 -31.51 -33.52
N PRO F 15 36.49 -32.50 -33.66
CA PRO F 15 37.92 -32.19 -33.50
C PRO F 15 38.36 -30.84 -34.06
N GLY F 16 38.39 -30.65 -35.38
CA GLY F 16 38.82 -29.39 -35.95
C GLY F 16 37.63 -28.56 -36.41
N ARG F 17 36.88 -29.15 -37.35
CA ARG F 17 36.14 -28.36 -38.35
C ARG F 17 34.64 -28.14 -38.13
N GLY F 18 34.36 -27.03 -37.45
CA GLY F 18 33.03 -26.45 -37.40
C GLY F 18 32.42 -26.32 -36.02
N GLU F 19 31.30 -25.59 -35.98
CA GLU F 19 30.37 -25.56 -34.83
C GLU F 19 30.02 -27.02 -34.39
N PRO F 20 29.74 -27.25 -33.09
CA PRO F 20 29.24 -28.57 -32.69
C PRO F 20 27.93 -28.97 -33.36
N ARG F 21 27.78 -30.27 -33.52
CA ARG F 21 26.53 -30.87 -34.00
C ARG F 21 25.53 -30.81 -32.86
N PHE F 22 24.35 -30.24 -33.13
CA PHE F 22 23.34 -30.00 -32.10
C PHE F 22 21.98 -30.58 -32.52
N ILE F 23 21.38 -31.40 -31.66
CA ILE F 23 20.09 -32.05 -31.96
C ILE F 23 19.12 -31.90 -30.77
N ALA F 24 17.92 -31.43 -31.06
CA ALA F 24 16.91 -31.22 -30.01
C ALA F 24 15.61 -31.90 -30.41
N VAL F 25 14.98 -32.58 -29.46
CA VAL F 25 13.66 -33.19 -29.67
C VAL F 25 12.74 -32.93 -28.49
N GLY F 26 11.45 -32.73 -28.78
CA GLY F 26 10.43 -32.60 -27.73
C GLY F 26 9.50 -33.80 -27.78
N TYR F 27 9.00 -34.18 -26.63
CA TYR F 27 8.06 -35.29 -26.50
C TYR F 27 6.90 -34.87 -25.60
N VAL F 28 5.73 -35.43 -25.87
CA VAL F 28 4.62 -35.49 -24.93
C VAL F 28 4.34 -36.98 -24.77
N ASP F 29 4.43 -37.48 -23.54
CA ASP F 29 4.47 -38.92 -23.28
C ASP F 29 5.57 -39.51 -24.16
N ASP F 30 5.27 -40.64 -24.81
CA ASP F 30 6.16 -41.34 -25.74
C ASP F 30 6.07 -40.86 -27.20
N THR F 31 5.45 -39.69 -27.43
CA THR F 31 5.24 -39.12 -28.78
C THR F 31 6.07 -37.85 -29.07
N GLN F 32 6.97 -37.96 -30.03
CA GLN F 32 7.78 -36.85 -30.50
C GLN F 32 6.91 -35.82 -31.21
N PHE F 33 7.04 -34.55 -30.85
CA PHE F 33 6.26 -33.52 -31.53
C PHE F 33 7.05 -32.39 -32.16
N VAL F 34 8.34 -32.29 -31.86
CA VAL F 34 9.14 -31.18 -32.41
C VAL F 34 10.59 -31.69 -32.56
N ARG F 35 11.29 -31.12 -33.52
CA ARG F 35 12.67 -31.48 -33.79
C ARG F 35 13.46 -30.25 -34.28
N PHE F 36 14.72 -30.18 -33.85
CA PHE F 36 15.70 -29.26 -34.47
C PHE F 36 17.03 -29.96 -34.61
N ASP F 37 17.54 -29.90 -35.84
CA ASP F 37 18.86 -30.39 -36.13
C ASP F 37 19.71 -29.23 -36.67
N SER F 38 20.91 -29.06 -36.13
CA SER F 38 21.80 -27.97 -36.53
C SER F 38 22.39 -28.12 -37.94
N ASP F 39 22.38 -29.31 -38.54
CA ASP F 39 22.75 -29.47 -39.95
C ASP F 39 21.60 -29.37 -40.97
N ALA F 40 20.38 -29.13 -40.53
CA ALA F 40 19.24 -29.21 -41.45
C ALA F 40 19.13 -27.89 -42.22
N ALA F 41 18.52 -27.96 -43.39
CA ALA F 41 18.41 -26.81 -44.31
C ALA F 41 17.81 -25.56 -43.64
N SER F 42 16.58 -25.73 -43.15
CA SER F 42 15.73 -24.66 -42.61
C SER F 42 16.35 -23.78 -41.50
N GLN F 43 17.13 -24.37 -40.60
CA GLN F 43 17.56 -23.73 -39.34
C GLN F 43 16.38 -23.23 -38.49
N ARG F 44 15.33 -24.05 -38.45
CA ARG F 44 14.10 -23.79 -37.71
C ARG F 44 13.72 -25.00 -36.88
N MET F 45 12.93 -24.76 -35.84
CA MET F 45 12.27 -25.84 -35.12
C MET F 45 11.19 -26.35 -36.07
N GLU F 46 11.13 -27.67 -36.23
CA GLU F 46 10.22 -28.28 -37.19
C GLU F 46 9.20 -29.17 -36.51
N PRO F 47 7.97 -29.19 -37.04
CA PRO F 47 6.93 -30.08 -36.52
C PRO F 47 7.16 -31.54 -36.92
N ARG F 48 6.91 -32.46 -35.98
CA ARG F 48 6.89 -33.90 -36.25
C ARG F 48 5.68 -34.65 -35.65
N ALA F 49 4.65 -33.93 -35.23
CA ALA F 49 3.34 -34.52 -34.94
C ALA F 49 2.21 -33.71 -35.62
N PRO F 50 1.14 -34.38 -36.10
CA PRO F 50 0.03 -33.65 -36.75
C PRO F 50 -0.63 -32.55 -35.93
N TRP F 51 -0.79 -32.76 -34.63
CA TRP F 51 -1.61 -31.84 -33.83
C TRP F 51 -0.96 -30.48 -33.52
N ILE F 52 0.38 -30.40 -33.60
CA ILE F 52 1.03 -29.12 -33.34
C ILE F 52 1.20 -28.31 -34.62
N GLU F 53 0.94 -28.89 -35.80
CA GLU F 53 0.98 -28.13 -37.05
C GLU F 53 0.01 -26.94 -37.01
N GLN F 54 -1.04 -27.02 -36.17
CA GLN F 54 -2.01 -25.95 -35.99
C GLN F 54 -1.46 -24.63 -35.39
N GLU F 55 -0.37 -24.71 -34.62
CA GLU F 55 0.23 -23.50 -34.04
C GLU F 55 0.73 -22.58 -35.18
N GLY F 56 0.64 -21.27 -34.98
CA GLY F 56 0.97 -20.27 -36.02
C GLY F 56 2.43 -19.82 -36.08
N PRO F 57 2.77 -18.93 -37.02
CA PRO F 57 4.14 -18.42 -37.16
C PRO F 57 4.72 -17.82 -35.89
N GLU F 58 3.88 -17.13 -35.10
CA GLU F 58 4.27 -16.61 -33.78
C GLU F 58 5.01 -17.68 -32.94
N TYR F 59 4.46 -18.88 -32.91
CA TYR F 59 5.00 -20.00 -32.12
C TYR F 59 6.36 -20.50 -32.66
N TRP F 60 6.47 -20.77 -33.95
CA TRP F 60 7.76 -21.29 -34.47
C TRP F 60 8.89 -20.27 -34.48
N ASP F 61 8.56 -19.00 -34.54
CA ASP F 61 9.54 -17.95 -34.32
C ASP F 61 10.14 -18.07 -32.91
N GLY F 62 9.26 -18.23 -31.92
CA GLY F 62 9.65 -18.28 -30.54
C GLY F 62 10.45 -19.54 -30.30
N GLU F 63 9.88 -20.67 -30.75
CA GLU F 63 10.56 -21.94 -30.64
C GLU F 63 11.89 -21.98 -31.42
N THR F 64 11.97 -21.30 -32.56
CA THR F 64 13.27 -21.26 -33.27
C THR F 64 14.31 -20.41 -32.55
N ARG F 65 13.91 -19.25 -32.07
CA ARG F 65 14.71 -18.39 -31.21
C ARG F 65 15.32 -19.12 -29.99
N LYS F 66 14.48 -19.82 -29.26
CA LYS F 66 14.93 -20.44 -28.02
C LYS F 66 15.79 -21.66 -28.27
N VAL F 67 15.40 -22.49 -29.23
CA VAL F 67 16.17 -23.70 -29.54
C VAL F 67 17.61 -23.29 -29.95
N LYS F 68 17.72 -22.21 -30.73
CA LYS F 68 19.02 -21.66 -31.12
C LYS F 68 19.84 -21.22 -29.92
N ALA F 69 19.15 -20.62 -28.95
CA ALA F 69 19.78 -20.17 -27.73
C ALA F 69 20.30 -21.35 -26.92
N HIS F 70 19.54 -22.44 -26.82
CA HIS F 70 20.04 -23.66 -26.20
C HIS F 70 21.31 -24.18 -26.89
N SER F 71 21.34 -24.13 -28.23
CA SER F 71 22.50 -24.61 -29.00
C SER F 71 23.73 -23.75 -28.75
N GLN F 72 23.50 -22.45 -28.64
CA GLN F 72 24.59 -21.53 -28.32
C GLN F 72 25.06 -21.68 -26.88
N THR F 73 24.15 -21.99 -25.95
CA THR F 73 24.56 -22.25 -24.56
C THR F 73 25.43 -23.52 -24.46
N HIS F 74 25.08 -24.55 -25.22
CA HIS F 74 25.90 -25.77 -25.29
C HIS F 74 27.28 -25.54 -25.89
N ARG F 75 27.36 -24.72 -26.96
CA ARG F 75 28.64 -24.38 -27.56
C ARG F 75 29.61 -23.83 -26.50
N VAL F 76 29.10 -22.90 -25.71
CA VAL F 76 29.90 -22.31 -24.66
C VAL F 76 30.22 -23.34 -23.58
N ASP F 77 29.19 -24.06 -23.14
CA ASP F 77 29.33 -25.06 -22.08
C ASP F 77 30.42 -26.10 -22.42
N LEU F 78 30.51 -26.50 -23.68
CA LEU F 78 31.58 -27.41 -24.09
C LEU F 78 32.96 -26.81 -23.79
N GLY F 79 33.15 -25.55 -24.18
CA GLY F 79 34.42 -24.87 -23.95
C GLY F 79 34.76 -24.75 -22.47
N THR F 80 33.77 -24.34 -21.68
CA THR F 80 33.94 -24.14 -20.25
C THR F 80 34.29 -25.43 -19.50
N LEU F 81 33.51 -26.47 -19.77
CA LEU F 81 33.77 -27.82 -19.24
C LEU F 81 35.17 -28.34 -19.62
N ARG F 82 35.56 -28.14 -20.88
CA ARG F 82 36.93 -28.47 -21.36
C ARG F 82 38.04 -27.85 -20.52
N GLY F 83 37.84 -26.59 -20.15
CA GLY F 83 38.73 -25.84 -19.30
C GLY F 83 38.76 -26.37 -17.89
N TYR F 84 37.58 -26.54 -17.26
CA TYR F 84 37.54 -27.02 -15.87
C TYR F 84 38.19 -28.38 -15.69
N TYR F 85 38.04 -29.28 -16.66
CA TYR F 85 38.64 -30.62 -16.60
C TYR F 85 40.04 -30.76 -17.26
N ASN F 86 40.59 -29.66 -17.77
CA ASN F 86 41.90 -29.62 -18.46
C ASN F 86 42.09 -30.68 -19.56
N GLN F 87 41.15 -30.73 -20.50
CA GLN F 87 41.28 -31.56 -21.71
C GLN F 87 41.65 -30.67 -22.87
N SER F 88 42.20 -31.26 -23.93
CA SER F 88 42.69 -30.54 -25.09
C SER F 88 41.69 -30.33 -26.22
N GLU F 89 42.12 -29.46 -27.13
CA GLU F 89 41.42 -29.11 -28.37
C GLU F 89 40.98 -30.33 -29.19
N ALA F 90 41.70 -31.45 -29.04
CA ALA F 90 41.62 -32.59 -29.95
C ALA F 90 40.50 -33.58 -29.66
N GLY F 91 40.18 -33.80 -28.39
CA GLY F 91 39.14 -34.75 -27.99
C GLY F 91 37.78 -34.25 -28.41
N SER F 92 36.87 -35.17 -28.68
CA SER F 92 35.51 -34.80 -29.06
C SER F 92 34.52 -35.26 -27.98
N HIS F 93 33.75 -34.31 -27.47
CA HIS F 93 32.96 -34.51 -26.28
C HIS F 93 31.51 -34.16 -26.53
N THR F 94 30.66 -34.61 -25.59
CA THR F 94 29.22 -34.40 -25.64
C THR F 94 28.67 -33.71 -24.35
N VAL F 95 27.75 -32.75 -24.54
CA VAL F 95 26.82 -32.36 -23.47
C VAL F 95 25.41 -32.85 -23.78
N GLN F 96 24.68 -33.26 -22.74
CA GLN F 96 23.30 -33.67 -22.90
C GLN F 96 22.44 -33.02 -21.84
N ARG F 97 21.30 -32.49 -22.24
CA ARG F 97 20.41 -31.78 -21.32
C ARG F 97 19.04 -32.39 -21.50
N MET F 98 18.37 -32.65 -20.40
CA MET F 98 17.00 -33.10 -20.46
C MET F 98 16.25 -32.38 -19.34
N TYR F 99 15.13 -31.73 -19.70
CA TYR F 99 14.22 -31.16 -18.72
C TYR F 99 12.74 -31.37 -19.07
N GLY F 100 11.85 -31.18 -18.09
CA GLY F 100 10.42 -31.18 -18.34
C GLY F 100 9.53 -31.39 -17.12
N CYS F 101 8.29 -31.78 -17.43
CA CYS F 101 7.11 -31.73 -16.57
C CYS F 101 6.47 -33.06 -16.44
N ASP F 102 5.98 -33.37 -15.25
CA ASP F 102 4.97 -34.41 -15.10
C ASP F 102 3.70 -33.79 -14.48
N VAL F 103 2.56 -34.41 -14.83
CA VAL F 103 1.22 -33.96 -14.47
C VAL F 103 0.41 -35.21 -14.02
N GLY F 104 -0.44 -35.03 -13.01
CA GLY F 104 -0.99 -36.10 -12.16
C GLY F 104 -2.19 -36.80 -12.73
N SER F 105 -3.12 -37.26 -11.87
CA SER F 105 -4.39 -37.92 -12.30
C SER F 105 -5.29 -36.92 -13.04
N ASP F 106 -5.44 -35.76 -12.41
CA ASP F 106 -5.99 -34.53 -13.03
C ASP F 106 -4.88 -34.07 -13.98
N TRP F 107 -4.88 -32.85 -14.50
CA TRP F 107 -3.66 -32.36 -15.19
C TRP F 107 -2.90 -31.29 -14.37
N ARG F 108 -2.79 -31.48 -13.06
CA ARG F 108 -2.07 -30.51 -12.21
C ARG F 108 -0.60 -30.91 -12.08
N PHE F 109 0.25 -29.94 -11.76
CA PHE F 109 1.69 -30.18 -11.63
C PHE F 109 2.00 -31.29 -10.62
N LEU F 110 2.97 -32.14 -10.94
CA LEU F 110 3.32 -33.30 -10.11
C LEU F 110 4.79 -33.26 -9.72
N ARG F 111 5.67 -33.23 -10.72
CA ARG F 111 7.11 -33.08 -10.51
C ARG F 111 7.73 -32.38 -11.72
N GLY F 112 8.90 -31.79 -11.52
CA GLY F 112 9.68 -31.17 -12.60
C GLY F 112 11.09 -31.69 -12.49
N TYR F 113 11.90 -31.46 -13.51
CA TYR F 113 13.29 -31.95 -13.47
C TYR F 113 14.13 -31.30 -14.59
N HIS F 114 15.42 -31.10 -14.31
CA HIS F 114 16.37 -30.62 -15.31
C HIS F 114 17.69 -31.24 -14.94
N GLN F 115 18.17 -32.09 -15.84
CA GLN F 115 19.45 -32.79 -15.67
C GLN F 115 20.39 -32.37 -16.79
N TYR F 116 21.67 -32.49 -16.49
CA TYR F 116 22.72 -32.06 -17.39
C TYR F 116 23.95 -32.95 -17.24
N ALA F 117 24.52 -33.35 -18.37
CA ALA F 117 25.57 -34.38 -18.37
C ALA F 117 26.65 -34.03 -19.36
N TYR F 118 27.88 -34.34 -18.97
CA TYR F 118 29.06 -34.18 -19.82
C TYR F 118 29.61 -35.57 -20.03
N ASP F 119 29.71 -35.95 -21.31
CA ASP F 119 30.23 -37.26 -21.73
C ASP F 119 29.54 -38.44 -21.03
N GLY F 120 28.23 -38.38 -20.87
CA GLY F 120 27.46 -39.51 -20.31
C GLY F 120 27.49 -39.70 -18.80
N LYS F 121 28.21 -38.84 -18.08
CA LYS F 121 28.13 -38.81 -16.62
C LYS F 121 27.33 -37.58 -16.25
N ASP F 122 26.46 -37.68 -15.26
CA ASP F 122 25.76 -36.48 -14.81
C ASP F 122 26.75 -35.46 -14.21
N TYR F 123 26.44 -34.19 -14.41
CA TYR F 123 27.29 -33.10 -13.98
C TYR F 123 26.54 -32.31 -12.92
N ILE F 124 25.36 -31.80 -13.28
CA ILE F 124 24.52 -31.04 -12.37
C ILE F 124 23.01 -31.19 -12.71
N ALA F 125 22.20 -31.24 -11.66
CA ALA F 125 20.76 -31.51 -11.78
C ALA F 125 20.04 -30.80 -10.66
N LEU F 126 18.77 -30.42 -10.89
CA LEU F 126 18.02 -29.79 -9.79
C LEU F 126 17.33 -30.87 -8.96
N LYS F 127 17.24 -30.64 -7.65
CA LYS F 127 16.70 -31.60 -6.70
C LYS F 127 15.19 -31.85 -6.84
N GLU F 128 14.69 -32.85 -6.11
CA GLU F 128 13.29 -33.29 -6.21
C GLU F 128 12.26 -32.18 -6.08
N ASP F 129 12.48 -31.18 -5.21
CA ASP F 129 11.48 -30.08 -5.04
C ASP F 129 12.07 -28.69 -5.55
N LEU F 130 13.10 -28.81 -6.39
CA LEU F 130 13.49 -27.83 -7.41
C LEU F 130 13.76 -26.39 -7.00
N ARG F 131 14.52 -26.29 -5.91
CA ARG F 131 15.11 -25.01 -5.46
C ARG F 131 16.63 -24.99 -5.34
N SER F 132 17.30 -26.12 -5.52
CA SER F 132 18.74 -26.18 -5.29
C SER F 132 19.33 -27.34 -6.09
N TRP F 133 20.64 -27.34 -6.33
CA TRP F 133 21.27 -28.25 -7.30
C TRP F 133 22.09 -29.35 -6.60
N THR F 134 22.14 -30.51 -7.24
CA THR F 134 23.01 -31.62 -6.86
C THR F 134 24.17 -31.65 -7.85
N ALA F 135 25.38 -31.71 -7.33
CA ALA F 135 26.57 -31.47 -8.14
C ALA F 135 27.54 -32.67 -8.16
N ALA F 136 27.92 -33.11 -9.36
CA ALA F 136 28.76 -34.30 -9.54
C ALA F 136 30.11 -34.25 -8.84
N ASP F 137 30.95 -33.26 -9.16
CA ASP F 137 32.31 -33.19 -8.57
C ASP F 137 32.64 -31.75 -8.22
N MET F 138 33.91 -31.45 -7.93
CA MET F 138 34.36 -30.08 -7.62
C MET F 138 34.06 -29.05 -8.74
N ALA F 139 33.96 -29.52 -9.98
CA ALA F 139 33.68 -28.66 -11.13
C ALA F 139 32.19 -28.25 -11.18
N ALA F 140 31.32 -29.20 -10.87
CA ALA F 140 29.89 -28.94 -10.71
C ALA F 140 29.57 -28.03 -9.53
N GLN F 141 30.32 -28.17 -8.43
CA GLN F 141 30.14 -27.28 -7.27
C GLN F 141 30.43 -25.85 -7.69
N THR F 142 31.44 -25.64 -8.55
CA THR F 142 31.77 -24.29 -9.00
C THR F 142 30.53 -23.69 -9.68
N THR F 143 30.01 -24.37 -10.70
CA THR F 143 28.87 -23.82 -11.41
C THR F 143 27.60 -23.73 -10.51
N LYS F 144 27.47 -24.62 -9.52
CA LYS F 144 26.32 -24.53 -8.59
C LYS F 144 26.36 -23.26 -7.71
N HIS F 145 27.55 -22.84 -7.27
CA HIS F 145 27.68 -21.64 -6.43
C HIS F 145 27.39 -20.39 -7.27
N LYS F 146 27.72 -20.46 -8.54
CA LYS F 146 27.48 -19.38 -9.51
C LYS F 146 25.98 -19.23 -9.81
N TRP F 147 25.34 -20.37 -10.10
CA TRP F 147 23.90 -20.44 -10.30
C TRP F 147 23.07 -20.10 -9.05
N GLU F 148 23.57 -20.45 -7.87
CA GLU F 148 22.93 -20.00 -6.62
C GLU F 148 22.90 -18.48 -6.58
N ALA F 149 24.09 -17.87 -6.76
CA ALA F 149 24.24 -16.41 -6.78
C ALA F 149 23.32 -15.73 -7.80
N ALA F 150 23.17 -16.32 -8.98
CA ALA F 150 22.36 -15.75 -10.06
C ALA F 150 20.85 -16.17 -10.12
N HIS F 151 20.36 -16.93 -9.12
CA HIS F 151 18.93 -17.31 -8.97
C HIS F 151 18.44 -18.01 -10.24
N VAL F 152 19.26 -18.94 -10.71
CA VAL F 152 19.01 -19.67 -11.92
C VAL F 152 17.89 -20.67 -11.68
N ALA F 153 17.98 -21.43 -10.60
CA ALA F 153 16.92 -22.39 -10.27
C ALA F 153 15.52 -21.76 -10.21
N GLU F 154 15.43 -20.58 -9.62
CA GLU F 154 14.18 -19.85 -9.47
C GLU F 154 13.59 -19.53 -10.82
N GLN F 155 14.42 -19.11 -11.78
CA GLN F 155 13.94 -18.79 -13.14
C GLN F 155 13.39 -20.05 -13.79
N LEU F 156 14.12 -21.16 -13.63
CA LEU F 156 13.76 -22.45 -14.22
C LEU F 156 12.50 -23.08 -13.54
N ARG F 157 12.44 -23.06 -12.21
CA ARG F 157 11.22 -23.44 -11.45
C ARG F 157 9.95 -22.77 -12.01
N ALA F 158 10.02 -21.47 -12.32
CA ALA F 158 8.85 -20.72 -12.79
C ALA F 158 8.32 -21.37 -14.05
N TYR F 159 9.27 -21.68 -14.95
CA TYR F 159 8.96 -22.41 -16.15
C TYR F 159 8.42 -23.80 -15.88
N LEU F 160 9.09 -24.56 -15.02
CA LEU F 160 8.75 -25.97 -14.84
C LEU F 160 7.34 -26.16 -14.22
N GLU F 161 7.05 -25.42 -13.15
CA GLU F 161 5.73 -25.44 -12.50
C GLU F 161 4.63 -24.81 -13.33
N GLY F 162 4.82 -23.57 -13.77
CA GLY F 162 3.75 -22.87 -14.48
C GLY F 162 3.71 -23.15 -15.99
N THR F 163 4.58 -22.48 -16.74
CA THR F 163 4.55 -22.48 -18.23
C THR F 163 4.57 -23.88 -18.88
N CYS F 164 5.56 -24.68 -18.50
CA CYS F 164 5.72 -26.04 -19.01
C CYS F 164 4.42 -26.84 -18.87
N VAL F 165 3.80 -26.76 -17.70
CA VAL F 165 2.56 -27.48 -17.42
C VAL F 165 1.40 -26.98 -18.31
N GLU F 166 1.28 -25.67 -18.46
CA GLU F 166 0.21 -25.08 -19.25
C GLU F 166 0.29 -25.51 -20.72
N TRP F 167 1.50 -25.53 -21.30
CA TRP F 167 1.67 -26.04 -22.66
C TRP F 167 1.36 -27.53 -22.76
N LEU F 168 1.79 -28.31 -21.77
CA LEU F 168 1.45 -29.72 -21.73
C LEU F 168 -0.08 -29.92 -21.71
N ARG F 169 -0.79 -29.07 -20.95
CA ARG F 169 -2.27 -29.03 -20.94
C ARG F 169 -2.84 -28.79 -22.35
N ARG F 170 -2.30 -27.77 -23.02
CA ARG F 170 -2.73 -27.40 -24.36
C ARG F 170 -2.41 -28.44 -25.43
N TYR F 171 -1.22 -29.03 -25.37
CA TYR F 171 -0.87 -30.08 -26.33
C TYR F 171 -1.78 -31.27 -26.16
N LEU F 172 -2.12 -31.61 -24.90
CA LEU F 172 -3.01 -32.72 -24.62
C LEU F 172 -4.43 -32.51 -25.17
N GLU F 173 -4.93 -31.27 -25.18
CA GLU F 173 -6.27 -30.98 -25.74
C GLU F 173 -6.26 -30.89 -27.27
N ASN F 174 -5.31 -30.13 -27.84
CA ASN F 174 -5.20 -30.02 -29.29
C ASN F 174 -5.04 -31.42 -29.90
N GLY F 175 -4.23 -32.27 -29.25
CA GLY F 175 -3.88 -33.59 -29.77
C GLY F 175 -4.61 -34.73 -29.09
N LYS F 176 -5.87 -34.46 -28.77
CA LYS F 176 -6.66 -35.31 -27.92
C LYS F 176 -6.73 -36.71 -28.48
N GLU F 177 -6.96 -36.86 -29.79
CA GLU F 177 -7.23 -38.21 -30.36
C GLU F 177 -6.00 -39.14 -30.39
N THR F 178 -4.77 -38.59 -30.37
CA THR F 178 -3.57 -39.44 -30.27
C THR F 178 -3.02 -39.49 -28.83
N LEU F 179 -2.83 -38.33 -28.21
CA LEU F 179 -2.42 -38.28 -26.78
C LEU F 179 -3.71 -38.53 -26.02
N GLN F 180 -3.65 -39.20 -24.88
CA GLN F 180 -4.88 -39.67 -24.16
C GLN F 180 -5.44 -41.02 -24.67
N ARG F 181 -5.08 -41.48 -25.88
CA ARG F 181 -5.46 -42.82 -26.39
C ARG F 181 -4.55 -43.89 -25.81
N THR F 182 -5.14 -45.03 -25.52
CA THR F 182 -4.39 -46.15 -25.03
C THR F 182 -4.69 -47.29 -26.01
N ASP F 183 -3.67 -47.75 -26.76
CA ASP F 183 -3.78 -48.93 -27.62
C ASP F 183 -3.25 -50.15 -26.87
N ALA F 184 -4.16 -51.09 -26.62
CA ALA F 184 -3.81 -52.34 -25.96
C ALA F 184 -2.99 -53.24 -26.88
N PRO F 185 -2.09 -54.07 -26.31
CA PRO F 185 -1.26 -54.94 -27.12
C PRO F 185 -2.05 -56.06 -27.77
N LYS F 186 -1.84 -56.28 -29.07
CA LYS F 186 -2.30 -57.47 -29.76
C LYS F 186 -1.26 -58.55 -29.50
N THR F 187 -1.70 -59.65 -28.92
CA THR F 187 -0.83 -60.64 -28.34
C THR F 187 -0.88 -61.93 -29.19
N HIS F 188 0.25 -62.63 -29.27
CA HIS F 188 0.32 -63.98 -29.86
C HIS F 188 1.60 -64.72 -29.41
N MET F 189 1.66 -66.00 -29.77
CA MET F 189 2.68 -66.90 -29.24
C MET F 189 3.15 -67.87 -30.31
N THR F 190 4.44 -68.20 -30.21
CA THR F 190 5.16 -68.93 -31.25
C THR F 190 5.96 -70.05 -30.55
N HIS F 191 6.16 -71.15 -31.28
CA HIS F 191 6.84 -72.33 -30.79
C HIS F 191 7.75 -72.85 -31.90
N HIS F 192 9.05 -72.96 -31.60
CA HIS F 192 10.06 -73.52 -32.52
C HIS F 192 10.88 -74.59 -31.78
N ALA F 193 11.15 -75.70 -32.49
CA ALA F 193 12.14 -76.68 -32.04
C ALA F 193 13.58 -76.06 -31.99
N VAL F 194 14.16 -76.08 -30.78
CA VAL F 194 15.56 -75.69 -30.54
C VAL F 194 16.44 -76.94 -30.56
N SER F 195 15.90 -78.10 -30.17
CA SER F 195 16.64 -79.34 -30.22
C SER F 195 15.67 -80.56 -30.37
N ASP F 196 16.10 -81.74 -29.95
CA ASP F 196 15.24 -82.94 -29.84
C ASP F 196 14.33 -82.79 -28.60
N HIS F 197 14.95 -82.39 -27.49
CA HIS F 197 14.36 -82.40 -26.13
C HIS F 197 13.90 -81.04 -25.54
N GLU F 198 14.02 -79.94 -26.27
CA GLU F 198 13.68 -78.58 -25.77
C GLU F 198 13.07 -77.69 -26.87
N ALA F 199 12.13 -76.82 -26.50
CA ALA F 199 11.51 -75.91 -27.48
C ALA F 199 11.43 -74.48 -26.95
N THR F 200 11.53 -73.49 -27.84
CA THR F 200 11.35 -72.08 -27.43
C THR F 200 9.90 -71.67 -27.57
N LEU F 201 9.38 -70.98 -26.56
CA LEU F 201 8.04 -70.41 -26.59
C LEU F 201 8.22 -68.90 -26.55
N ARG F 202 7.78 -68.20 -27.58
CA ARG F 202 8.01 -66.76 -27.65
C ARG F 202 6.67 -66.07 -27.64
N CYS F 203 6.54 -65.11 -26.73
CA CYS F 203 5.29 -64.42 -26.39
C CYS F 203 5.38 -62.98 -26.85
N TRP F 204 4.42 -62.54 -27.67
CA TRP F 204 4.50 -61.24 -28.37
C TRP F 204 3.44 -60.23 -27.93
N ALA F 205 3.86 -58.97 -27.79
CA ALA F 205 2.94 -57.83 -27.68
C ALA F 205 3.28 -56.84 -28.80
N LEU F 206 2.29 -56.48 -29.63
CA LEU F 206 2.54 -55.69 -30.85
C LEU F 206 2.04 -54.25 -31.07
N SER F 207 0.76 -53.96 -31.18
CA SER F 207 0.38 -52.58 -31.63
C SER F 207 0.12 -51.61 -30.47
N PHE F 208 0.99 -51.59 -29.44
CA PHE F 208 0.61 -50.89 -28.18
C PHE F 208 1.14 -49.48 -27.94
N TYR F 209 0.38 -48.71 -27.16
CA TYR F 209 0.74 -47.35 -26.73
C TYR F 209 0.06 -47.05 -25.40
N PRO F 210 0.74 -46.44 -24.41
CA PRO F 210 2.15 -46.00 -24.48
C PRO F 210 3.15 -47.17 -24.30
N ALA F 211 4.45 -46.89 -24.22
CA ALA F 211 5.49 -47.93 -24.29
C ALA F 211 5.63 -48.78 -23.04
N GLU F 212 5.17 -48.31 -21.89
CA GLU F 212 5.22 -49.11 -20.67
C GLU F 212 4.45 -50.43 -20.85
N ILE F 213 5.04 -51.51 -20.37
CA ILE F 213 4.49 -52.85 -20.47
C ILE F 213 5.29 -53.78 -19.59
N THR F 214 4.67 -54.83 -19.06
CA THR F 214 5.39 -55.88 -18.33
C THR F 214 4.98 -57.23 -18.95
N LEU F 215 5.99 -57.99 -19.39
CA LEU F 215 5.85 -59.35 -19.96
C LEU F 215 6.64 -60.33 -19.07
N THR F 216 5.95 -61.29 -18.45
CA THR F 216 6.62 -62.35 -17.65
C THR F 216 6.13 -63.78 -18.07
N TRP F 217 6.97 -64.78 -17.84
CA TRP F 217 6.59 -66.19 -17.97
C TRP F 217 6.49 -66.80 -16.59
N GLN F 218 5.57 -67.73 -16.41
CA GLN F 218 5.48 -68.58 -15.20
C GLN F 218 5.44 -70.04 -15.61
N ARG F 219 6.10 -70.90 -14.83
CA ARG F 219 5.87 -72.34 -14.90
C ARG F 219 5.08 -72.69 -13.64
N ASP F 220 3.93 -73.31 -13.86
CA ASP F 220 3.03 -73.77 -12.81
C ASP F 220 2.73 -72.63 -11.81
N GLY F 221 2.43 -71.43 -12.34
CA GLY F 221 2.17 -70.24 -11.50
C GLY F 221 3.38 -69.44 -11.00
N GLU F 222 4.54 -70.09 -10.82
CA GLU F 222 5.74 -69.49 -10.20
C GLU F 222 6.62 -68.81 -11.25
N ASP F 223 6.83 -67.50 -11.13
CA ASP F 223 7.43 -66.73 -12.28
C ASP F 223 8.91 -67.06 -12.60
N GLN F 224 9.20 -67.10 -13.91
CA GLN F 224 10.38 -67.74 -14.46
C GLN F 224 11.31 -66.60 -14.90
N THR F 225 12.24 -66.28 -14.01
CA THR F 225 13.41 -65.48 -14.37
C THR F 225 14.48 -66.42 -14.99
N GLN F 226 14.41 -67.72 -14.65
CA GLN F 226 15.48 -68.68 -14.88
C GLN F 226 15.93 -68.79 -16.34
N ASP F 227 15.11 -69.36 -17.21
CA ASP F 227 15.58 -69.68 -18.61
C ASP F 227 15.02 -68.69 -19.67
N THR F 228 14.93 -67.41 -19.31
CA THR F 228 14.22 -66.46 -20.16
C THR F 228 15.10 -65.51 -20.97
N GLU F 229 14.43 -64.86 -21.91
CA GLU F 229 14.96 -63.83 -22.80
C GLU F 229 13.89 -62.74 -22.96
N LEU F 230 14.21 -61.51 -22.58
CA LEU F 230 13.39 -60.34 -22.94
C LEU F 230 14.13 -59.44 -23.90
N VAL F 231 13.39 -58.73 -24.72
CA VAL F 231 13.97 -57.84 -25.67
C VAL F 231 13.53 -56.45 -25.20
N GLU F 232 14.35 -55.41 -25.45
CA GLU F 232 13.97 -54.05 -25.05
C GLU F 232 12.70 -53.65 -25.78
N THR F 233 11.79 -52.95 -25.10
CA THR F 233 10.58 -52.48 -25.80
C THR F 233 11.04 -51.52 -26.94
N ARG F 234 10.42 -51.63 -28.10
CA ARG F 234 10.98 -51.10 -29.35
C ARG F 234 9.91 -50.44 -30.22
N PRO F 235 10.24 -49.30 -30.85
CA PRO F 235 9.24 -48.61 -31.67
C PRO F 235 8.99 -49.33 -33.00
N ALA F 236 7.73 -49.38 -33.42
CA ALA F 236 7.37 -49.90 -34.75
C ALA F 236 7.65 -48.86 -35.84
N GLY F 237 7.63 -47.58 -35.46
CA GLY F 237 7.80 -46.49 -36.41
C GLY F 237 6.51 -45.77 -36.76
N ASP F 238 5.36 -46.26 -36.25
CA ASP F 238 4.06 -45.57 -36.44
C ASP F 238 3.46 -45.05 -35.15
N GLY F 239 4.28 -44.76 -34.15
CA GLY F 239 3.79 -44.34 -32.85
C GLY F 239 3.34 -45.44 -31.90
N THR F 240 3.48 -46.69 -32.33
CA THR F 240 3.18 -47.86 -31.49
C THR F 240 4.44 -48.69 -31.24
N PHE F 241 4.37 -49.59 -30.26
CA PHE F 241 5.57 -50.26 -29.71
C PHE F 241 5.45 -51.78 -29.74
N GLN F 242 6.58 -52.47 -29.75
CA GLN F 242 6.60 -53.93 -29.81
C GLN F 242 7.48 -54.48 -28.69
N LYS F 243 7.18 -55.69 -28.24
CA LYS F 243 8.06 -56.38 -27.30
C LYS F 243 7.80 -57.86 -27.33
N TRP F 244 8.82 -58.63 -26.98
CA TRP F 244 8.63 -60.05 -26.77
C TRP F 244 9.45 -60.65 -25.64
N ALA F 245 8.96 -61.78 -25.15
CA ALA F 245 9.61 -62.60 -24.12
C ALA F 245 9.70 -64.07 -24.54
N ALA F 246 10.90 -64.64 -24.58
CA ALA F 246 11.08 -66.07 -24.92
C ALA F 246 11.46 -66.88 -23.69
N VAL F 247 11.13 -68.18 -23.73
CA VAL F 247 11.53 -69.21 -22.75
C VAL F 247 11.81 -70.53 -23.44
N VAL F 248 12.86 -71.21 -22.98
CA VAL F 248 13.13 -72.59 -23.37
C VAL F 248 12.49 -73.55 -22.34
N VAL F 249 11.99 -74.65 -22.87
CA VAL F 249 11.06 -75.51 -22.15
C VAL F 249 11.27 -76.93 -22.64
N PRO F 250 11.20 -77.93 -21.73
CA PRO F 250 11.35 -79.30 -22.21
C PRO F 250 10.12 -79.79 -22.99
N SER F 251 10.39 -80.49 -24.10
CA SER F 251 9.36 -81.05 -24.99
C SER F 251 8.39 -81.94 -24.25
N GLY F 252 7.11 -81.85 -24.61
CA GLY F 252 6.00 -82.17 -23.68
C GLY F 252 5.90 -80.90 -22.86
N GLN F 253 5.57 -80.99 -21.58
CA GLN F 253 5.84 -79.91 -20.59
C GLN F 253 5.64 -78.41 -20.94
N GLU F 254 4.86 -78.14 -21.99
CA GLU F 254 4.66 -76.79 -22.53
C GLU F 254 3.41 -76.15 -21.98
N GLN F 255 2.58 -76.98 -21.35
CA GLN F 255 1.24 -76.64 -20.86
C GLN F 255 1.40 -76.01 -19.49
N ARG F 256 2.45 -76.42 -18.77
CA ARG F 256 2.92 -75.79 -17.52
C ARG F 256 3.20 -74.29 -17.62
N TYR F 257 3.60 -73.83 -18.81
CA TYR F 257 4.04 -72.45 -19.03
C TYR F 257 2.92 -71.52 -19.53
N THR F 258 2.92 -70.32 -18.95
CA THR F 258 1.89 -69.33 -19.20
C THR F 258 2.55 -67.94 -19.25
N CYS F 259 2.19 -67.12 -20.22
CA CYS F 259 2.74 -65.76 -20.38
C CYS F 259 1.78 -64.72 -19.84
N HIS F 260 2.29 -63.79 -19.03
CA HIS F 260 1.47 -62.78 -18.30
C HIS F 260 1.79 -61.38 -18.87
N VAL F 261 0.76 -60.66 -19.34
CA VAL F 261 0.91 -59.38 -20.06
C VAL F 261 0.19 -58.23 -19.34
N GLN F 262 0.96 -57.29 -18.80
CA GLN F 262 0.42 -56.10 -18.16
C GLN F 262 0.62 -54.81 -18.97
N HIS F 263 -0.47 -54.05 -19.20
CA HIS F 263 -0.45 -52.76 -19.96
C HIS F 263 -1.57 -51.80 -19.47
N GLU F 264 -1.34 -50.50 -19.56
CA GLU F 264 -2.32 -49.46 -19.18
C GLU F 264 -3.70 -49.69 -19.85
N GLY F 265 -3.65 -50.02 -21.13
CA GLY F 265 -4.85 -50.31 -21.94
C GLY F 265 -5.62 -51.62 -21.76
N LEU F 266 -5.13 -52.51 -20.90
CA LEU F 266 -5.84 -53.75 -20.56
C LEU F 266 -6.63 -53.57 -19.26
N PRO F 267 -7.93 -53.97 -19.26
CA PRO F 267 -8.63 -53.91 -17.95
C PRO F 267 -7.91 -54.73 -16.85
N LYS F 268 -7.53 -55.96 -17.17
CA LYS F 268 -6.91 -56.90 -16.23
C LYS F 268 -5.75 -57.57 -16.95
N PRO F 269 -4.82 -58.22 -16.21
CA PRO F 269 -3.70 -58.86 -16.91
C PRO F 269 -4.11 -60.00 -17.87
N LEU F 270 -3.53 -60.00 -19.08
CA LEU F 270 -3.74 -61.07 -20.08
C LEU F 270 -2.88 -62.30 -19.77
N THR F 271 -3.44 -63.47 -20.04
CA THR F 271 -2.74 -64.74 -19.92
C THR F 271 -2.82 -65.44 -21.28
N LEU F 272 -1.69 -66.02 -21.68
CA LEU F 272 -1.57 -66.79 -22.92
C LEU F 272 -0.88 -68.10 -22.68
N ARG F 273 -1.29 -69.14 -23.39
CA ARG F 273 -0.60 -70.44 -23.36
C ARG F 273 -0.45 -71.00 -24.76
N TRP F 274 0.41 -72.00 -24.92
CA TRP F 274 0.66 -72.57 -26.23
C TRP F 274 -0.61 -73.24 -26.82
N GLU F 275 -1.05 -72.65 -27.93
CA GLU F 275 -2.23 -72.94 -28.74
C GLU F 275 -2.09 -74.11 -29.75
N PRO F 276 -3.19 -74.85 -29.97
CA PRO F 276 -3.26 -75.70 -31.18
C PRO F 276 -3.48 -74.84 -32.45
N MET G 1 35.16 -39.62 -21.00
CA MET G 1 35.22 -40.67 -22.06
C MET G 1 34.59 -42.01 -21.59
N ILE G 2 33.32 -41.97 -21.20
CA ILE G 2 32.54 -43.22 -21.02
C ILE G 2 32.24 -43.80 -22.42
N GLN G 3 32.36 -45.13 -22.55
CA GLN G 3 32.05 -45.82 -23.79
C GLN G 3 31.17 -47.06 -23.56
N ARG G 4 29.95 -47.01 -24.13
CA ARG G 4 28.98 -48.10 -24.04
C ARG G 4 28.56 -48.60 -25.43
N THR G 5 28.46 -49.91 -25.51
CA THR G 5 28.35 -50.59 -26.80
C THR G 5 26.86 -50.77 -27.14
N PRO G 6 26.49 -50.63 -28.43
CA PRO G 6 25.08 -50.69 -28.82
C PRO G 6 24.40 -52.05 -28.68
N LYS G 7 23.17 -52.02 -28.21
CA LYS G 7 22.17 -53.07 -28.44
C LYS G 7 21.63 -52.92 -29.86
N ILE G 8 21.24 -54.04 -30.48
CA ILE G 8 20.75 -54.03 -31.87
C ILE G 8 19.56 -54.98 -32.03
N GLN G 9 18.47 -54.47 -32.60
CA GLN G 9 17.32 -55.28 -32.92
C GLN G 9 16.93 -54.99 -34.37
N VAL G 10 16.62 -56.05 -35.12
CA VAL G 10 16.16 -55.97 -36.51
C VAL G 10 14.80 -56.64 -36.59
N TYR G 11 13.85 -55.94 -37.18
CA TYR G 11 12.45 -56.37 -37.17
C TYR G 11 11.61 -55.61 -38.17
N SER G 12 10.41 -56.11 -38.43
CA SER G 12 9.47 -55.43 -39.31
C SER G 12 8.45 -54.62 -38.50
N ARG G 13 7.81 -53.67 -39.15
CA ARG G 13 6.84 -52.82 -38.48
C ARG G 13 5.60 -53.64 -38.15
N HIS G 14 5.08 -54.29 -39.19
CA HIS G 14 3.97 -55.21 -39.09
C HIS G 14 4.51 -56.65 -39.25
N PRO G 15 3.76 -57.67 -38.75
CA PRO G 15 4.19 -59.07 -38.99
C PRO G 15 4.36 -59.37 -40.47
N ALA G 16 5.49 -60.00 -40.81
CA ALA G 16 5.86 -60.33 -42.22
C ALA G 16 4.85 -61.24 -42.97
N GLU G 17 4.51 -60.84 -44.17
CA GLU G 17 3.81 -61.69 -45.12
C GLU G 17 4.57 -61.58 -46.45
N ASN G 18 4.97 -62.71 -47.04
CA ASN G 18 5.90 -62.69 -48.21
C ASN G 18 5.77 -61.65 -49.38
N GLY G 19 4.64 -61.53 -50.05
CA GLY G 19 4.48 -60.52 -51.09
C GLY G 19 3.81 -59.24 -50.63
N LYS G 20 3.92 -58.86 -49.35
CA LYS G 20 3.14 -57.75 -48.76
C LYS G 20 4.03 -56.69 -48.18
N SER G 21 3.65 -55.44 -48.43
CA SER G 21 4.47 -54.27 -48.10
C SER G 21 4.67 -54.10 -46.60
N ASN G 22 5.82 -53.53 -46.25
CA ASN G 22 6.21 -53.44 -44.85
C ASN G 22 7.31 -52.41 -44.64
N PHE G 23 7.82 -52.34 -43.42
CA PHE G 23 9.00 -51.55 -43.12
C PHE G 23 9.96 -52.43 -42.35
N LEU G 24 11.24 -52.30 -42.67
CA LEU G 24 12.31 -53.06 -42.04
C LEU G 24 12.98 -52.06 -41.10
N ASN G 25 13.09 -52.44 -39.83
CA ASN G 25 13.56 -51.54 -38.80
C ASN G 25 14.84 -52.05 -38.21
N CYS G 26 15.67 -51.12 -37.82
CA CYS G 26 16.83 -51.41 -36.99
C CYS G 26 16.87 -50.44 -35.79
N TYR G 27 16.59 -50.98 -34.59
CA TYR G 27 16.65 -50.20 -33.35
C TYR G 27 18.04 -50.41 -32.79
N VAL G 28 18.79 -49.32 -32.68
CA VAL G 28 20.10 -49.34 -32.03
C VAL G 28 19.98 -48.48 -30.77
N SER G 29 20.29 -49.05 -29.61
CA SER G 29 20.04 -48.38 -28.33
C SER G 29 21.20 -48.65 -27.38
N GLY G 30 21.24 -47.94 -26.24
CA GLY G 30 22.23 -48.21 -25.19
C GLY G 30 23.67 -47.78 -25.43
N PHE G 31 23.91 -47.03 -26.52
CA PHE G 31 25.27 -46.70 -26.91
C PHE G 31 25.71 -45.29 -26.47
N HIS G 32 27.02 -45.08 -26.33
CA HIS G 32 27.60 -43.76 -26.03
C HIS G 32 29.08 -43.84 -26.48
N PRO G 33 29.70 -42.83 -27.09
CA PRO G 33 29.10 -41.58 -27.54
C PRO G 33 28.18 -41.79 -28.74
N SER G 34 27.70 -40.71 -29.35
CA SER G 34 26.53 -40.78 -30.22
C SER G 34 26.86 -41.06 -31.69
N ASP G 35 28.04 -40.70 -32.18
CA ASP G 35 28.37 -41.00 -33.58
C ASP G 35 28.23 -42.51 -33.80
N ILE G 36 27.49 -42.90 -34.84
CA ILE G 36 27.50 -44.27 -35.35
C ILE G 36 27.07 -44.31 -36.82
N GLU G 37 27.47 -45.37 -37.54
CA GLU G 37 26.90 -45.64 -38.85
C GLU G 37 26.22 -46.99 -38.77
N VAL G 38 24.94 -46.98 -39.13
CA VAL G 38 24.18 -48.20 -39.33
C VAL G 38 23.58 -48.19 -40.73
N ASP G 39 23.70 -49.35 -41.41
CA ASP G 39 22.91 -49.64 -42.61
C ASP G 39 22.11 -50.90 -42.56
N LEU G 40 21.07 -50.91 -43.39
CA LEU G 40 20.22 -52.07 -43.58
C LEU G 40 20.66 -52.75 -44.89
N LEU G 41 20.74 -54.07 -44.87
CA LEU G 41 21.25 -54.88 -45.99
C LEU G 41 20.16 -55.76 -46.59
N LYS G 42 20.18 -55.92 -47.91
CA LYS G 42 19.35 -56.89 -48.62
C LYS G 42 20.29 -57.81 -49.36
N ASN G 43 20.34 -59.08 -48.96
CA ASN G 43 21.21 -60.11 -49.58
C ASN G 43 22.66 -59.67 -49.64
N GLY G 44 23.14 -59.09 -48.54
CA GLY G 44 24.52 -58.72 -48.38
C GLY G 44 24.87 -57.31 -48.81
N GLU G 45 23.95 -56.63 -49.48
CA GLU G 45 24.24 -55.35 -50.17
C GLU G 45 23.45 -54.18 -49.53
N ARG G 46 24.06 -53.01 -49.49
CA ARG G 46 23.57 -51.86 -48.72
C ARG G 46 22.32 -51.19 -49.33
N ILE G 47 21.27 -51.10 -48.53
CA ILE G 47 20.02 -50.47 -48.96
C ILE G 47 20.17 -48.93 -48.92
N GLU G 48 19.74 -48.24 -49.97
CA GLU G 48 20.05 -46.82 -50.18
C GLU G 48 19.00 -45.82 -49.64
N LYS G 49 17.77 -46.28 -49.44
CA LYS G 49 16.62 -45.38 -49.21
C LYS G 49 16.29 -45.25 -47.68
N VAL G 50 17.33 -45.10 -46.87
CA VAL G 50 17.27 -45.41 -45.42
C VAL G 50 17.07 -44.12 -44.64
N GLU G 51 16.07 -44.09 -43.78
CA GLU G 51 15.79 -42.93 -42.95
C GLU G 51 16.01 -43.28 -41.50
N HIS G 52 16.14 -42.25 -40.67
CA HIS G 52 16.33 -42.44 -39.24
C HIS G 52 15.64 -41.39 -38.37
N SER G 53 15.37 -41.77 -37.13
CA SER G 53 14.83 -40.85 -36.15
C SER G 53 15.89 -39.86 -35.67
N ASP G 54 15.37 -38.82 -35.02
CA ASP G 54 16.17 -37.74 -34.46
C ASP G 54 16.79 -38.23 -33.16
N LEU G 55 18.10 -38.09 -33.03
CA LEU G 55 18.84 -38.52 -31.82
C LEU G 55 18.15 -38.16 -30.49
N SER G 56 17.96 -39.17 -29.65
CA SER G 56 17.39 -39.01 -28.31
C SER G 56 18.19 -39.91 -27.36
N PHE G 57 17.78 -39.96 -26.09
CA PHE G 57 18.48 -40.76 -25.08
C PHE G 57 17.65 -41.13 -23.86
N SER G 58 18.10 -42.15 -23.14
CA SER G 58 17.40 -42.71 -21.97
C SER G 58 17.94 -42.13 -20.66
N LYS G 59 17.46 -42.62 -19.52
CA LYS G 59 17.95 -42.09 -18.24
C LYS G 59 19.40 -42.48 -17.96
N ASP G 60 19.82 -43.68 -18.37
CA ASP G 60 21.26 -43.96 -18.61
C ASP G 60 21.53 -43.12 -19.81
N TRP G 61 22.36 -42.08 -19.71
CA TRP G 61 22.48 -41.07 -20.78
C TRP G 61 22.85 -41.65 -22.18
N SER G 62 22.31 -42.83 -22.47
CA SER G 62 22.68 -43.63 -23.60
C SER G 62 21.67 -43.37 -24.74
N PHE G 63 22.21 -43.35 -25.96
CA PHE G 63 21.47 -42.89 -27.11
C PHE G 63 20.68 -44.04 -27.71
N TYR G 64 19.60 -43.70 -28.40
CA TYR G 64 18.82 -44.66 -29.20
C TYR G 64 18.36 -44.00 -30.50
N LEU G 65 18.13 -44.82 -31.50
CA LEU G 65 17.94 -44.34 -32.86
C LEU G 65 17.23 -45.47 -33.61
N LEU G 66 16.28 -45.09 -34.46
CA LEU G 66 15.57 -46.05 -35.31
C LEU G 66 15.89 -45.82 -36.80
N TYR G 67 16.47 -46.81 -37.48
CA TYR G 67 16.67 -46.75 -38.95
C TYR G 67 15.67 -47.64 -39.66
N TYR G 68 15.02 -47.16 -40.72
CA TYR G 68 14.00 -47.95 -41.42
C TYR G 68 13.92 -47.65 -42.93
N THR G 69 13.53 -48.69 -43.73
CA THR G 69 13.06 -48.57 -45.15
C THR G 69 11.73 -49.28 -45.39
N GLU G 70 11.03 -48.87 -46.46
CA GLU G 70 9.97 -49.70 -47.06
C GLU G 70 10.67 -50.91 -47.64
N PHE G 71 10.08 -52.08 -47.42
CA PHE G 71 10.54 -53.32 -48.06
C PHE G 71 9.40 -54.33 -48.24
N THR G 72 9.60 -55.20 -49.23
CA THR G 72 8.73 -56.33 -49.52
C THR G 72 9.57 -57.62 -49.22
N PRO G 73 9.21 -58.33 -48.13
CA PRO G 73 10.00 -59.50 -47.69
C PRO G 73 9.73 -60.78 -48.45
N THR G 74 10.42 -61.01 -49.57
CA THR G 74 10.19 -62.19 -50.38
C THR G 74 10.65 -63.43 -49.58
N GLU G 75 10.11 -64.62 -49.88
CA GLU G 75 10.55 -65.88 -49.25
C GLU G 75 12.06 -66.15 -49.21
N LYS G 76 12.78 -65.73 -50.25
CA LYS G 76 14.20 -66.05 -50.41
C LYS G 76 15.19 -64.88 -50.08
N ASP G 77 14.71 -63.68 -49.83
CA ASP G 77 15.61 -62.57 -49.48
C ASP G 77 15.98 -62.66 -47.98
N GLU G 78 17.28 -62.61 -47.66
CA GLU G 78 17.78 -62.22 -46.34
C GLU G 78 17.98 -60.70 -46.22
N TYR G 79 17.46 -60.14 -45.15
CA TYR G 79 17.80 -58.79 -44.74
C TYR G 79 18.65 -58.81 -43.45
N ALA G 80 19.34 -57.72 -43.14
CA ALA G 80 20.19 -57.61 -41.92
C ALA G 80 20.43 -56.17 -41.50
N CYS G 81 21.01 -55.95 -40.32
CA CYS G 81 21.52 -54.62 -39.89
C CYS G 81 23.04 -54.68 -39.70
N ARG G 82 23.80 -53.77 -40.33
CA ARG G 82 25.23 -53.63 -40.07
C ARG G 82 25.53 -52.36 -39.29
N VAL G 83 26.17 -52.50 -38.12
CA VAL G 83 26.41 -51.33 -37.22
C VAL G 83 27.88 -51.20 -36.80
N ASN G 84 28.35 -49.95 -36.78
CA ASN G 84 29.69 -49.61 -36.33
C ASN G 84 29.65 -48.48 -35.33
N HIS G 85 30.63 -48.50 -34.43
CA HIS G 85 30.68 -47.64 -33.26
C HIS G 85 32.11 -47.78 -32.78
N VAL G 86 32.59 -46.80 -32.03
CA VAL G 86 33.98 -46.77 -31.54
C VAL G 86 34.25 -47.92 -30.56
N THR G 87 33.21 -48.40 -29.92
CA THR G 87 33.35 -49.45 -28.90
C THR G 87 33.50 -50.86 -29.48
N LEU G 88 33.34 -50.97 -30.81
CA LEU G 88 33.37 -52.24 -31.54
C LEU G 88 34.66 -52.33 -32.34
N SER G 89 35.35 -53.47 -32.26
CA SER G 89 36.59 -53.71 -33.02
C SER G 89 36.32 -53.91 -34.52
N GLN G 90 35.08 -54.24 -34.88
CA GLN G 90 34.66 -54.47 -36.26
C GLN G 90 33.13 -54.30 -36.38
N PRO G 91 32.66 -53.90 -37.57
CA PRO G 91 31.21 -53.76 -37.75
C PRO G 91 30.47 -55.05 -37.40
N LYS G 92 29.35 -54.91 -36.71
CA LYS G 92 28.59 -56.03 -36.17
C LYS G 92 27.33 -56.20 -37.03
N ILE G 93 27.13 -57.41 -37.53
CA ILE G 93 26.00 -57.73 -38.40
C ILE G 93 24.98 -58.58 -37.62
N VAL G 94 23.70 -58.24 -37.73
CA VAL G 94 22.62 -59.01 -37.11
C VAL G 94 21.58 -59.32 -38.21
N LYS G 95 21.46 -60.60 -38.61
CA LYS G 95 20.46 -61.02 -39.62
C LYS G 95 19.06 -60.86 -39.07
N TRP G 96 18.14 -60.46 -39.94
CA TRP G 96 16.73 -60.37 -39.61
C TRP G 96 16.11 -61.76 -39.63
N ASP G 97 15.57 -62.13 -38.48
CA ASP G 97 14.75 -63.33 -38.30
C ASP G 97 13.29 -62.85 -38.22
N ARG G 98 12.42 -63.33 -39.10
CA ARG G 98 11.03 -62.82 -39.09
C ARG G 98 10.26 -63.14 -37.81
N ASP G 99 10.74 -64.08 -36.98
CA ASP G 99 10.14 -64.27 -35.66
C ASP G 99 11.01 -63.78 -34.48
N MET G 100 11.75 -62.68 -34.66
CA MET G 100 12.46 -62.02 -33.54
C MET G 100 12.34 -60.49 -33.64
N SER H 1 6.15 -26.07 -24.81
CA SER H 1 7.07 -25.02 -25.30
C SER H 1 8.40 -25.02 -24.51
N LEU H 2 9.48 -24.66 -25.21
CA LEU H 2 10.85 -24.53 -24.66
C LEU H 2 10.99 -23.42 -23.62
N PHE H 3 12.01 -23.60 -22.76
CA PHE H 3 12.40 -22.60 -21.78
C PHE H 3 13.20 -21.46 -22.46
N ASN H 4 13.10 -20.22 -21.98
CA ASN H 4 13.71 -19.04 -22.67
C ASN H 4 15.19 -18.82 -22.31
N THR H 5 15.40 -18.49 -21.04
CA THR H 5 16.67 -18.15 -20.48
C THR H 5 17.30 -19.45 -20.03
N ILE H 6 18.33 -19.91 -20.74
CA ILE H 6 19.08 -21.08 -20.33
C ILE H 6 20.40 -20.56 -19.77
N ALA H 7 20.69 -20.98 -18.55
CA ALA H 7 21.89 -20.58 -17.87
C ALA H 7 23.12 -21.28 -18.46
N VAL H 8 24.08 -20.44 -18.85
CA VAL H 8 25.47 -20.88 -19.11
C VAL H 8 26.13 -21.50 -17.85
N LEU H 9 26.97 -22.52 -18.08
CA LEU H 9 28.08 -22.86 -17.18
C LEU H 9 29.22 -21.87 -17.47
N LYS I 1 -2.01 -2.46 -24.67
CA LYS I 1 -0.69 -2.51 -23.96
C LYS I 1 -0.63 -3.71 -23.03
N GLU I 2 0.31 -4.59 -23.27
CA GLU I 2 0.42 -5.80 -22.48
C GLU I 2 0.68 -5.52 -20.96
N VAL I 3 1.47 -4.50 -20.62
CA VAL I 3 1.84 -4.26 -19.20
C VAL I 3 1.26 -2.95 -18.72
N GLU I 4 0.39 -2.95 -17.72
CA GLU I 4 -0.36 -1.74 -17.38
C GLU I 4 0.08 -1.13 -16.05
N GLN I 5 0.43 0.16 -16.11
CA GLN I 5 0.67 1.02 -14.99
C GLN I 5 -0.15 2.31 -15.17
N ASN I 6 -0.70 2.84 -14.08
CA ASN I 6 -1.18 4.20 -14.06
C ASN I 6 0.01 5.20 -14.03
N SER I 7 -0.16 6.31 -14.75
CA SER I 7 0.84 7.40 -14.79
C SER I 7 1.04 8.11 -13.47
N GLY I 8 -0.06 8.33 -12.76
CA GLY I 8 -0.08 9.19 -11.57
C GLY I 8 -0.05 10.62 -12.07
N PRO I 9 0.63 11.54 -11.37
CA PRO I 9 1.42 11.30 -10.16
C PRO I 9 0.65 10.67 -9.01
N LEU I 10 1.31 9.87 -8.20
CA LEU I 10 0.82 9.43 -6.91
C LEU I 10 1.58 10.24 -5.85
N SER I 11 0.90 10.72 -4.80
CA SER I 11 1.57 11.40 -3.66
C SER I 11 1.59 10.61 -2.41
N VAL I 12 2.66 10.71 -1.67
CA VAL I 12 2.85 9.95 -0.46
C VAL I 12 3.46 10.95 0.49
N PRO I 13 2.95 11.04 1.72
CA PRO I 13 3.68 11.82 2.73
C PRO I 13 5.05 11.26 3.06
N GLU I 14 6.02 12.13 3.24
CA GLU I 14 7.38 11.70 3.66
C GLU I 14 7.35 10.86 4.94
N GLY I 15 8.05 9.73 4.88
CA GLY I 15 8.06 8.74 5.95
C GLY I 15 7.01 7.66 5.84
N ALA I 16 6.03 7.86 4.95
CA ALA I 16 4.91 6.94 4.81
C ALA I 16 5.18 5.93 3.71
N ILE I 17 4.36 4.88 3.63
CA ILE I 17 4.58 3.80 2.69
C ILE I 17 4.03 4.18 1.32
N ALA I 18 4.83 4.00 0.27
CA ALA I 18 4.38 4.19 -1.10
C ALA I 18 4.09 2.84 -1.70
N SER I 19 3.03 2.76 -2.48
CA SER I 19 2.51 1.52 -2.98
C SER I 19 2.35 1.71 -4.46
N LEU I 20 2.97 0.84 -5.26
CA LEU I 20 2.86 0.93 -6.69
C LEU I 20 2.41 -0.38 -7.24
N ASN I 21 1.38 -0.36 -8.07
CA ASN I 21 0.93 -1.57 -8.68
C ASN I 21 1.15 -1.60 -10.17
N CYS I 22 1.28 -2.81 -10.67
CA CYS I 22 1.44 -3.06 -12.09
C CYS I 22 0.71 -4.36 -12.39
N THR I 23 0.13 -4.41 -13.57
CA THR I 23 -0.80 -5.47 -13.95
C THR I 23 -0.33 -6.02 -15.29
N TYR I 24 -0.50 -7.31 -15.54
CA TYR I 24 -0.15 -7.84 -16.86
C TYR I 24 -1.13 -8.89 -17.29
N SER I 25 -1.19 -9.17 -18.60
CA SER I 25 -2.20 -10.12 -19.13
C SER I 25 -1.68 -11.50 -19.59
N ASP I 26 -0.43 -11.60 -20.02
CA ASP I 26 0.12 -12.81 -20.68
C ASP I 26 0.48 -13.85 -19.64
N ARG I 27 -0.10 -15.05 -19.79
CA ARG I 27 0.07 -16.08 -18.76
C ARG I 27 1.45 -16.67 -18.81
N GLY I 28 2.16 -16.52 -19.94
CA GLY I 28 3.53 -16.88 -20.03
C GLY I 28 4.48 -15.91 -19.37
N SER I 29 4.01 -14.84 -18.71
CA SER I 29 4.94 -13.92 -18.05
C SER I 29 5.67 -14.65 -16.94
N GLN I 30 6.99 -14.60 -16.98
CA GLN I 30 7.85 -15.43 -16.11
C GLN I 30 8.76 -14.69 -15.17
N SER I 31 9.32 -13.55 -15.60
CA SER I 31 10.31 -12.75 -14.85
C SER I 31 9.87 -11.29 -14.76
N PHE I 32 9.95 -10.69 -13.59
CA PHE I 32 9.43 -9.35 -13.33
C PHE I 32 10.44 -8.43 -12.64
N PHE I 33 10.45 -7.16 -13.03
CA PHE I 33 11.50 -6.25 -12.57
C PHE I 33 10.87 -4.90 -12.37
N TRP I 34 11.47 -4.10 -11.50
CA TRP I 34 11.10 -2.73 -11.26
C TRP I 34 12.34 -1.86 -11.50
N TYR I 35 12.15 -0.79 -12.25
CA TYR I 35 13.18 0.18 -12.56
C TYR I 35 12.83 1.55 -11.96
N ARG I 36 13.83 2.31 -11.54
CA ARG I 36 13.59 3.68 -11.12
C ARG I 36 14.17 4.64 -12.14
N GLN I 37 13.48 5.72 -12.47
CA GLN I 37 13.96 6.69 -13.47
C GLN I 37 13.74 8.05 -12.91
N TYR I 38 14.85 8.72 -12.59
CA TYR I 38 14.82 10.11 -12.20
C TYR I 38 14.69 10.96 -13.46
N SER I 39 14.03 12.10 -13.31
CA SER I 39 13.87 13.05 -14.39
C SER I 39 15.18 13.34 -15.17
N GLY I 40 15.17 13.16 -16.49
CA GLY I 40 16.34 13.39 -17.32
C GLY I 40 17.40 12.31 -17.31
N LYS I 41 17.13 11.14 -16.73
CA LYS I 41 18.12 10.06 -16.53
C LYS I 41 17.62 8.76 -17.11
N SER I 42 18.44 7.73 -17.08
CA SER I 42 18.04 6.43 -17.60
C SER I 42 17.44 5.60 -16.51
N PRO I 43 16.74 4.50 -16.83
CA PRO I 43 16.20 3.60 -15.82
C PRO I 43 17.26 2.76 -15.11
N GLU I 44 17.00 2.46 -13.85
CA GLU I 44 17.96 1.83 -12.96
C GLU I 44 17.28 0.63 -12.32
N LEU I 45 17.84 -0.55 -12.45
CA LEU I 45 17.27 -1.75 -11.86
C LEU I 45 17.31 -1.60 -10.38
N ILE I 46 16.16 -1.78 -9.74
CA ILE I 46 16.11 -1.77 -8.27
C ILE I 46 15.59 -3.06 -7.67
N MET I 47 14.84 -3.87 -8.40
CA MET I 47 14.30 -5.10 -7.87
C MET I 47 14.01 -6.09 -8.95
N PHE I 48 14.36 -7.35 -8.75
CA PHE I 48 13.79 -8.43 -9.55
C PHE I 48 13.08 -9.43 -8.64
N ILE I 49 11.96 -9.97 -9.14
CA ILE I 49 11.25 -11.04 -8.47
C ILE I 49 10.91 -12.10 -9.50
N TYR I 50 11.25 -13.35 -9.17
CA TYR I 50 11.01 -14.51 -10.01
C TYR I 50 9.97 -15.51 -9.46
N SER I 51 9.56 -15.33 -8.20
CA SER I 51 8.65 -16.26 -7.47
C SER I 51 7.55 -15.53 -6.72
N ASN I 52 6.36 -16.10 -6.79
CA ASN I 52 5.25 -15.60 -6.00
C ASN I 52 5.67 -15.42 -4.57
N GLY I 53 5.18 -14.34 -3.98
CA GLY I 53 5.44 -14.01 -2.60
C GLY I 53 6.02 -12.64 -2.50
N ASP I 54 6.62 -12.35 -1.34
CA ASP I 54 7.31 -11.11 -1.10
C ASP I 54 8.81 -11.26 -1.33
N LYS I 55 9.44 -10.14 -1.65
CA LYS I 55 10.89 -10.04 -1.65
C LYS I 55 11.28 -8.67 -1.08
N GLU I 56 12.08 -8.69 -0.03
CA GLU I 56 12.41 -7.51 0.75
C GLU I 56 13.84 -7.16 0.43
N ASP I 57 14.12 -5.90 0.20
CA ASP I 57 15.51 -5.45 0.02
C ASP I 57 15.60 -3.98 0.50
N GLY I 58 16.11 -3.80 1.71
CA GLY I 58 16.15 -2.50 2.32
C GLY I 58 14.74 -2.04 2.55
N ARG I 59 14.43 -0.82 2.10
CA ARG I 59 13.08 -0.28 2.26
C ARG I 59 12.13 -0.73 1.15
N PHE I 60 12.63 -1.44 0.13
CA PHE I 60 11.77 -1.92 -0.92
C PHE I 60 11.25 -3.31 -0.61
N THR I 61 9.96 -3.51 -0.86
CA THR I 61 9.32 -4.84 -0.88
C THR I 61 8.54 -5.03 -2.20
N ALA I 62 8.87 -6.09 -2.95
CA ALA I 62 8.17 -6.44 -4.19
C ALA I 62 7.29 -7.62 -3.91
N GLN I 63 6.07 -7.60 -4.44
CA GLN I 63 5.10 -8.64 -4.19
C GLN I 63 4.62 -9.14 -5.52
N LEU I 64 4.77 -10.44 -5.78
CA LEU I 64 4.37 -10.99 -7.07
C LEU I 64 3.31 -12.02 -6.94
N ASN I 65 2.20 -11.85 -7.67
CA ASN I 65 1.14 -12.83 -7.67
C ASN I 65 0.75 -13.17 -9.11
N LYS I 66 1.25 -14.31 -9.60
CA LYS I 66 1.00 -14.72 -10.97
C LYS I 66 -0.44 -15.22 -11.24
N ALA I 67 -1.14 -15.67 -10.21
CA ALA I 67 -2.53 -16.09 -10.36
C ALA I 67 -3.42 -14.86 -10.58
N SER I 68 -3.20 -13.83 -9.77
CA SER I 68 -3.96 -12.59 -9.91
C SER I 68 -3.36 -11.67 -11.01
N GLN I 69 -2.16 -12.02 -11.48
CA GLN I 69 -1.49 -11.30 -12.54
C GLN I 69 -1.19 -9.81 -12.23
N TYR I 70 -0.81 -9.54 -10.98
CA TYR I 70 -0.23 -8.27 -10.59
C TYR I 70 1.19 -8.38 -10.08
N ILE I 71 1.86 -7.24 -10.04
CA ILE I 71 3.07 -7.10 -9.26
C ILE I 71 3.19 -5.73 -8.62
N SER I 72 3.64 -5.69 -7.37
CA SER I 72 3.65 -4.50 -6.58
C SER I 72 5.08 -4.17 -6.15
N LEU I 73 5.33 -2.88 -5.92
CA LEU I 73 6.49 -2.41 -5.20
C LEU I 73 6.00 -1.53 -4.03
N LEU I 74 6.43 -1.88 -2.84
CA LEU I 74 6.22 -1.07 -1.62
C LEU I 74 7.53 -0.42 -1.21
N ILE I 75 7.49 0.86 -0.86
CA ILE I 75 8.67 1.59 -0.41
C ILE I 75 8.35 2.09 0.96
N ARG I 76 8.90 1.47 1.99
CA ARG I 76 8.66 1.97 3.36
C ARG I 76 9.58 3.17 3.69
N ASP I 77 9.11 4.03 4.58
CA ASP I 77 9.93 5.17 5.05
C ASP I 77 10.37 6.04 3.86
N SER I 78 9.39 6.53 3.11
CA SER I 78 9.66 7.24 1.86
C SER I 78 10.53 8.43 2.10
N LYS I 79 11.51 8.65 1.22
CA LYS I 79 12.36 9.82 1.29
C LYS I 79 12.00 10.74 0.14
N LEU I 80 12.34 12.01 0.24
CA LEU I 80 12.26 12.90 -0.93
C LEU I 80 13.07 12.39 -2.12
N SER I 81 14.22 11.79 -1.89
CA SER I 81 15.02 11.29 -3.01
C SER I 81 14.40 10.08 -3.67
N ASP I 82 13.29 9.53 -3.17
CA ASP I 82 12.55 8.47 -3.85
C ASP I 82 11.59 9.03 -4.89
N SER I 83 11.39 10.34 -4.98
CA SER I 83 10.50 10.90 -6.00
C SER I 83 11.13 10.62 -7.34
N ALA I 84 10.45 9.85 -8.17
CA ALA I 84 10.98 9.43 -9.48
C ALA I 84 9.87 8.70 -10.21
N THR I 85 10.12 8.30 -11.46
CA THR I 85 9.17 7.47 -12.16
C THR I 85 9.57 6.01 -11.90
N TYR I 86 8.58 5.18 -11.56
CA TYR I 86 8.84 3.78 -11.32
C TYR I 86 8.25 2.99 -12.45
N LEU I 87 9.10 2.22 -13.13
CA LEU I 87 8.70 1.43 -14.29
C LEU I 87 8.76 -0.03 -13.98
N CYS I 88 7.79 -0.70 -14.46
CA CYS I 88 7.53 -2.07 -14.20
C CYS I 88 7.83 -2.79 -15.54
N ALA I 89 8.62 -3.84 -15.47
CA ALA I 89 8.95 -4.61 -16.67
C ALA I 89 8.73 -6.10 -16.50
N VAL I 90 8.37 -6.76 -17.61
CA VAL I 90 8.05 -8.17 -17.61
C VAL I 90 8.68 -8.89 -18.76
N ARG I 91 9.15 -10.13 -18.52
CA ARG I 91 9.74 -10.98 -19.58
C ARG I 91 8.97 -12.26 -19.72
N THR I 92 8.51 -12.57 -20.92
CA THR I 92 7.67 -13.76 -21.15
C THR I 92 8.58 -14.90 -21.42
N ASN I 93 8.04 -16.12 -21.35
CA ASN I 93 8.79 -17.32 -21.77
C ASN I 93 9.02 -17.41 -23.26
N SER I 94 8.48 -16.54 -24.10
CA SER I 94 8.63 -16.77 -25.55
C SER I 94 9.91 -16.11 -26.08
N GLY I 95 10.68 -15.46 -25.20
CA GLY I 95 11.87 -14.78 -25.66
C GLY I 95 12.62 -14.03 -24.60
N TYR I 96 13.31 -12.98 -25.01
CA TYR I 96 14.37 -12.31 -24.26
C TYR I 96 14.14 -10.78 -24.13
N ALA I 97 12.99 -10.28 -24.61
CA ALA I 97 12.72 -8.84 -24.60
C ALA I 97 12.02 -8.47 -23.33
N LEU I 98 12.14 -7.22 -22.90
CA LEU I 98 11.35 -6.71 -21.76
C LEU I 98 10.11 -5.98 -22.28
N ASN I 99 8.93 -6.22 -21.71
CA ASN I 99 7.74 -5.40 -22.02
C ASN I 99 7.54 -4.50 -20.78
N PHE I 100 7.44 -3.20 -21.02
CA PHE I 100 7.49 -2.22 -19.96
C PHE I 100 6.14 -1.52 -19.81
N GLY I 101 5.80 -1.16 -18.59
CA GLY I 101 4.69 -0.24 -18.39
C GLY I 101 5.08 1.16 -18.81
N LYS I 102 4.09 2.08 -19.02
CA LYS I 102 4.43 3.52 -18.94
C LYS I 102 5.04 3.54 -17.58
N GLY I 103 5.54 4.62 -17.03
CA GLY I 103 5.92 4.46 -15.57
C GLY I 103 4.85 5.11 -14.72
N THR I 104 4.87 4.82 -13.41
CA THR I 104 4.10 5.66 -12.47
C THR I 104 5.04 6.63 -11.78
N SER I 105 4.69 7.90 -11.88
CA SER I 105 5.42 8.98 -11.23
C SER I 105 5.09 9.04 -9.72
N LEU I 106 6.10 8.96 -8.86
CA LEU I 106 5.89 9.09 -7.41
C LEU I 106 6.41 10.44 -6.89
N LEU I 107 5.58 11.22 -6.22
CA LEU I 107 6.02 12.45 -5.56
C LEU I 107 5.93 12.30 -4.05
N VAL I 108 7.06 12.32 -3.34
CA VAL I 108 7.02 12.22 -1.86
C VAL I 108 7.00 13.62 -1.30
N THR I 109 5.90 14.01 -0.69
CA THR I 109 5.71 15.38 -0.21
C THR I 109 6.21 15.50 1.22
N PRO I 110 7.07 16.47 1.50
CA PRO I 110 7.56 16.74 2.86
C PRO I 110 6.51 17.42 3.74
N HIS I 111 6.63 17.20 5.05
CA HIS I 111 5.86 17.95 6.03
C HIS I 111 6.48 19.32 6.35
N ILE I 112 5.70 20.37 6.09
CA ILE I 112 6.14 21.71 6.35
C ILE I 112 5.73 22.09 7.77
N GLN I 113 6.78 22.12 8.59
CA GLN I 113 6.77 22.44 10.01
C GLN I 113 5.99 23.70 10.37
N LYS I 114 6.45 24.88 9.91
CA LYS I 114 5.80 26.18 10.18
C LYS I 114 5.55 26.92 8.84
N PRO I 115 4.42 26.63 8.15
CA PRO I 115 4.22 27.26 6.86
C PRO I 115 3.98 28.79 7.06
N ASP I 116 4.39 29.61 6.12
CA ASP I 116 3.81 30.96 5.99
C ASP I 116 3.79 31.39 4.53
N PRO I 117 2.69 31.02 3.87
CA PRO I 117 2.55 31.31 2.48
C PRO I 117 2.65 32.80 2.14
N ALA I 118 3.33 33.09 1.03
CA ALA I 118 3.54 34.44 0.55
C ALA I 118 3.77 34.43 -0.93
N VAL I 119 3.45 35.55 -1.56
CA VAL I 119 3.75 35.81 -2.95
C VAL I 119 4.62 37.06 -2.98
N TYR I 120 5.85 36.91 -3.45
CA TYR I 120 6.81 38.01 -3.55
C TYR I 120 7.09 38.34 -5.01
N GLN I 121 7.49 39.58 -5.25
CA GLN I 121 7.88 40.01 -6.58
C GLN I 121 9.40 40.16 -6.64
N LEU I 122 10.04 39.56 -7.63
CA LEU I 122 11.48 39.65 -7.78
C LEU I 122 11.85 40.43 -9.05
N ARG I 123 12.70 41.45 -8.92
CA ARG I 123 13.16 42.24 -10.07
C ARG I 123 14.37 41.60 -10.76
N ASP I 124 14.42 41.70 -12.09
CA ASP I 124 15.57 41.21 -12.88
C ASP I 124 16.86 41.92 -12.44
N SER I 125 17.93 41.14 -12.26
CA SER I 125 19.26 41.69 -11.94
C SER I 125 19.75 42.72 -12.97
N LYS I 126 19.51 42.43 -14.26
CA LYS I 126 19.75 43.39 -15.34
C LYS I 126 18.65 44.45 -15.30
N SER I 127 19.05 45.70 -15.54
CA SER I 127 18.13 46.87 -15.42
C SER I 127 16.98 46.77 -16.46
N SER I 128 16.05 45.85 -16.18
CA SER I 128 14.92 45.56 -17.06
C SER I 128 13.66 45.72 -16.21
N ASP I 129 12.55 46.12 -16.85
CA ASP I 129 11.20 46.05 -16.24
C ASP I 129 10.70 44.61 -16.01
N LYS I 130 11.33 43.63 -16.66
CA LYS I 130 11.04 42.24 -16.46
C LYS I 130 11.04 41.86 -14.93
N SER I 131 10.11 40.98 -14.57
CA SER I 131 9.78 40.64 -13.20
C SER I 131 9.26 39.21 -13.11
N VAL I 132 9.14 38.72 -11.89
CA VAL I 132 8.76 37.35 -11.61
C VAL I 132 7.96 37.31 -10.30
N CYS I 133 6.96 36.44 -10.23
CA CYS I 133 6.25 36.19 -8.97
C CYS I 133 6.62 34.83 -8.37
N LEU I 134 7.08 34.84 -7.13
CA LEU I 134 7.43 33.65 -6.38
C LEU I 134 6.36 33.39 -5.33
N PHE I 135 5.71 32.24 -5.41
CA PHE I 135 4.79 31.82 -4.38
C PHE I 135 5.62 30.82 -3.57
N THR I 136 5.80 31.06 -2.28
CA THR I 136 6.70 30.22 -1.48
C THR I 136 6.15 30.04 -0.08
N ASP I 137 6.66 29.02 0.64
CA ASP I 137 6.39 28.75 2.08
C ASP I 137 4.95 28.33 2.39
N PHE I 138 4.24 27.94 1.33
CA PHE I 138 2.99 27.26 1.49
C PHE I 138 3.19 25.81 1.93
N ASP I 139 2.15 25.31 2.56
CA ASP I 139 2.09 23.94 3.07
C ASP I 139 1.85 23.00 1.90
N SER I 140 2.22 21.74 2.14
CA SER I 140 2.24 20.71 1.12
C SER I 140 0.86 20.40 0.53
N GLN I 141 -0.20 20.64 1.29
CA GLN I 141 -1.57 20.38 0.77
C GLN I 141 -1.97 21.30 -0.39
N THR I 142 -1.40 22.48 -0.48
CA THR I 142 -1.63 23.37 -1.62
C THR I 142 -1.13 22.81 -2.98
N ASN I 143 -2.04 22.58 -3.92
CA ASN I 143 -1.73 22.32 -5.32
C ASN I 143 -1.59 23.64 -6.04
N VAL I 144 -0.84 23.63 -7.12
CA VAL I 144 -0.62 24.80 -7.93
C VAL I 144 -1.13 24.51 -9.30
N SER I 145 -2.19 25.16 -9.72
CA SER I 145 -2.69 24.93 -11.06
C SER I 145 -1.95 25.80 -12.10
N GLN I 146 -1.94 25.30 -13.34
CA GLN I 146 -1.48 26.07 -14.48
C GLN I 146 -2.46 27.23 -14.66
N SER I 147 -2.03 28.33 -15.26
CA SER I 147 -3.01 29.36 -15.61
C SER I 147 -3.74 28.97 -16.87
N LYS I 148 -5.05 29.25 -16.89
CA LYS I 148 -5.86 29.09 -18.08
C LYS I 148 -5.56 30.20 -19.11
N ASP I 149 -5.01 31.35 -18.66
CA ASP I 149 -4.50 32.35 -19.62
C ASP I 149 -3.15 31.87 -20.14
N SER I 150 -2.99 31.89 -21.47
CA SER I 150 -1.79 31.32 -22.10
C SER I 150 -0.61 32.30 -22.45
N ASP I 151 -0.69 33.59 -22.13
CA ASP I 151 0.55 34.40 -22.08
C ASP I 151 1.07 34.65 -20.66
N VAL I 152 0.62 33.81 -19.73
CA VAL I 152 1.14 33.77 -18.36
C VAL I 152 1.53 32.32 -18.06
N TYR I 153 2.78 32.14 -17.60
CA TYR I 153 3.40 30.84 -17.36
C TYR I 153 3.50 30.59 -15.86
N ILE I 154 3.14 29.38 -15.45
CA ILE I 154 3.20 29.01 -14.06
C ILE I 154 3.89 27.67 -13.94
N THR I 155 4.93 27.67 -13.11
CA THR I 155 5.78 26.56 -12.88
C THR I 155 5.07 25.61 -11.93
N ASP I 156 5.55 24.38 -11.87
CA ASP I 156 4.96 23.43 -10.95
C ASP I 156 5.51 23.71 -9.56
N LYS I 157 5.01 23.06 -8.51
CA LYS I 157 5.62 23.28 -7.16
C LYS I 157 6.88 22.44 -7.11
N CYS I 158 7.90 22.94 -6.45
CA CYS I 158 9.04 22.12 -6.16
C CYS I 158 9.58 22.40 -4.78
N VAL I 159 10.27 21.40 -4.25
CA VAL I 159 10.67 21.38 -2.85
C VAL I 159 12.18 21.53 -2.77
N LEU I 160 12.60 22.38 -1.88
CA LEU I 160 13.99 22.82 -1.78
C LEU I 160 14.45 22.47 -0.38
N ASP I 161 15.62 21.83 -0.26
CA ASP I 161 16.07 21.28 1.02
C ASP I 161 16.89 22.13 1.99
N MET I 162 17.67 23.13 1.55
CA MET I 162 18.45 23.98 2.46
C MET I 162 19.05 23.28 3.71
N ARG I 163 19.95 22.33 3.46
CA ARG I 163 20.25 21.30 4.46
C ARG I 163 20.98 21.82 5.70
N SER I 164 21.84 22.83 5.54
CA SER I 164 22.57 23.46 6.67
C SER I 164 21.64 23.93 7.79
N MET I 165 20.46 24.45 7.43
CA MET I 165 19.46 24.91 8.40
C MET I 165 18.29 23.90 8.66
N ASP I 166 18.41 22.66 8.21
CA ASP I 166 17.38 21.61 8.44
C ASP I 166 15.97 22.10 8.09
N PHE I 167 15.84 22.75 6.95
CA PHE I 167 14.65 23.53 6.62
C PHE I 167 14.20 23.19 5.21
N LYS I 168 12.89 23.03 5.01
CA LYS I 168 12.34 22.69 3.70
C LYS I 168 11.29 23.69 3.35
N SER I 169 11.02 23.81 2.07
CA SER I 169 10.22 24.91 1.51
C SER I 169 9.68 24.57 0.13
N ASN I 170 8.41 24.82 -0.07
CA ASN I 170 7.81 24.66 -1.39
C ASN I 170 7.87 26.00 -2.10
N SER I 171 7.80 25.96 -3.43
CA SER I 171 7.84 27.22 -4.20
C SER I 171 7.39 26.95 -5.59
N ALA I 172 6.74 27.95 -6.18
CA ALA I 172 6.42 27.96 -7.59
C ALA I 172 6.60 29.36 -8.12
N VAL I 173 6.74 29.49 -9.43
CA VAL I 173 7.03 30.77 -10.05
C VAL I 173 6.10 31.02 -11.22
N ALA I 174 5.83 32.30 -11.44
CA ALA I 174 4.89 32.73 -12.44
C ALA I 174 5.37 34.01 -13.06
N TRP I 175 5.21 34.14 -14.39
CA TRP I 175 5.71 35.31 -15.11
C TRP I 175 4.91 35.52 -16.40
N SER I 176 4.92 36.75 -16.90
CA SER I 176 4.25 37.07 -18.13
C SER I 176 4.84 38.31 -18.78
N ASN I 177 4.60 38.49 -20.08
CA ASN I 177 5.02 39.72 -20.75
C ASN I 177 3.88 40.74 -20.82
N LYS I 178 2.70 40.42 -20.29
CA LYS I 178 1.61 41.40 -20.28
C LYS I 178 1.70 42.39 -19.09
N SER I 179 1.61 43.70 -19.37
CA SER I 179 1.59 44.72 -18.29
C SER I 179 0.23 44.74 -17.57
N ASP I 180 -0.78 44.03 -18.09
CA ASP I 180 -1.99 43.70 -17.36
C ASP I 180 -1.88 42.41 -16.51
N PHE I 181 -0.75 42.22 -15.83
CA PHE I 181 -0.47 41.00 -15.03
C PHE I 181 0.24 41.40 -13.75
N ALA I 182 -0.33 41.02 -12.62
CA ALA I 182 0.17 41.36 -11.30
C ALA I 182 0.34 40.11 -10.45
N CYS I 183 1.35 40.15 -9.58
CA CYS I 183 1.51 39.13 -8.57
C CYS I 183 0.26 38.93 -7.72
N ALA I 184 -0.37 40.04 -7.38
CA ALA I 184 -1.68 40.03 -6.70
C ALA I 184 -2.71 39.00 -7.27
N ASN I 185 -2.77 38.84 -8.61
CA ASN I 185 -3.74 37.94 -9.27
C ASN I 185 -3.07 36.78 -10.06
N ALA I 186 -1.79 36.52 -9.79
CA ALA I 186 -1.00 35.56 -10.59
C ALA I 186 -1.41 34.11 -10.44
N PHE I 187 -1.61 33.69 -9.19
CA PHE I 187 -1.98 32.32 -8.88
C PHE I 187 -3.47 32.19 -8.62
N ASN I 188 -4.28 33.00 -9.28
CA ASN I 188 -5.74 33.06 -9.01
C ASN I 188 -6.53 31.78 -9.32
N ASN I 189 -6.05 30.95 -10.24
CA ASN I 189 -6.67 29.62 -10.48
C ASN I 189 -6.34 28.65 -9.34
N SER I 190 -5.28 28.93 -8.58
CA SER I 190 -4.85 28.02 -7.52
C SER I 190 -5.56 28.41 -6.26
N ILE I 191 -5.94 27.42 -5.46
CA ILE I 191 -6.52 27.68 -4.15
C ILE I 191 -5.38 28.14 -3.22
N ILE I 192 -5.18 29.47 -3.23
CA ILE I 192 -4.31 30.23 -2.31
C ILE I 192 -4.95 30.14 -0.90
N PRO I 193 -4.13 29.88 0.14
CA PRO I 193 -4.63 29.97 1.52
C PRO I 193 -5.02 31.41 1.88
N GLU I 194 -6.06 31.57 2.68
CA GLU I 194 -6.58 32.90 3.03
C GLU I 194 -5.51 33.85 3.59
N ASP I 195 -4.60 33.30 4.39
CA ASP I 195 -3.58 34.04 5.11
C ASP I 195 -2.28 34.26 4.32
N THR I 196 -2.31 34.31 2.99
CA THR I 196 -1.11 34.47 2.17
C THR I 196 -0.70 35.95 2.22
N PHE I 197 0.60 36.19 2.40
CA PHE I 197 1.18 37.55 2.52
C PHE I 197 1.40 38.05 1.09
N PHE I 198 0.81 39.22 0.74
CA PHE I 198 0.97 39.89 -0.59
C PHE I 198 1.57 41.30 -0.39
N PRO I 199 2.91 41.38 -0.24
CA PRO I 199 3.61 42.66 -0.09
C PRO I 199 3.67 43.48 -1.42
N SER I 200 3.89 44.80 -1.31
CA SER I 200 4.34 45.67 -2.44
C SER I 200 5.89 45.60 -2.65
N ALA J 2 33.43 0.79 -15.12
CA ALA J 2 32.96 -0.61 -15.35
C ALA J 2 31.56 -0.74 -16.03
N GLY J 3 30.75 0.34 -16.07
CA GLY J 3 29.31 0.28 -16.48
C GLY J 3 28.98 0.36 -17.96
N VAL J 4 27.69 0.40 -18.31
CA VAL J 4 27.29 0.50 -19.72
C VAL J 4 27.55 1.92 -20.19
N THR J 5 27.98 2.07 -21.44
CA THR J 5 28.37 3.35 -21.98
C THR J 5 27.73 3.59 -23.35
N GLN J 6 27.45 4.85 -23.65
CA GLN J 6 26.78 5.22 -24.87
C GLN J 6 27.28 6.54 -25.33
N SER J 7 27.29 6.74 -26.65
CA SER J 7 27.51 8.04 -27.26
C SER J 7 26.74 8.10 -28.59
N PRO J 8 26.41 9.31 -29.06
CA PRO J 8 26.60 10.54 -28.28
C PRO J 8 25.56 10.64 -27.17
N THR J 9 25.78 11.60 -26.30
CA THR J 9 24.80 11.98 -25.29
C THR J 9 23.54 12.66 -25.90
N HIS J 10 23.72 13.60 -26.84
CA HIS J 10 22.58 14.41 -27.39
C HIS J 10 22.73 14.52 -28.90
N LEU J 11 21.64 14.42 -29.65
CA LEU J 11 21.67 14.65 -31.12
C LEU J 11 20.46 15.45 -31.60
N ILE J 12 20.72 16.36 -32.52
CA ILE J 12 19.66 17.02 -33.28
C ILE J 12 19.88 16.66 -34.75
N LYS J 13 18.81 16.19 -35.37
CA LYS J 13 18.84 15.81 -36.77
C LYS J 13 17.60 16.34 -37.48
N THR J 14 17.64 16.42 -38.81
CA THR J 14 16.43 16.82 -39.52
C THR J 14 15.75 15.63 -40.20
N ARG J 15 14.51 15.83 -40.60
CA ARG J 15 13.73 14.75 -41.19
C ARG J 15 14.41 14.21 -42.42
N GLY J 16 14.44 12.90 -42.53
CA GLY J 16 14.97 12.25 -43.68
C GLY J 16 16.41 11.90 -43.54
N GLN J 17 17.08 12.39 -42.49
CA GLN J 17 18.51 12.10 -42.30
C GLN J 17 18.70 10.69 -41.70
N GLN J 18 19.96 10.30 -41.51
CA GLN J 18 20.30 9.04 -40.88
C GLN J 18 21.21 9.28 -39.68
N VAL J 19 21.13 8.40 -38.69
CA VAL J 19 22.00 8.47 -37.53
C VAL J 19 22.49 7.14 -37.08
N THR J 20 23.68 7.15 -36.50
CA THR J 20 24.30 5.94 -35.98
C THR J 20 24.68 6.11 -34.50
N LEU J 21 24.21 5.20 -33.66
CA LEU J 21 24.32 5.33 -32.19
C LEU J 21 25.20 4.22 -31.68
N ARG J 22 26.06 4.52 -30.72
CA ARG J 22 27.06 3.55 -30.23
C ARG J 22 26.77 3.12 -28.80
N CYS J 23 26.97 1.85 -28.49
CA CYS J 23 26.84 1.34 -27.15
C CYS J 23 27.88 0.30 -26.82
N SER J 24 28.56 0.45 -25.69
CA SER J 24 29.39 -0.65 -25.12
C SER J 24 28.80 -1.29 -23.84
N PRO J 25 28.73 -2.62 -23.78
CA PRO J 25 28.11 -3.23 -22.62
C PRO J 25 28.98 -3.16 -21.41
N LYS J 26 28.35 -3.40 -20.28
CA LYS J 26 29.00 -3.54 -18.98
C LYS J 26 30.05 -4.69 -19.01
N GLN J 27 31.09 -4.59 -18.16
CA GLN J 27 32.16 -5.60 -18.13
C GLN J 27 31.56 -6.96 -17.83
N GLY J 28 31.88 -7.96 -18.63
CA GLY J 28 31.35 -9.29 -18.36
C GLY J 28 29.93 -9.56 -18.85
N HIS J 29 29.33 -8.58 -19.54
CA HIS J 29 28.07 -8.78 -20.25
C HIS J 29 28.36 -8.89 -21.75
N ASP J 30 27.63 -9.80 -22.39
CA ASP J 30 27.87 -10.10 -23.82
C ASP J 30 26.62 -9.99 -24.68
N THR J 31 25.50 -9.57 -24.09
CA THR J 31 24.33 -9.34 -24.88
C THR J 31 23.81 -7.94 -24.68
N VAL J 32 23.38 -7.35 -25.78
CA VAL J 32 23.00 -5.95 -25.83
C VAL J 32 21.63 -5.81 -26.43
N SER J 33 20.73 -5.16 -25.71
CA SER J 33 19.37 -4.91 -26.17
C SER J 33 19.18 -3.39 -26.36
N TRP J 34 18.68 -2.96 -27.53
CA TRP J 34 18.30 -1.53 -27.73
C TRP J 34 16.84 -1.29 -27.52
N TYR J 35 16.51 -0.18 -26.85
CA TYR J 35 15.13 0.25 -26.58
C TYR J 35 14.93 1.71 -26.96
N GLN J 36 13.68 2.05 -27.32
CA GLN J 36 13.23 3.43 -27.59
C GLN J 36 12.27 3.88 -26.50
N GLN J 37 12.52 5.02 -25.86
CA GLN J 37 11.64 5.51 -24.76
C GLN J 37 11.14 6.88 -25.07
N ALA J 38 9.89 6.99 -25.49
CA ALA J 38 9.34 8.32 -25.77
C ALA J 38 8.89 8.94 -24.47
N LEU J 39 8.77 10.26 -24.49
CA LEU J 39 8.43 11.07 -23.30
C LEU J 39 7.18 10.55 -22.63
N GLY J 40 7.24 10.31 -21.34
CA GLY J 40 6.06 9.81 -20.61
C GLY J 40 5.63 8.37 -20.82
N GLN J 41 6.46 7.58 -21.52
CA GLN J 41 6.16 6.19 -21.85
C GLN J 41 7.30 5.30 -21.34
N GLY J 42 7.09 3.98 -21.44
CA GLY J 42 8.09 2.99 -21.17
C GLY J 42 9.00 2.74 -22.36
N PRO J 43 10.18 2.20 -22.10
CA PRO J 43 11.02 1.72 -23.19
C PRO J 43 10.38 0.62 -24.03
N GLN J 44 10.48 0.76 -25.36
CA GLN J 44 9.94 -0.25 -26.29
C GLN J 44 11.14 -0.95 -26.95
N PHE J 45 11.09 -2.27 -26.94
CA PHE J 45 12.19 -3.08 -27.42
C PHE J 45 12.41 -2.97 -28.91
N ILE J 46 13.66 -2.72 -29.34
CA ILE J 46 14.01 -2.66 -30.75
C ILE J 46 14.66 -3.97 -31.22
N PHE J 47 15.87 -4.26 -30.75
CA PHE J 47 16.50 -5.58 -30.96
C PHE J 47 17.42 -5.98 -29.83
N GLN J 48 17.77 -7.28 -29.84
CA GLN J 48 18.80 -7.80 -28.94
C GLN J 48 19.86 -8.55 -29.76
N TYR J 49 21.12 -8.31 -29.43
CA TYR J 49 22.26 -8.91 -30.12
C TYR J 49 23.02 -9.84 -29.17
N TYR J 50 23.43 -10.99 -29.69
CA TYR J 50 24.27 -11.93 -28.95
C TYR J 50 25.18 -12.64 -29.95
N GLU J 51 26.46 -12.72 -29.59
CA GLU J 51 27.50 -13.29 -30.43
C GLU J 51 27.36 -12.76 -31.86
N GLU J 52 27.29 -11.44 -31.95
CA GLU J 52 27.29 -10.72 -33.21
C GLU J 52 26.05 -10.88 -34.09
N GLU J 53 25.03 -11.68 -33.75
CA GLU J 53 23.83 -11.70 -34.62
C GLU J 53 22.56 -11.32 -33.84
N GLU J 54 21.56 -10.92 -34.62
CA GLU J 54 20.33 -10.34 -34.10
C GLU J 54 19.47 -11.47 -33.62
N ARG J 55 19.48 -11.70 -32.32
CA ARG J 55 18.70 -12.77 -31.70
C ARG J 55 17.18 -12.53 -31.76
N GLN J 56 16.72 -11.29 -31.49
CA GLN J 56 15.30 -10.99 -31.42
C GLN J 56 15.04 -9.58 -31.90
N ARG J 57 13.88 -9.36 -32.50
CA ARG J 57 13.53 -8.08 -33.03
C ARG J 57 12.17 -7.69 -32.53
N GLY J 58 11.99 -6.39 -32.27
CA GLY J 58 10.73 -5.84 -31.86
C GLY J 58 9.82 -5.49 -33.00
N ASN J 59 9.00 -4.46 -32.80
CA ASN J 59 7.96 -4.08 -33.72
C ASN J 59 8.39 -2.73 -34.28
N PHE J 60 9.46 -2.76 -35.05
CA PHE J 60 10.04 -1.57 -35.71
C PHE J 60 10.39 -1.91 -37.15
N PRO J 61 10.25 -0.93 -38.06
CA PRO J 61 10.51 -1.24 -39.48
C PRO J 61 11.99 -1.33 -39.83
N ASP J 62 12.21 -1.78 -41.07
CA ASP J 62 13.55 -2.02 -41.63
C ASP J 62 14.54 -0.87 -41.50
N ARG J 63 14.08 0.37 -41.54
CA ARG J 63 14.98 1.53 -41.34
C ARG J 63 15.72 1.59 -40.01
N PHE J 64 15.33 0.79 -39.02
CA PHE J 64 16.14 0.55 -37.81
C PHE J 64 16.89 -0.74 -38.02
N SER J 65 18.21 -0.70 -37.93
CA SER J 65 19.03 -1.89 -38.18
C SER J 65 20.21 -1.77 -37.28
N GLY J 66 20.97 -2.85 -37.15
CA GLY J 66 21.98 -2.83 -36.10
C GLY J 66 23.08 -3.80 -36.32
N HIS J 67 24.06 -3.72 -35.45
CA HIS J 67 25.24 -4.57 -35.54
C HIS J 67 25.84 -4.67 -34.14
N GLN J 68 26.44 -5.82 -33.88
CA GLN J 68 27.29 -6.03 -32.72
C GLN J 68 28.61 -6.56 -33.26
N PHE J 69 29.72 -6.07 -32.71
CA PHE J 69 31.10 -6.37 -33.15
C PHE J 69 31.73 -7.47 -32.26
N PRO J 70 32.91 -7.96 -32.63
CA PRO J 70 33.59 -8.92 -31.76
C PRO J 70 33.79 -8.47 -30.30
N ASN J 71 34.13 -7.21 -30.01
CA ASN J 71 34.30 -6.80 -28.59
C ASN J 71 32.99 -6.65 -27.81
N TYR J 72 31.90 -7.12 -28.43
CA TYR J 72 30.51 -7.13 -27.91
C TYR J 72 29.78 -5.79 -27.98
N SER J 73 30.46 -4.72 -28.41
CA SER J 73 29.84 -3.41 -28.59
C SER J 73 28.85 -3.44 -29.77
N SER J 74 28.07 -2.38 -29.91
CA SER J 74 26.97 -2.39 -30.84
C SER J 74 26.75 -1.02 -31.41
N GLU J 75 26.18 -0.99 -32.61
CA GLU J 75 25.69 0.25 -33.17
C GLU J 75 24.27 0.05 -33.65
N LEU J 76 23.42 1.04 -33.37
CA LEU J 76 22.09 1.07 -33.99
C LEU J 76 22.08 2.19 -34.99
N ASN J 77 21.63 1.87 -36.20
CA ASN J 77 21.48 2.87 -37.24
C ASN J 77 20.00 2.97 -37.50
N VAL J 78 19.54 4.19 -37.70
CA VAL J 78 18.17 4.37 -38.12
C VAL J 78 18.19 5.42 -39.20
N ASN J 79 17.56 5.11 -40.34
CA ASN J 79 17.53 6.12 -41.42
C ASN J 79 16.13 6.60 -41.75
N ALA J 80 16.02 7.44 -42.79
CA ALA J 80 14.79 8.09 -43.17
C ALA J 80 14.05 8.58 -41.92
N LEU J 81 14.80 9.34 -41.10
CA LEU J 81 14.30 9.80 -39.81
C LEU J 81 12.97 10.53 -39.94
N LEU J 82 12.04 10.20 -39.06
CA LEU J 82 10.75 10.87 -38.92
C LEU J 82 10.80 11.71 -37.65
N LEU J 83 9.97 12.75 -37.54
CA LEU J 83 9.89 13.53 -36.29
C LEU J 83 9.48 12.64 -35.12
N GLY J 84 8.66 11.65 -35.42
CA GLY J 84 8.22 10.68 -34.44
C GLY J 84 9.30 9.78 -33.89
N ASP J 85 10.51 9.83 -34.47
CA ASP J 85 11.63 9.06 -33.91
C ASP J 85 12.32 9.74 -32.71
N SER J 86 11.84 10.93 -32.34
CA SER J 86 12.40 11.69 -31.24
C SER J 86 12.19 10.97 -29.94
N ALA J 87 13.27 10.68 -29.24
CA ALA J 87 13.22 9.80 -28.08
C ALA J 87 14.55 9.74 -27.34
N LEU J 88 14.49 9.16 -26.13
CA LEU J 88 15.66 8.61 -25.45
C LEU J 88 15.94 7.20 -25.95
N TYR J 89 17.05 7.00 -26.64
CA TYR J 89 17.49 5.67 -27.08
C TYR J 89 18.44 5.07 -26.05
N LEU J 90 18.02 3.95 -25.49
CA LEU J 90 18.67 3.27 -24.41
C LEU J 90 19.28 1.99 -24.89
N CYS J 91 20.48 1.69 -24.45
CA CYS J 91 21.12 0.42 -24.72
C CYS J 91 21.14 -0.32 -23.37
N ALA J 92 20.89 -1.63 -23.38
CA ALA J 92 20.93 -2.40 -22.12
C ALA J 92 21.72 -3.67 -22.29
N SER J 93 22.62 -3.93 -21.34
CA SER J 93 23.43 -5.13 -21.43
C SER J 93 23.06 -6.16 -20.38
N SER J 94 23.25 -7.40 -20.75
CA SER J 94 22.95 -8.52 -19.91
C SER J 94 24.04 -9.58 -20.11
N ASP J 95 24.17 -10.50 -19.16
CA ASP J 95 24.96 -11.72 -19.37
C ASP J 95 23.99 -12.88 -19.73
N THR J 96 24.53 -14.10 -19.72
CA THR J 96 23.82 -15.28 -20.18
C THR J 96 23.76 -16.31 -19.03
N VAL J 97 23.88 -15.81 -17.80
CA VAL J 97 23.66 -16.60 -16.58
C VAL J 97 22.39 -16.08 -15.89
N SER J 98 22.37 -14.79 -15.62
CA SER J 98 21.31 -14.19 -14.85
C SER J 98 20.26 -13.58 -15.78
N TYR J 99 20.69 -13.08 -16.95
CA TYR J 99 19.79 -12.45 -17.95
C TYR J 99 19.15 -11.11 -17.53
N GLU J 100 19.57 -10.51 -16.41
CA GLU J 100 19.04 -9.22 -15.97
C GLU J 100 19.59 -8.13 -16.85
N GLN J 101 18.80 -7.16 -17.24
CA GLN J 101 19.28 -6.12 -18.14
C GLN J 101 19.53 -4.83 -17.37
N TYR J 102 20.71 -4.25 -17.60
CA TYR J 102 21.15 -3.02 -16.96
C TYR J 102 21.33 -1.93 -18.01
N PHE J 103 20.61 -0.84 -17.86
CA PHE J 103 20.57 0.21 -18.88
C PHE J 103 21.73 1.20 -18.81
N GLY J 104 22.10 1.73 -19.96
CA GLY J 104 23.04 2.82 -20.04
C GLY J 104 22.47 4.23 -19.81
N PRO J 105 23.32 5.26 -19.91
CA PRO J 105 22.78 6.61 -20.06
C PRO J 105 22.10 6.64 -21.42
N GLY J 106 21.17 7.50 -21.73
CA GLY J 106 20.63 7.42 -23.09
C GLY J 106 21.50 8.20 -24.09
N THR J 107 21.15 8.06 -25.35
CA THR J 107 21.28 9.11 -26.34
C THR J 107 19.91 9.77 -26.51
N ARG J 108 19.85 11.09 -26.33
CA ARG J 108 18.61 11.83 -26.49
C ARG J 108 18.64 12.39 -27.92
N LEU J 109 17.73 11.83 -28.74
CA LEU J 109 17.64 12.22 -30.12
C LEU J 109 16.41 13.12 -30.32
N THR J 110 16.60 14.22 -31.01
CA THR J 110 15.50 15.08 -31.40
C THR J 110 15.57 15.24 -32.93
N VAL J 111 14.47 14.94 -33.62
CA VAL J 111 14.34 15.11 -35.05
C VAL J 111 13.44 16.30 -35.32
N THR J 112 13.92 17.35 -36.00
CA THR J 112 13.01 18.39 -36.46
C THR J 112 12.92 18.47 -37.94
N GLU J 113 11.95 19.24 -38.40
CA GLU J 113 11.79 19.49 -39.82
C GLU J 113 12.95 20.34 -40.29
N ASP J 114 13.44 21.28 -39.47
CA ASP J 114 14.42 22.21 -39.95
C ASP J 114 15.25 22.75 -38.84
N LEU J 115 16.56 22.86 -39.05
CA LEU J 115 17.45 23.40 -38.01
C LEU J 115 17.10 24.82 -37.59
N LYS J 116 16.41 25.61 -38.42
CA LYS J 116 15.80 26.89 -37.99
C LYS J 116 15.07 26.80 -36.65
N ASN J 117 14.49 25.63 -36.36
CA ASN J 117 13.73 25.45 -35.14
C ASN J 117 14.51 25.49 -33.86
N VAL J 118 15.84 25.30 -33.91
CA VAL J 118 16.62 25.20 -32.66
C VAL J 118 17.11 26.59 -32.21
N PHE J 119 17.04 26.82 -30.91
CA PHE J 119 17.33 28.12 -30.28
C PHE J 119 17.94 27.84 -28.92
N PRO J 120 19.03 28.52 -28.58
CA PRO J 120 19.55 28.36 -27.23
C PRO J 120 18.64 29.06 -26.22
N PRO J 121 18.85 28.82 -24.94
CA PRO J 121 18.09 29.54 -23.93
C PRO J 121 18.53 30.98 -23.78
N GLU J 122 17.56 31.84 -23.50
CA GLU J 122 17.79 33.14 -22.89
C GLU J 122 17.68 33.01 -21.38
N VAL J 123 18.62 33.62 -20.66
CA VAL J 123 18.72 33.41 -19.20
C VAL J 123 18.75 34.68 -18.37
N ALA J 124 17.99 34.66 -17.27
CA ALA J 124 17.94 35.80 -16.37
C ALA J 124 17.77 35.36 -14.94
N VAL J 125 18.36 36.12 -14.03
CA VAL J 125 18.27 35.92 -12.60
C VAL J 125 17.39 37.02 -12.07
N PHE J 126 16.51 36.69 -11.16
CA PHE J 126 15.70 37.66 -10.50
C PHE J 126 16.12 37.68 -9.02
N GLU J 127 16.20 38.89 -8.45
CA GLU J 127 16.82 39.08 -7.13
C GLU J 127 15.79 38.96 -6.04
N PRO J 128 16.19 38.58 -4.82
CA PRO J 128 15.26 38.48 -3.68
C PRO J 128 14.41 39.74 -3.40
N SER J 129 13.13 39.60 -3.06
CA SER J 129 12.41 40.76 -2.54
C SER J 129 12.96 41.17 -1.16
N GLU J 130 12.92 42.48 -0.90
CA GLU J 130 13.24 43.02 0.40
C GLU J 130 12.09 42.60 1.31
N ALA J 131 10.90 42.31 0.75
CA ALA J 131 9.78 41.76 1.53
C ALA J 131 10.08 40.38 2.16
N GLU J 132 10.59 39.49 1.34
CA GLU J 132 10.95 38.18 1.77
C GLU J 132 12.06 38.21 2.84
N ILE J 133 13.06 39.06 2.67
CA ILE J 133 14.15 39.16 3.62
C ILE J 133 13.58 39.56 4.97
N SER J 134 12.69 40.52 4.91
CA SER J 134 12.10 41.08 6.09
C SER J 134 11.27 40.00 6.85
N HIS J 135 10.35 39.35 6.13
CA HIS J 135 9.39 38.41 6.72
C HIS J 135 10.02 37.10 7.22
N THR J 136 11.21 36.78 6.73
CA THR J 136 11.68 35.41 6.67
C THR J 136 13.15 35.24 7.08
N GLN J 137 13.98 36.28 7.02
CA GLN J 137 15.44 36.18 7.20
C GLN J 137 16.15 35.24 6.20
N LYS J 138 15.53 35.12 5.02
CA LYS J 138 16.04 34.31 3.92
C LYS J 138 15.74 35.02 2.63
N ALA J 139 16.50 34.67 1.61
CA ALA J 139 16.43 35.35 0.33
C ALA J 139 16.46 34.32 -0.75
N THR J 140 15.44 34.28 -1.61
CA THR J 140 15.44 33.35 -2.74
C THR J 140 15.75 34.07 -4.07
N LEU J 141 16.74 33.53 -4.78
CA LEU J 141 17.03 33.92 -6.16
C LEU J 141 16.27 32.95 -7.07
N VAL J 142 15.78 33.48 -8.19
CA VAL J 142 15.10 32.69 -9.19
C VAL J 142 15.89 32.85 -10.49
N CYS J 143 16.24 31.74 -11.10
CA CYS J 143 16.70 31.72 -12.46
C CYS J 143 15.58 31.30 -13.39
N LEU J 144 15.58 31.90 -14.57
CA LEU J 144 14.59 31.60 -15.60
C LEU J 144 15.27 31.46 -16.93
N ALA J 145 15.16 30.29 -17.53
CA ALA J 145 15.75 30.01 -18.84
C ALA J 145 14.58 29.92 -19.78
N THR J 146 14.59 30.70 -20.86
CA THR J 146 13.44 30.75 -21.69
C THR J 146 13.79 30.60 -23.14
N GLY J 147 12.81 30.16 -23.91
CA GLY J 147 12.90 30.19 -25.35
C GLY J 147 13.83 29.17 -26.02
N PHE J 148 14.08 28.03 -25.39
CA PHE J 148 15.03 27.10 -25.96
C PHE J 148 14.42 25.90 -26.61
N TYR J 149 15.11 25.35 -27.60
CA TYR J 149 14.67 24.14 -28.27
C TYR J 149 15.86 23.46 -28.98
N PRO J 150 15.96 22.13 -28.90
CA PRO J 150 15.11 21.21 -28.09
C PRO J 150 15.28 21.31 -26.58
N ASP J 151 14.53 20.51 -25.79
CA ASP J 151 14.55 20.66 -24.35
C ASP J 151 15.61 19.88 -23.62
N HIS J 152 16.82 19.90 -24.19
CA HIS J 152 18.01 19.28 -23.62
C HIS J 152 18.89 20.32 -22.93
N VAL J 153 18.82 20.43 -21.61
CA VAL J 153 19.35 21.56 -20.86
C VAL J 153 19.85 21.02 -19.52
N GLU J 154 20.92 21.58 -18.96
CA GLU J 154 21.33 21.26 -17.59
C GLU J 154 21.56 22.57 -16.90
N LEU J 155 20.79 22.84 -15.85
CA LEU J 155 20.86 24.11 -15.17
C LEU J 155 21.59 23.91 -13.82
N SER J 156 22.58 24.74 -13.53
CA SER J 156 23.31 24.71 -12.26
C SER J 156 23.50 26.13 -11.73
N TRP J 157 23.66 26.26 -10.42
CA TRP J 157 23.91 27.54 -9.74
C TRP J 157 25.32 27.58 -9.18
N TRP J 158 25.93 28.75 -9.19
CA TRP J 158 27.30 28.92 -8.74
C TRP J 158 27.36 30.11 -7.80
N VAL J 159 28.00 29.94 -6.63
CA VAL J 159 28.19 31.08 -5.73
C VAL J 159 29.67 31.26 -5.43
N ASN J 160 30.19 32.44 -5.75
CA ASN J 160 31.61 32.73 -5.57
C ASN J 160 32.48 31.70 -6.29
N GLY J 161 32.00 31.18 -7.42
CA GLY J 161 32.76 30.29 -8.28
C GLY J 161 32.68 28.80 -8.01
N LYS J 162 31.92 28.42 -6.98
CA LYS J 162 31.71 27.02 -6.65
C LYS J 162 30.24 26.66 -6.88
N GLU J 163 30.02 25.47 -7.44
CA GLU J 163 28.66 24.99 -7.77
C GLU J 163 27.97 24.50 -6.51
N VAL J 164 26.73 24.92 -6.31
CA VAL J 164 26.00 24.63 -5.08
C VAL J 164 24.75 23.77 -5.30
N HIS J 165 24.26 23.11 -4.24
CA HIS J 165 23.08 22.22 -4.26
C HIS J 165 22.15 22.44 -3.06
N SER J 166 22.68 22.60 -1.86
CA SER J 166 21.82 22.98 -0.73
C SER J 166 21.09 24.25 -1.11
N GLY J 167 19.79 24.27 -0.84
CA GLY J 167 18.97 25.43 -1.10
C GLY J 167 18.45 25.57 -2.53
N VAL J 168 18.71 24.56 -3.36
CA VAL J 168 18.37 24.63 -4.77
C VAL J 168 17.24 23.72 -5.16
N CYS J 169 16.38 24.23 -6.04
CA CYS J 169 15.33 23.46 -6.66
C CYS J 169 15.15 23.90 -8.08
N THR J 170 15.38 22.99 -9.01
CA THR J 170 15.17 23.24 -10.43
C THR J 170 14.00 22.43 -10.91
N ASP J 171 13.12 23.00 -11.73
CA ASP J 171 11.91 22.27 -12.07
C ASP J 171 12.28 20.94 -12.70
N PRO J 172 11.64 19.86 -12.30
CA PRO J 172 11.90 18.60 -13.00
C PRO J 172 11.42 18.54 -14.48
N GLN J 173 10.37 19.27 -14.84
CA GLN J 173 9.87 19.28 -16.23
C GLN J 173 9.75 20.71 -16.77
N PRO J 174 10.32 20.96 -17.97
CA PRO J 174 10.21 22.31 -18.54
C PRO J 174 8.80 22.57 -19.05
N LEU J 175 8.43 23.84 -19.20
CA LEU J 175 7.14 24.21 -19.76
C LEU J 175 7.21 24.46 -21.25
N LYS J 176 6.25 23.96 -22.02
CA LYS J 176 6.10 24.31 -23.42
C LYS J 176 5.55 25.73 -23.54
N GLU J 177 6.28 26.63 -24.21
CA GLU J 177 5.81 27.99 -24.43
C GLU J 177 4.59 28.03 -25.38
N GLN J 178 4.41 27.01 -26.21
CA GLN J 178 3.27 26.91 -27.12
C GLN J 178 2.84 25.43 -27.24
N PRO J 179 2.06 24.96 -26.28
CA PRO J 179 1.63 23.57 -26.11
C PRO J 179 1.17 22.84 -27.35
N ALA J 180 0.39 23.52 -28.20
CA ALA J 180 -0.08 22.92 -29.46
C ALA J 180 1.09 22.37 -30.32
N LEU J 181 2.11 23.21 -30.54
CA LEU J 181 3.19 22.90 -31.48
C LEU J 181 4.13 21.83 -30.97
N ASN J 182 4.55 20.96 -31.87
CA ASN J 182 5.59 19.96 -31.63
C ASN J 182 6.96 20.61 -31.55
N ASP J 183 7.19 21.76 -32.20
CA ASP J 183 8.51 22.45 -32.18
C ASP J 183 8.51 23.67 -31.25
N SER J 184 7.59 23.68 -30.30
CA SER J 184 7.52 24.72 -29.32
C SER J 184 8.82 24.86 -28.61
N ARG J 185 9.12 26.08 -28.26
CA ARG J 185 10.26 26.37 -27.42
C ARG J 185 9.86 26.14 -25.96
N TYR J 186 10.86 26.05 -25.10
CA TYR J 186 10.67 25.66 -23.70
C TYR J 186 11.13 26.71 -22.70
N ALA J 187 10.67 26.56 -21.46
CA ALA J 187 11.10 27.40 -20.32
C ALA J 187 11.32 26.55 -19.09
N LEU J 188 12.18 27.00 -18.19
CA LEU J 188 12.57 26.21 -17.03
C LEU J 188 13.00 27.15 -15.92
N SER J 189 12.58 26.84 -14.70
CA SER J 189 12.82 27.72 -13.59
C SER J 189 13.72 27.03 -12.56
N SER J 190 14.42 27.82 -11.76
CA SER J 190 15.15 27.26 -10.65
C SER J 190 15.22 28.26 -9.52
N ARG J 191 15.31 27.74 -8.31
CA ARG J 191 15.44 28.56 -7.13
C ARG J 191 16.70 28.26 -6.39
N LEU J 192 17.36 29.30 -5.89
CA LEU J 192 18.44 29.16 -4.92
C LEU J 192 18.03 29.97 -3.73
N ARG J 193 18.10 29.41 -2.54
CA ARG J 193 17.71 30.15 -1.34
C ARG J 193 18.81 30.16 -0.27
N VAL J 194 19.06 31.34 0.28
CA VAL J 194 20.17 31.58 1.19
C VAL J 194 19.71 32.45 2.33
N SER J 195 20.55 32.64 3.34
CA SER J 195 20.16 33.51 4.46
C SER J 195 20.22 34.96 3.99
N ALA J 196 19.42 35.82 4.59
CA ALA J 196 19.51 37.23 4.30
C ALA J 196 20.91 37.83 4.55
N THR J 197 21.54 37.47 5.65
CA THR J 197 22.88 37.97 5.92
C THR J 197 23.85 37.55 4.81
N PHE J 198 23.65 36.37 4.23
CA PHE J 198 24.49 35.90 3.12
C PHE J 198 24.29 36.72 1.84
N TRP J 199 23.03 36.95 1.48
CA TRP J 199 22.67 37.79 0.35
C TRP J 199 23.03 39.26 0.57
N GLN J 200 23.03 39.71 1.81
CA GLN J 200 23.36 41.12 2.09
C GLN J 200 24.88 41.46 2.02
N ASP J 201 25.71 40.41 1.98
CA ASP J 201 27.13 40.58 1.90
C ASP J 201 27.41 40.96 0.46
N PRO J 202 27.90 42.20 0.21
CA PRO J 202 28.15 42.53 -1.18
C PRO J 202 29.37 41.86 -1.81
N ARG J 203 30.17 41.06 -1.07
CA ARG J 203 31.18 40.19 -1.69
C ARG J 203 30.55 39.03 -2.41
N ASN J 204 29.40 38.56 -1.96
CA ASN J 204 28.83 37.34 -2.52
C ASN J 204 28.29 37.46 -3.94
N HIS J 205 28.67 36.52 -4.80
CA HIS J 205 28.36 36.57 -6.19
C HIS J 205 27.62 35.28 -6.66
N PHE J 206 26.53 35.48 -7.40
CA PHE J 206 25.60 34.41 -7.71
C PHE J 206 25.43 34.33 -9.19
N ARG J 207 25.51 33.13 -9.74
CA ARG J 207 25.43 32.95 -11.16
C ARG J 207 24.63 31.72 -11.47
N CYS J 208 23.72 31.90 -12.41
CA CYS J 208 22.87 30.85 -12.89
C CYS J 208 23.40 30.46 -14.26
N GLN J 209 23.63 29.18 -14.47
CA GLN J 209 24.30 28.69 -15.64
C GLN J 209 23.46 27.64 -16.30
N VAL J 210 23.17 27.82 -17.59
CA VAL J 210 22.46 26.76 -18.34
C VAL J 210 23.26 26.22 -19.53
N GLN J 211 23.65 24.95 -19.40
CA GLN J 211 24.27 24.21 -20.50
C GLN J 211 23.18 23.81 -21.46
N PHE J 212 23.31 24.26 -22.70
CA PHE J 212 22.42 23.88 -23.77
C PHE J 212 23.12 22.97 -24.73
N TYR J 213 22.44 21.90 -25.15
CA TYR J 213 22.93 20.97 -26.18
C TYR J 213 22.26 21.32 -27.48
N GLY J 214 23.06 21.63 -28.48
CA GLY J 214 22.55 22.24 -29.71
C GLY J 214 23.26 21.67 -30.91
N LEU J 215 23.56 22.53 -31.88
CA LEU J 215 24.17 22.09 -33.14
C LEU J 215 25.67 21.84 -32.94
N SER J 216 26.26 20.98 -33.77
CA SER J 216 27.73 20.82 -33.80
C SER J 216 28.28 21.71 -34.90
N GLU J 217 29.58 21.99 -34.82
CA GLU J 217 30.19 22.86 -35.81
C GLU J 217 30.37 22.21 -37.22
N ASN J 218 29.77 21.01 -37.44
CA ASN J 218 29.61 20.44 -38.81
C ASN J 218 28.16 20.50 -39.36
N ASP J 219 27.29 21.24 -38.69
CA ASP J 219 25.92 21.49 -39.13
C ASP J 219 25.95 22.79 -39.92
N GLU J 220 25.45 22.78 -41.15
CA GLU J 220 25.44 24.03 -41.92
C GLU J 220 24.42 24.98 -41.33
N TRP J 221 24.60 26.27 -41.57
CA TRP J 221 23.76 27.29 -40.96
C TRP J 221 23.70 28.61 -41.76
N THR J 222 22.53 28.92 -42.32
CA THR J 222 22.41 30.08 -43.20
C THR J 222 21.65 31.28 -42.64
N GLN J 223 20.95 31.16 -41.52
CA GLN J 223 20.27 32.33 -40.90
C GLN J 223 21.22 33.45 -40.52
N ASP J 224 20.67 34.63 -40.26
CA ASP J 224 21.46 35.74 -39.77
C ASP J 224 21.62 35.66 -38.26
N ARG J 225 20.59 35.29 -37.52
CA ARG J 225 20.74 34.92 -36.08
C ARG J 225 21.87 33.94 -35.88
N ALA J 226 22.56 34.03 -34.75
CA ALA J 226 23.79 33.28 -34.55
C ALA J 226 23.51 31.77 -34.54
N LYS J 227 24.43 31.00 -35.12
CA LYS J 227 24.33 29.54 -35.14
C LYS J 227 24.08 29.04 -33.69
N PRO J 228 22.99 28.28 -33.46
CA PRO J 228 22.61 27.75 -32.13
C PRO J 228 23.40 26.49 -31.73
N VAL J 229 24.67 26.75 -31.62
CA VAL J 229 25.64 25.79 -31.21
C VAL J 229 25.36 25.42 -29.73
N THR J 230 25.79 24.22 -29.38
CA THR J 230 25.99 23.78 -28.00
C THR J 230 26.84 24.80 -27.28
N GLN J 231 26.32 25.37 -26.21
CA GLN J 231 26.98 26.47 -25.53
C GLN J 231 26.45 26.54 -24.10
N ILE J 232 27.05 27.40 -23.26
CA ILE J 232 26.45 27.71 -21.96
C ILE J 232 26.00 29.18 -21.87
N VAL J 233 24.85 29.42 -21.29
CA VAL J 233 24.35 30.80 -21.15
C VAL J 233 24.09 31.09 -19.67
N SER J 234 24.47 32.28 -19.22
CA SER J 234 24.41 32.64 -17.81
C SER J 234 23.78 34.00 -17.53
N ALA J 235 23.34 34.18 -16.31
CA ALA J 235 23.03 35.50 -15.79
C ALA J 235 23.54 35.46 -14.37
N GLU J 236 23.72 36.62 -13.77
CA GLU J 236 24.27 36.67 -12.44
C GLU J 236 23.69 37.78 -11.62
N ALA J 237 23.94 37.73 -10.33
CA ALA J 237 23.65 38.84 -9.43
C ALA J 237 24.72 38.97 -8.33
N TRP J 238 24.74 40.11 -7.66
CA TRP J 238 25.75 40.40 -6.61
C TRP J 238 24.93 40.72 -5.40
N GLY J 239 25.43 40.35 -4.23
CA GLY J 239 24.76 40.69 -2.97
C GLY J 239 24.72 42.20 -2.79
N ARG J 240 23.72 42.70 -2.03
CA ARG J 240 23.28 44.10 -2.15
C ARG J 240 23.08 44.86 -0.84
N ALA J 241 23.09 46.18 -1.03
CA ALA J 241 23.22 47.19 0.01
C ALA J 241 21.99 47.18 0.89
N ASP J 242 22.23 47.53 2.17
CA ASP J 242 21.35 47.23 3.34
C ASP J 242 20.99 45.74 3.47
#